data_3WCJ
#
_entry.id   3WCJ
#
_cell.length_a   85.332
_cell.length_b   153.624
_cell.length_c   92.115
_cell.angle_alpha   90.00
_cell.angle_beta   90.86
_cell.angle_gamma   90.00
#
_symmetry.space_group_name_H-M   'P 1 21 1'
#
loop_
_entity.id
_entity.type
_entity.pdbx_description
1 polymer 'Squalene synthase'
2 non-polymer (3R)-3-({2-benzyl-6-[(3R,4S)-3-hydroxy-4-methoxypyrrolidin-1-yl]pyridin-3-yl}ethynyl)-1-azabicyclo[2.2.2]octan-3-ol
3 water water
#
_entity_poly.entity_id   1
_entity_poly.type   'polypeptide(L)'
_entity_poly.pdbx_seq_one_letter_code
;MGSSHHHHHHSSGLVPRGSHMDQDSLSSSLKTCYKYLNQTSRSFAAVIQALDGEMRNAVCIFYLVLRALDTLEDDMTISV
EKKVPLLHNFHSFLYQPDWRFMESKEKDRQVLEDFPTISLEFRNLAEKYQTVIADICRRMGIGMAEFLDKHVTSEQEWDK
YCHYVAGLVGIGLSRLFSASEFEDPLVGEDTERANSMGLFLQKTNIIRDYLEDQQGGREFWPQEVWSRYVKKLGDFALPE
NIDLAVQCLNELITNALHHIPDVITYLSRLRNQSVFNFCAIPQVMAIATLAACYNNQQVFKGAVLIRLGQAVTLMMDATN
MPAVKAIIYQYMEEIYHRIPDSNPSSSKTRQIISTIRTQN
;
_entity_poly.pdbx_strand_id   A,B,C,D,E,F
#
# COMPACT_ATOMS: atom_id res chain seq x y z
N LEU A 26 -30.93 -12.72 -9.28
CA LEU A 26 -32.03 -12.14 -10.09
C LEU A 26 -33.33 -12.01 -9.27
N SER A 27 -33.18 -12.06 -7.94
CA SER A 27 -34.32 -11.97 -7.02
C SER A 27 -35.25 -10.79 -7.30
N SER A 28 -36.55 -11.07 -7.40
CA SER A 28 -37.51 -10.00 -7.66
C SER A 28 -37.70 -9.13 -6.41
N SER A 29 -37.57 -9.75 -5.23
CA SER A 29 -37.69 -8.98 -3.99
C SER A 29 -36.49 -8.04 -3.85
N LEU A 30 -35.30 -8.49 -4.23
CA LEU A 30 -34.12 -7.63 -4.14
C LEU A 30 -34.28 -6.53 -5.18
N LYS A 31 -34.85 -6.87 -6.32
CA LYS A 31 -35.07 -5.89 -7.38
C LYS A 31 -35.99 -4.79 -6.80
N THR A 32 -36.99 -5.22 -6.04
CA THR A 32 -37.93 -4.28 -5.43
C THR A 32 -37.28 -3.38 -4.37
N CYS A 33 -36.33 -3.93 -3.63
CA CYS A 33 -35.63 -3.16 -2.60
C CYS A 33 -34.84 -2.00 -3.20
N TYR A 34 -34.15 -2.27 -4.30
CA TYR A 34 -33.37 -1.22 -4.96
C TYR A 34 -34.32 -0.19 -5.57
N LYS A 35 -35.51 -0.65 -5.94
CA LYS A 35 -36.50 0.27 -6.49
C LYS A 35 -36.89 1.19 -5.33
N TYR A 36 -37.16 0.62 -4.16
CA TYR A 36 -37.52 1.43 -3.00
C TYR A 36 -36.37 2.35 -2.59
N LEU A 37 -35.13 1.87 -2.69
CA LEU A 37 -33.98 2.68 -2.32
C LEU A 37 -33.95 3.97 -3.13
N ASN A 38 -34.17 3.86 -4.43
CA ASN A 38 -34.16 5.02 -5.33
C ASN A 38 -35.38 5.93 -5.17
N GLN A 39 -36.49 5.39 -4.70
CA GLN A 39 -37.69 6.20 -4.49
C GLN A 39 -37.56 7.06 -3.24
N THR A 40 -36.80 6.57 -2.26
CA THR A 40 -36.64 7.26 -0.99
C THR A 40 -35.31 7.98 -0.76
N SER A 41 -34.27 7.60 -1.48
CA SER A 41 -32.99 8.26 -1.28
C SER A 41 -32.54 9.08 -2.47
N ARG A 42 -32.57 10.39 -2.28
CA ARG A 42 -32.15 11.32 -3.31
C ARG A 42 -30.64 11.48 -3.33
N SER A 43 -29.99 11.20 -2.20
CA SER A 43 -28.55 11.38 -2.12
C SER A 43 -27.67 10.21 -1.69
N PHE A 44 -28.19 9.00 -1.63
CA PHE A 44 -27.38 7.87 -1.20
C PHE A 44 -27.42 6.63 -2.10
N ALA A 45 -28.50 6.45 -2.84
CA ALA A 45 -28.67 5.32 -3.73
C ALA A 45 -27.45 5.05 -4.62
N ALA A 46 -26.98 6.08 -5.29
CA ALA A 46 -25.84 5.93 -6.19
C ALA A 46 -24.58 5.42 -5.47
N VAL A 47 -24.15 6.06 -4.39
CA VAL A 47 -22.97 5.59 -3.68
C VAL A 47 -23.19 4.25 -3.02
N ILE A 48 -24.43 3.96 -2.61
CA ILE A 48 -24.71 2.66 -2.00
C ILE A 48 -24.57 1.57 -3.07
N GLN A 49 -25.16 1.79 -4.23
CA GLN A 49 -25.08 0.79 -5.30
C GLN A 49 -23.65 0.59 -5.80
N ALA A 50 -22.77 1.56 -5.52
CA ALA A 50 -21.37 1.51 -5.93
C ALA A 50 -20.48 0.73 -4.98
N LEU A 51 -21.01 0.31 -3.83
CA LEU A 51 -20.23 -0.43 -2.84
C LEU A 51 -19.83 -1.82 -3.35
N ASP A 52 -18.59 -2.26 -3.03
CA ASP A 52 -18.11 -3.57 -3.45
C ASP A 52 -18.81 -4.77 -2.80
N GLY A 53 -18.93 -5.85 -3.55
CA GLY A 53 -19.51 -7.09 -3.06
C GLY A 53 -20.70 -7.03 -2.12
N GLU A 54 -20.56 -7.69 -0.97
CA GLU A 54 -21.63 -7.79 0.02
C GLU A 54 -22.10 -6.52 0.69
N MET A 55 -21.26 -5.49 0.75
CA MET A 55 -21.68 -4.26 1.39
C MET A 55 -22.87 -3.64 0.66
N ARG A 56 -22.91 -3.87 -0.65
CA ARG A 56 -23.97 -3.33 -1.49
C ARG A 56 -25.37 -3.65 -0.95
N ASN A 57 -25.72 -4.93 -0.87
CA ASN A 57 -27.03 -5.32 -0.37
C ASN A 57 -27.24 -5.01 1.11
N ALA A 58 -26.21 -5.28 1.91
CA ALA A 58 -26.25 -5.02 3.35
C ALA A 58 -26.58 -3.56 3.67
N VAL A 59 -25.99 -2.63 2.93
CA VAL A 59 -26.21 -1.21 3.18
C VAL A 59 -27.53 -0.73 2.57
N CYS A 60 -27.92 -1.34 1.47
CA CYS A 60 -29.19 -1.00 0.84
C CYS A 60 -30.30 -1.36 1.84
N ILE A 61 -30.29 -2.61 2.31
CA ILE A 61 -31.30 -3.07 3.26
C ILE A 61 -31.28 -2.22 4.53
N PHE A 62 -30.07 -1.97 5.04
CA PHE A 62 -29.90 -1.17 6.24
C PHE A 62 -30.58 0.18 6.02
N TYR A 63 -30.35 0.78 4.87
CA TYR A 63 -30.98 2.06 4.59
C TYR A 63 -32.50 1.95 4.62
N LEU A 64 -33.04 0.92 3.98
CA LEU A 64 -34.48 0.73 3.93
C LEU A 64 -35.14 0.52 5.29
N VAL A 65 -34.57 -0.33 6.14
CA VAL A 65 -35.19 -0.54 7.43
C VAL A 65 -35.16 0.72 8.28
N LEU A 66 -34.10 1.51 8.14
CA LEU A 66 -34.02 2.77 8.90
C LEU A 66 -35.07 3.73 8.35
N ARG A 67 -35.27 3.69 7.05
CA ARG A 67 -36.25 4.56 6.39
C ARG A 67 -37.64 4.25 6.96
N ALA A 68 -37.95 2.98 7.13
CA ALA A 68 -39.24 2.59 7.68
C ALA A 68 -39.38 3.06 9.13
N LEU A 69 -38.37 2.76 9.94
CA LEU A 69 -38.40 3.14 11.34
C LEU A 69 -38.61 4.65 11.44
N ASP A 70 -37.90 5.40 10.61
CA ASP A 70 -38.01 6.86 10.62
C ASP A 70 -39.41 7.34 10.22
N THR A 71 -40.05 6.66 9.28
CA THR A 71 -41.39 7.04 8.86
C THR A 71 -42.34 6.86 10.05
N LEU A 72 -42.16 5.78 10.80
CA LEU A 72 -43.01 5.55 11.97
C LEU A 72 -42.82 6.68 12.96
N GLU A 73 -41.57 7.02 13.24
CA GLU A 73 -41.26 8.10 14.18
C GLU A 73 -41.89 9.44 13.76
N ASP A 74 -41.88 9.73 12.47
CA ASP A 74 -42.42 10.99 11.97
C ASP A 74 -43.93 11.07 11.79
N ASP A 75 -44.61 9.92 11.75
CA ASP A 75 -46.04 9.92 11.54
C ASP A 75 -46.77 10.43 12.80
N MET A 76 -47.27 11.66 12.73
CA MET A 76 -47.98 12.25 13.85
C MET A 76 -49.42 11.76 13.97
N THR A 77 -49.84 10.88 13.07
CA THR A 77 -51.20 10.35 13.14
C THR A 77 -51.19 9.08 14.00
N ILE A 78 -49.99 8.69 14.43
CA ILE A 78 -49.85 7.52 15.31
C ILE A 78 -49.71 8.09 16.72
N SER A 79 -50.62 7.74 17.62
CA SER A 79 -50.56 8.24 18.99
C SER A 79 -49.26 7.81 19.64
N VAL A 80 -48.82 8.55 20.64
CA VAL A 80 -47.59 8.23 21.35
C VAL A 80 -47.63 6.83 21.98
N GLU A 81 -48.77 6.48 22.59
CA GLU A 81 -48.87 5.16 23.25
C GLU A 81 -48.85 4.00 22.27
N LYS A 82 -49.17 4.28 21.02
CA LYS A 82 -49.13 3.22 20.00
C LYS A 82 -47.73 3.22 19.39
N LYS A 83 -47.16 4.42 19.23
CA LYS A 83 -45.84 4.57 18.66
C LYS A 83 -44.69 3.99 19.49
N VAL A 84 -44.73 4.17 20.80
CA VAL A 84 -43.65 3.67 21.63
C VAL A 84 -43.35 2.18 21.40
N PRO A 85 -44.39 1.32 21.37
CA PRO A 85 -44.12 -0.10 21.15
C PRO A 85 -43.56 -0.38 19.75
N LEU A 86 -44.10 0.31 18.74
CA LEU A 86 -43.62 0.13 17.38
C LEU A 86 -42.12 0.45 17.32
N LEU A 87 -41.73 1.59 17.89
CA LEU A 87 -40.33 2.00 17.89
C LEU A 87 -39.50 1.00 18.69
N HIS A 88 -39.98 0.66 19.89
CA HIS A 88 -39.28 -0.29 20.75
C HIS A 88 -39.09 -1.68 20.14
N ASN A 89 -40.12 -2.17 19.47
CA ASN A 89 -40.06 -3.51 18.91
C ASN A 89 -39.76 -3.61 17.41
N PHE A 90 -39.49 -2.48 16.77
CA PHE A 90 -39.20 -2.53 15.34
C PHE A 90 -38.14 -3.58 14.97
N HIS A 91 -37.07 -3.64 15.74
CA HIS A 91 -35.98 -4.59 15.47
C HIS A 91 -36.46 -6.05 15.44
N SER A 92 -37.47 -6.36 16.24
CA SER A 92 -37.97 -7.74 16.25
C SER A 92 -38.80 -7.99 15.00
N PHE A 93 -39.40 -6.93 14.45
CA PHE A 93 -40.22 -7.08 13.25
C PHE A 93 -39.41 -7.60 12.06
N LEU A 94 -38.11 -7.36 12.09
CA LEU A 94 -37.22 -7.81 11.01
C LEU A 94 -37.32 -9.33 10.88
N TYR A 95 -37.64 -9.99 11.97
CA TYR A 95 -37.76 -11.45 11.97
C TYR A 95 -39.21 -11.97 11.93
N GLN A 96 -40.15 -11.08 11.62
CA GLN A 96 -41.56 -11.45 11.51
C GLN A 96 -41.90 -11.28 10.03
N PRO A 97 -41.81 -12.37 9.24
CA PRO A 97 -42.07 -12.42 7.79
C PRO A 97 -43.30 -11.72 7.27
N ASP A 98 -44.37 -11.70 8.06
CA ASP A 98 -45.61 -11.07 7.60
C ASP A 98 -45.88 -9.69 8.18
N TRP A 99 -45.02 -9.22 9.08
CA TRP A 99 -45.22 -7.92 9.67
C TRP A 99 -45.16 -6.77 8.69
N ARG A 100 -46.09 -5.83 8.86
CA ARG A 100 -46.12 -4.62 8.05
C ARG A 100 -47.06 -3.63 8.71
N PHE A 101 -47.04 -2.39 8.23
CA PHE A 101 -47.87 -1.35 8.81
C PHE A 101 -48.64 -0.68 7.68
N MET A 102 -49.96 -0.73 7.78
CA MET A 102 -50.83 -0.17 6.75
C MET A 102 -51.54 1.13 7.12
N GLU A 103 -51.26 1.69 8.29
CA GLU A 103 -51.95 2.92 8.69
C GLU A 103 -51.13 4.19 8.65
N SER A 104 -50.09 4.24 7.83
CA SER A 104 -49.29 5.45 7.76
C SER A 104 -49.76 6.37 6.66
N LYS A 105 -49.59 7.68 6.86
CA LYS A 105 -49.98 8.67 5.87
C LYS A 105 -48.73 9.36 5.31
N GLU A 106 -47.57 8.95 5.81
CA GLU A 106 -46.32 9.54 5.35
C GLU A 106 -46.03 9.20 3.89
N LYS A 107 -45.27 10.06 3.24
CA LYS A 107 -44.91 9.92 1.83
C LYS A 107 -44.08 8.69 1.46
N ASP A 108 -43.34 8.13 2.40
CA ASP A 108 -42.51 6.96 2.12
C ASP A 108 -43.11 5.70 2.72
N ARG A 109 -44.41 5.71 2.96
CA ARG A 109 -45.07 4.57 3.59
C ARG A 109 -45.05 3.24 2.83
N GLN A 110 -44.64 3.28 1.57
CA GLN A 110 -44.57 2.05 0.80
C GLN A 110 -43.60 1.04 1.45
N VAL A 111 -42.50 1.51 2.02
CA VAL A 111 -41.56 0.58 2.64
C VAL A 111 -42.16 -0.06 3.89
N LEU A 112 -43.14 0.59 4.49
CA LEU A 112 -43.80 0.03 5.67
C LEU A 112 -44.90 -0.94 5.24
N GLU A 113 -45.59 -0.61 4.17
CA GLU A 113 -46.68 -1.45 3.71
C GLU A 113 -46.18 -2.70 2.99
N ASP A 114 -44.97 -2.61 2.45
CA ASP A 114 -44.37 -3.76 1.78
C ASP A 114 -43.11 -4.17 2.54
N PHE A 115 -43.15 -4.01 3.86
CA PHE A 115 -42.02 -4.36 4.70
C PHE A 115 -41.61 -5.84 4.56
N PRO A 116 -42.58 -6.76 4.38
CA PRO A 116 -42.19 -8.16 4.25
C PRO A 116 -41.14 -8.37 3.15
N THR A 117 -41.28 -7.67 2.03
CA THR A 117 -40.32 -7.81 0.95
C THR A 117 -38.94 -7.36 1.44
N ILE A 118 -38.91 -6.30 2.23
CA ILE A 118 -37.66 -5.79 2.78
C ILE A 118 -37.08 -6.69 3.88
N SER A 119 -37.92 -7.19 4.78
CA SER A 119 -37.45 -8.04 5.86
C SER A 119 -36.94 -9.36 5.30
N LEU A 120 -37.50 -9.79 4.16
CA LEU A 120 -37.09 -11.02 3.50
C LEU A 120 -35.63 -10.90 3.03
N GLU A 121 -35.32 -9.80 2.35
CA GLU A 121 -33.95 -9.61 1.89
C GLU A 121 -33.04 -9.40 3.10
N PHE A 122 -33.60 -8.86 4.18
CA PHE A 122 -32.80 -8.67 5.38
C PHE A 122 -32.37 -10.03 5.90
N ARG A 123 -33.32 -10.96 5.94
CA ARG A 123 -33.04 -12.30 6.43
C ARG A 123 -32.17 -13.09 5.45
N ASN A 124 -31.97 -12.57 4.25
CA ASN A 124 -31.11 -13.25 3.29
C ASN A 124 -29.66 -12.81 3.46
N LEU A 125 -29.45 -11.68 4.15
CA LEU A 125 -28.10 -11.17 4.38
C LEU A 125 -27.35 -12.12 5.30
N ALA A 126 -26.03 -12.12 5.21
CA ALA A 126 -25.21 -12.96 6.08
C ALA A 126 -25.51 -12.55 7.51
N GLU A 127 -25.45 -13.52 8.41
CA GLU A 127 -25.72 -13.33 9.83
C GLU A 127 -24.92 -12.17 10.43
N LYS A 128 -23.66 -12.03 10.04
CA LYS A 128 -22.84 -10.96 10.59
C LYS A 128 -23.43 -9.58 10.27
N TYR A 129 -24.10 -9.45 9.13
CA TYR A 129 -24.69 -8.15 8.81
C TYR A 129 -26.01 -7.96 9.55
N GLN A 130 -26.81 -9.03 9.61
CA GLN A 130 -28.10 -9.00 10.30
C GLN A 130 -27.97 -8.53 11.74
N THR A 131 -26.97 -9.07 12.42
CA THR A 131 -26.69 -8.73 13.81
C THR A 131 -26.42 -7.24 14.04
N VAL A 132 -25.65 -6.62 13.15
CA VAL A 132 -25.33 -5.20 13.29
C VAL A 132 -26.57 -4.34 13.00
N ILE A 133 -27.29 -4.66 11.94
CA ILE A 133 -28.48 -3.90 11.58
C ILE A 133 -29.56 -3.99 12.67
N ALA A 134 -29.84 -5.19 13.14
CA ALA A 134 -30.86 -5.38 14.19
C ALA A 134 -30.48 -4.62 15.45
N ASP A 135 -29.22 -4.69 15.84
CA ASP A 135 -28.73 -3.99 17.05
C ASP A 135 -28.92 -2.48 16.97
N ILE A 136 -28.67 -1.90 15.79
CA ILE A 136 -28.83 -0.46 15.62
C ILE A 136 -30.32 -0.09 15.59
N CYS A 137 -31.16 -0.93 15.01
CA CYS A 137 -32.58 -0.65 15.00
C CYS A 137 -33.11 -0.71 16.44
N ARG A 138 -32.67 -1.72 17.20
CA ARG A 138 -33.10 -1.86 18.58
C ARG A 138 -32.76 -0.60 19.37
N ARG A 139 -31.48 -0.22 19.35
CA ARG A 139 -31.01 0.96 20.08
C ARG A 139 -31.64 2.26 19.58
N MET A 140 -31.81 2.40 18.26
CA MET A 140 -32.40 3.62 17.73
C MET A 140 -33.87 3.71 18.13
N GLY A 141 -34.52 2.54 18.18
CA GLY A 141 -35.92 2.49 18.56
C GLY A 141 -36.11 3.08 19.94
N ILE A 142 -35.27 2.67 20.87
CA ILE A 142 -35.35 3.18 22.24
C ILE A 142 -35.11 4.69 22.30
N GLY A 143 -34.12 5.16 21.54
CA GLY A 143 -33.81 6.58 21.56
C GLY A 143 -34.92 7.43 20.99
N MET A 144 -35.47 7.05 19.84
CA MET A 144 -36.56 7.82 19.24
C MET A 144 -37.75 7.89 20.20
N ALA A 145 -38.09 6.75 20.79
CA ALA A 145 -39.21 6.69 21.72
C ALA A 145 -38.97 7.67 22.87
N GLU A 146 -37.75 7.67 23.41
CA GLU A 146 -37.38 8.56 24.51
C GLU A 146 -37.64 10.04 24.23
N PHE A 147 -37.45 10.45 22.97
CA PHE A 147 -37.64 11.85 22.59
C PHE A 147 -39.02 12.22 22.08
N LEU A 148 -39.96 11.28 22.08
CA LEU A 148 -41.30 11.58 21.58
C LEU A 148 -42.01 12.62 22.45
N ASP A 149 -41.80 12.55 23.75
CA ASP A 149 -42.46 13.48 24.66
C ASP A 149 -41.64 14.71 25.01
N LYS A 150 -40.72 15.12 24.14
CA LYS A 150 -39.92 16.28 24.44
C LYS A 150 -39.13 16.83 23.27
N HIS A 151 -38.70 18.08 23.42
CA HIS A 151 -37.90 18.76 22.42
C HIS A 151 -36.47 18.77 22.93
N VAL A 152 -35.52 18.92 22.02
CA VAL A 152 -34.12 18.96 22.41
C VAL A 152 -33.87 20.24 23.20
N THR A 153 -33.32 20.10 24.39
CA THR A 153 -33.05 21.25 25.24
C THR A 153 -31.61 21.74 25.10
N SER A 154 -30.70 21.11 25.83
CA SER A 154 -29.30 21.50 25.82
C SER A 154 -28.56 20.95 24.61
N GLU A 155 -27.34 21.45 24.41
CA GLU A 155 -26.51 21.00 23.30
C GLU A 155 -26.10 19.56 23.56
N GLN A 156 -26.03 19.18 24.83
CA GLN A 156 -25.69 17.80 25.18
C GLN A 156 -26.82 16.88 24.71
N GLU A 157 -28.05 17.37 24.85
CA GLU A 157 -29.23 16.63 24.44
C GLU A 157 -29.30 16.56 22.92
N TRP A 158 -28.80 17.61 22.27
CA TRP A 158 -28.81 17.66 20.81
C TRP A 158 -27.92 16.53 20.30
N ASP A 159 -26.78 16.36 20.95
CA ASP A 159 -25.85 15.30 20.57
C ASP A 159 -26.46 13.92 20.78
N LYS A 160 -27.18 13.76 21.89
CA LYS A 160 -27.78 12.47 22.22
C LYS A 160 -28.86 12.11 21.21
N TYR A 161 -29.67 13.09 20.83
CA TYR A 161 -30.71 12.83 19.85
C TYR A 161 -30.09 12.53 18.49
N CYS A 162 -29.08 13.31 18.11
CA CYS A 162 -28.41 13.09 16.82
C CYS A 162 -27.67 11.74 16.85
N HIS A 163 -27.24 11.33 18.05
CA HIS A 163 -26.55 10.05 18.21
C HIS A 163 -27.52 8.90 17.92
N TYR A 164 -28.74 9.02 18.45
CA TYR A 164 -29.77 7.99 18.28
C TYR A 164 -30.22 7.80 16.84
N VAL A 165 -30.39 8.90 16.12
CA VAL A 165 -30.88 8.80 14.74
C VAL A 165 -29.83 8.81 13.63
N ALA A 166 -28.58 9.13 13.97
CA ALA A 166 -27.52 9.19 12.96
C ALA A 166 -26.16 8.70 13.46
N GLY A 167 -25.80 9.06 14.69
CA GLY A 167 -24.53 8.63 15.23
C GLY A 167 -24.46 7.11 15.21
N LEU A 168 -25.55 6.46 15.60
CA LEU A 168 -25.61 5.00 15.62
C LEU A 168 -25.53 4.41 14.22
N VAL A 169 -25.94 5.18 13.22
CA VAL A 169 -25.90 4.72 11.85
C VAL A 169 -24.47 4.75 11.34
N GLY A 170 -23.73 5.80 11.71
CA GLY A 170 -22.35 5.89 11.31
C GLY A 170 -21.62 4.71 11.94
N ILE A 171 -21.97 4.41 13.20
CA ILE A 171 -21.37 3.29 13.92
C ILE A 171 -21.79 1.97 13.25
N GLY A 172 -23.07 1.86 12.91
CA GLY A 172 -23.55 0.64 12.27
C GLY A 172 -22.86 0.42 10.92
N LEU A 173 -22.77 1.48 10.13
CA LEU A 173 -22.14 1.38 8.83
C LEU A 173 -20.68 0.92 8.95
N SER A 174 -19.97 1.48 9.92
CA SER A 174 -18.57 1.14 10.13
C SER A 174 -18.44 -0.34 10.44
N ARG A 175 -19.33 -0.85 11.28
CA ARG A 175 -19.29 -2.26 11.64
C ARG A 175 -19.56 -3.12 10.42
N LEU A 176 -20.44 -2.66 9.54
CA LEU A 176 -20.74 -3.40 8.32
C LEU A 176 -19.49 -3.46 7.43
N PHE A 177 -18.77 -2.34 7.31
CA PHE A 177 -17.56 -2.32 6.49
C PHE A 177 -16.54 -3.34 7.01
N SER A 178 -16.29 -3.31 8.31
CA SER A 178 -15.32 -4.23 8.90
C SER A 178 -15.78 -5.69 8.78
N ALA A 179 -17.06 -5.94 9.06
CA ALA A 179 -17.60 -7.30 8.96
C ALA A 179 -17.42 -7.88 7.56
N SER A 180 -17.48 -7.02 6.54
CA SER A 180 -17.31 -7.50 5.16
C SER A 180 -15.83 -7.75 4.83
N GLU A 181 -14.93 -7.32 5.72
CA GLU A 181 -13.48 -7.48 5.52
C GLU A 181 -12.97 -6.50 4.45
N PHE A 182 -13.86 -5.73 3.83
CA PHE A 182 -13.41 -4.76 2.83
C PHE A 182 -12.66 -3.64 3.54
N GLU A 183 -12.95 -3.47 4.83
CA GLU A 183 -12.26 -2.48 5.64
C GLU A 183 -11.65 -3.16 6.85
N ASP A 184 -10.55 -2.60 7.30
CA ASP A 184 -9.82 -3.10 8.46
C ASP A 184 -10.76 -3.11 9.68
N PRO A 185 -10.48 -4.00 10.65
CA PRO A 185 -11.37 -4.03 11.83
C PRO A 185 -11.30 -2.75 12.67
N LEU A 186 -10.20 -2.00 12.54
CA LEU A 186 -10.06 -0.76 13.29
C LEU A 186 -11.19 0.22 12.93
N VAL A 187 -11.75 0.11 11.73
CA VAL A 187 -12.83 1.00 11.30
C VAL A 187 -14.10 0.80 12.13
N GLY A 188 -14.58 -0.44 12.23
CA GLY A 188 -15.76 -0.69 13.03
C GLY A 188 -15.48 -0.47 14.51
N GLU A 189 -14.23 -0.61 14.93
CA GLU A 189 -13.92 -0.45 16.34
C GLU A 189 -13.97 1.00 16.85
N ASP A 190 -13.72 1.97 15.96
CA ASP A 190 -13.74 3.37 16.37
C ASP A 190 -15.15 3.94 16.41
N THR A 191 -15.89 3.65 17.47
CA THR A 191 -17.26 4.13 17.59
C THR A 191 -17.35 5.63 17.79
N GLU A 192 -16.38 6.21 18.49
CA GLU A 192 -16.38 7.64 18.74
C GLU A 192 -16.40 8.47 17.45
N ARG A 193 -15.46 8.21 16.55
CA ARG A 193 -15.42 8.96 15.32
C ARG A 193 -16.52 8.56 14.34
N ALA A 194 -16.94 7.29 14.40
CA ALA A 194 -18.01 6.83 13.52
C ALA A 194 -19.25 7.65 13.91
N ASN A 195 -19.43 7.82 15.22
CA ASN A 195 -20.54 8.57 15.78
C ASN A 195 -20.50 10.02 15.32
N SER A 196 -19.31 10.61 15.27
CA SER A 196 -19.18 12.00 14.83
C SER A 196 -19.58 12.15 13.36
N MET A 197 -19.28 11.14 12.56
CA MET A 197 -19.64 11.12 11.15
C MET A 197 -21.16 11.33 11.03
N GLY A 198 -21.91 10.65 11.90
CA GLY A 198 -23.36 10.76 11.89
C GLY A 198 -23.87 12.08 12.43
N LEU A 199 -23.37 12.48 13.60
CA LEU A 199 -23.79 13.75 14.18
C LEU A 199 -23.58 14.90 13.21
N PHE A 200 -22.46 14.88 12.49
CA PHE A 200 -22.18 15.95 11.55
C PHE A 200 -23.22 16.06 10.45
N LEU A 201 -23.57 14.95 9.82
CA LEU A 201 -24.57 14.97 8.76
C LEU A 201 -25.94 15.41 9.32
N GLN A 202 -26.31 14.83 10.47
CA GLN A 202 -27.60 15.14 11.07
C GLN A 202 -27.73 16.62 11.49
N LYS A 203 -26.73 17.14 12.19
CA LYS A 203 -26.79 18.55 12.60
C LYS A 203 -26.89 19.45 11.38
N THR A 204 -26.13 19.13 10.35
CA THR A 204 -26.15 19.91 9.12
C THR A 204 -27.56 19.93 8.52
N ASN A 205 -28.18 18.75 8.37
CA ASN A 205 -29.52 18.69 7.82
C ASN A 205 -30.52 19.44 8.69
N ILE A 206 -30.39 19.31 10.01
CA ILE A 206 -31.28 20.00 10.94
C ILE A 206 -31.15 21.51 10.84
N ILE A 207 -29.93 21.96 10.62
CA ILE A 207 -29.67 23.38 10.47
C ILE A 207 -30.33 23.86 9.17
N ARG A 208 -29.98 23.19 8.06
CA ARG A 208 -30.50 23.50 6.74
C ARG A 208 -32.02 23.51 6.66
N ASP A 209 -32.65 22.49 7.23
CA ASP A 209 -34.10 22.32 7.20
C ASP A 209 -34.93 23.07 8.23
N TYR A 210 -34.37 24.12 8.82
CA TYR A 210 -35.12 24.88 9.81
C TYR A 210 -36.57 25.14 9.39
N LEU A 211 -36.75 25.90 8.32
CA LEU A 211 -38.06 26.27 7.81
C LEU A 211 -38.96 25.08 7.52
N GLU A 212 -38.45 24.14 6.74
CA GLU A 212 -39.20 22.96 6.37
C GLU A 212 -39.69 22.18 7.59
N ASP A 213 -38.92 22.23 8.69
CA ASP A 213 -39.30 21.53 9.91
C ASP A 213 -40.30 22.34 10.72
N GLN A 214 -40.14 23.66 10.70
CA GLN A 214 -41.03 24.56 11.45
C GLN A 214 -42.44 24.49 10.87
N GLN A 215 -42.53 24.49 9.54
CA GLN A 215 -43.81 24.42 8.87
C GLN A 215 -44.45 23.04 9.02
N GLY A 216 -43.67 22.08 9.51
CA GLY A 216 -44.18 20.74 9.68
C GLY A 216 -44.52 20.45 11.13
N GLY A 217 -44.33 21.44 12.00
CA GLY A 217 -44.63 21.25 13.40
C GLY A 217 -43.55 20.45 14.12
N ARG A 218 -42.35 20.41 13.55
CA ARG A 218 -41.24 19.68 14.16
C ARG A 218 -40.12 20.66 14.57
N GLU A 219 -39.66 20.57 15.81
CA GLU A 219 -38.59 21.43 16.29
C GLU A 219 -37.38 20.61 16.71
N PHE A 220 -36.23 20.92 16.10
CA PHE A 220 -35.00 20.20 16.37
C PHE A 220 -33.85 21.08 16.90
N TRP A 221 -33.88 22.37 16.59
CA TRP A 221 -32.85 23.30 17.08
C TRP A 221 -32.92 23.29 18.61
N PRO A 222 -31.78 23.06 19.28
CA PRO A 222 -31.74 23.01 20.75
C PRO A 222 -32.25 24.27 21.46
N GLN A 223 -33.25 24.06 22.31
CA GLN A 223 -33.90 25.13 23.06
C GLN A 223 -32.96 26.02 23.87
N GLU A 224 -32.01 25.41 24.58
CA GLU A 224 -31.09 26.21 25.38
C GLU A 224 -30.24 27.14 24.54
N VAL A 225 -30.30 26.96 23.22
CA VAL A 225 -29.56 27.82 22.31
C VAL A 225 -30.46 28.87 21.68
N TRP A 226 -31.56 28.44 21.07
CA TRP A 226 -32.44 29.41 20.43
C TRP A 226 -33.21 30.30 21.41
N SER A 227 -33.41 29.83 22.63
CA SER A 227 -34.15 30.64 23.61
C SER A 227 -33.36 31.85 24.07
N ARG A 228 -32.11 31.94 23.64
CA ARG A 228 -31.27 33.09 24.02
C ARG A 228 -31.41 34.18 22.97
N TYR A 229 -32.13 33.89 21.91
CA TYR A 229 -32.34 34.83 20.84
C TYR A 229 -33.81 35.20 20.72
N VAL A 230 -34.68 34.20 20.86
CA VAL A 230 -36.11 34.43 20.73
C VAL A 230 -36.96 33.70 21.78
N LYS A 231 -38.23 34.10 21.86
CA LYS A 231 -39.17 33.52 22.81
C LYS A 231 -39.64 32.17 22.28
N LYS A 232 -39.86 32.09 20.98
CA LYS A 232 -40.32 30.88 20.33
C LYS A 232 -39.46 30.58 19.10
N LEU A 233 -39.07 29.32 18.93
CA LEU A 233 -38.24 28.92 17.81
C LEU A 233 -38.87 29.36 16.48
N GLY A 234 -40.19 29.42 16.46
CA GLY A 234 -40.88 29.83 15.25
C GLY A 234 -40.71 31.30 14.96
N ASP A 235 -40.18 32.05 15.92
CA ASP A 235 -40.00 33.47 15.70
C ASP A 235 -38.90 33.75 14.68
N PHE A 236 -38.01 32.78 14.47
CA PHE A 236 -36.93 32.97 13.50
C PHE A 236 -37.52 33.02 12.10
N ALA A 237 -38.75 32.55 11.96
CA ALA A 237 -39.43 32.55 10.67
C ALA A 237 -39.95 33.96 10.36
N LEU A 238 -39.92 34.83 11.39
CA LEU A 238 -40.37 36.24 11.36
C LEU A 238 -39.27 37.19 10.86
N PRO A 239 -39.53 37.87 9.72
CA PRO A 239 -38.58 38.82 9.10
C PRO A 239 -37.90 39.83 10.04
N GLU A 240 -38.63 40.31 11.02
CA GLU A 240 -38.10 41.28 11.98
C GLU A 240 -37.08 40.68 12.95
N ASN A 241 -36.88 39.37 12.88
CA ASN A 241 -35.93 38.72 13.77
C ASN A 241 -34.80 38.10 12.97
N ILE A 242 -34.77 38.40 11.68
CA ILE A 242 -33.76 37.87 10.78
C ILE A 242 -32.35 37.94 11.36
N ASP A 243 -32.02 39.08 11.96
CA ASP A 243 -30.69 39.28 12.54
C ASP A 243 -30.42 38.31 13.69
N LEU A 244 -31.37 38.17 14.60
CA LEU A 244 -31.21 37.25 15.73
C LEU A 244 -31.20 35.82 15.21
N ALA A 245 -31.86 35.61 14.08
CA ALA A 245 -31.94 34.28 13.47
C ALA A 245 -30.59 33.86 12.87
N VAL A 246 -29.98 34.77 12.11
CA VAL A 246 -28.69 34.47 11.49
C VAL A 246 -27.63 34.21 12.54
N GLN A 247 -27.73 34.90 13.68
CA GLN A 247 -26.77 34.71 14.76
C GLN A 247 -26.89 33.32 15.37
N CYS A 248 -28.12 32.86 15.55
CA CYS A 248 -28.35 31.54 16.12
C CYS A 248 -27.87 30.53 15.10
N LEU A 249 -28.19 30.79 13.83
CA LEU A 249 -27.77 29.95 12.72
C LEU A 249 -26.24 29.79 12.78
N ASN A 250 -25.53 30.90 12.91
CA ASN A 250 -24.06 30.84 12.96
C ASN A 250 -23.55 30.11 14.21
N GLU A 251 -24.27 30.19 15.32
CA GLU A 251 -23.82 29.50 16.52
C GLU A 251 -23.97 27.99 16.34
N LEU A 252 -25.06 27.58 15.72
CA LEU A 252 -25.29 26.15 15.51
C LEU A 252 -24.27 25.60 14.52
N ILE A 253 -23.98 26.36 13.47
CA ILE A 253 -23.01 25.93 12.48
C ILE A 253 -21.64 25.78 13.15
N THR A 254 -21.30 26.72 14.01
CA THR A 254 -20.02 26.67 14.70
C THR A 254 -19.95 25.37 15.49
N ASN A 255 -21.07 25.02 16.13
CA ASN A 255 -21.16 23.79 16.91
C ASN A 255 -20.87 22.59 16.00
N ALA A 256 -21.57 22.54 14.87
CA ALA A 256 -21.41 21.45 13.91
C ALA A 256 -19.99 21.32 13.37
N LEU A 257 -19.31 22.45 13.17
CA LEU A 257 -17.96 22.42 12.63
C LEU A 257 -16.99 21.62 13.51
N HIS A 258 -17.30 21.53 14.80
CA HIS A 258 -16.45 20.79 15.75
C HIS A 258 -16.30 19.31 15.47
N HIS A 259 -17.13 18.74 14.60
CA HIS A 259 -17.01 17.32 14.28
C HIS A 259 -16.05 17.07 13.11
N ILE A 260 -15.71 18.11 12.36
CA ILE A 260 -14.84 17.92 11.20
C ILE A 260 -13.50 17.24 11.48
N PRO A 261 -12.84 17.55 12.61
CA PRO A 261 -11.56 16.86 12.85
C PRO A 261 -11.77 15.33 12.85
N ASP A 262 -12.81 14.88 13.56
CA ASP A 262 -13.13 13.45 13.61
C ASP A 262 -13.50 12.94 12.23
N VAL A 263 -14.18 13.75 11.44
CA VAL A 263 -14.55 13.31 10.09
C VAL A 263 -13.28 13.06 9.30
N ILE A 264 -12.35 14.00 9.36
CA ILE A 264 -11.10 13.85 8.62
C ILE A 264 -10.31 12.63 9.12
N THR A 265 -10.24 12.44 10.43
CA THR A 265 -9.55 11.30 11.03
C THR A 265 -10.21 10.01 10.57
N TYR A 266 -11.53 9.95 10.65
CA TYR A 266 -12.27 8.76 10.24
C TYR A 266 -12.04 8.45 8.76
N LEU A 267 -12.10 9.47 7.91
CA LEU A 267 -11.91 9.22 6.47
C LEU A 267 -10.48 8.80 6.13
N SER A 268 -9.50 9.30 6.87
CA SER A 268 -8.11 8.95 6.60
C SER A 268 -7.81 7.47 6.84
N ARG A 269 -8.60 6.83 7.70
CA ARG A 269 -8.38 5.42 8.02
C ARG A 269 -8.81 4.44 6.90
N LEU A 270 -9.85 4.82 6.15
CA LEU A 270 -10.40 3.98 5.08
C LEU A 270 -9.41 3.54 4.01
N ARG A 271 -9.56 2.30 3.53
CA ARG A 271 -8.67 1.77 2.52
C ARG A 271 -9.35 1.29 1.26
N ASN A 272 -10.65 1.00 1.34
CA ASN A 272 -11.40 0.54 0.16
C ASN A 272 -12.02 1.74 -0.59
N GLN A 273 -11.72 1.87 -1.87
CA GLN A 273 -12.22 2.99 -2.67
C GLN A 273 -13.75 3.16 -2.67
N SER A 274 -14.52 2.08 -2.79
CA SER A 274 -15.97 2.22 -2.80
C SER A 274 -16.48 2.75 -1.47
N VAL A 275 -15.89 2.28 -0.37
CA VAL A 275 -16.30 2.74 0.96
C VAL A 275 -15.90 4.21 1.15
N PHE A 276 -14.71 4.57 0.68
CA PHE A 276 -14.23 5.94 0.81
C PHE A 276 -15.19 6.91 0.15
N ASN A 277 -15.56 6.63 -1.09
CA ASN A 277 -16.49 7.49 -1.83
C ASN A 277 -17.81 7.60 -1.07
N PHE A 278 -18.32 6.45 -0.62
CA PHE A 278 -19.58 6.40 0.11
C PHE A 278 -19.57 7.31 1.35
N CYS A 279 -18.48 7.27 2.12
CA CYS A 279 -18.38 8.07 3.34
C CYS A 279 -17.98 9.52 3.11
N ALA A 280 -16.99 9.72 2.24
CA ALA A 280 -16.48 11.06 1.97
C ALA A 280 -17.42 12.00 1.22
N ILE A 281 -18.04 11.52 0.16
CA ILE A 281 -18.90 12.39 -0.61
C ILE A 281 -20.04 13.03 0.15
N PRO A 282 -20.79 12.25 0.95
CA PRO A 282 -21.88 12.87 1.71
C PRO A 282 -21.39 13.90 2.75
N GLN A 283 -20.24 13.62 3.37
CA GLN A 283 -19.66 14.53 4.37
C GLN A 283 -19.26 15.84 3.71
N VAL A 284 -18.63 15.74 2.55
CA VAL A 284 -18.19 16.91 1.80
C VAL A 284 -19.39 17.75 1.33
N MET A 285 -20.49 17.09 0.97
CA MET A 285 -21.69 17.80 0.54
C MET A 285 -22.29 18.53 1.74
N ALA A 286 -22.16 17.94 2.92
CA ALA A 286 -22.70 18.55 4.14
C ALA A 286 -21.84 19.77 4.46
N ILE A 287 -20.53 19.63 4.30
CA ILE A 287 -19.62 20.73 4.56
C ILE A 287 -19.93 21.88 3.60
N ALA A 288 -20.20 21.54 2.35
CA ALA A 288 -20.52 22.55 1.34
C ALA A 288 -21.82 23.25 1.72
N THR A 289 -22.73 22.49 2.33
CA THR A 289 -24.02 23.04 2.74
C THR A 289 -23.88 24.05 3.87
N LEU A 290 -23.11 23.71 4.91
CA LEU A 290 -22.92 24.62 6.04
C LEU A 290 -22.29 25.92 5.55
N ALA A 291 -21.33 25.81 4.64
CA ALA A 291 -20.65 26.98 4.09
C ALA A 291 -21.65 27.88 3.37
N ALA A 292 -22.59 27.24 2.67
CA ALA A 292 -23.61 27.96 1.93
C ALA A 292 -24.61 28.61 2.89
N CYS A 293 -24.86 27.95 4.01
CA CYS A 293 -25.79 28.46 5.01
C CYS A 293 -25.19 29.46 5.98
N TYR A 294 -23.88 29.42 6.16
CA TYR A 294 -23.26 30.31 7.12
C TYR A 294 -23.61 31.77 6.90
N ASN A 295 -24.07 32.44 7.95
CA ASN A 295 -24.43 33.84 7.88
C ASN A 295 -25.29 34.09 6.66
N ASN A 296 -26.20 33.16 6.36
CA ASN A 296 -27.06 33.29 5.19
C ASN A 296 -28.54 33.44 5.55
N GLN A 297 -29.08 34.63 5.32
CA GLN A 297 -30.49 34.92 5.63
C GLN A 297 -31.46 33.98 4.93
N GLN A 298 -31.08 33.51 3.76
CA GLN A 298 -31.93 32.63 2.95
C GLN A 298 -32.35 31.34 3.66
N VAL A 299 -31.63 30.97 4.72
CA VAL A 299 -31.96 29.76 5.46
C VAL A 299 -33.36 29.87 6.05
N PHE A 300 -33.76 31.09 6.37
CA PHE A 300 -35.06 31.34 6.98
C PHE A 300 -36.14 31.75 5.98
N LYS A 301 -35.85 31.61 4.70
CA LYS A 301 -36.81 31.95 3.66
C LYS A 301 -36.96 30.83 2.63
N GLY A 302 -36.38 29.67 2.92
CA GLY A 302 -36.46 28.55 2.00
C GLY A 302 -35.20 27.72 2.01
N ALA A 303 -35.02 26.89 0.98
CA ALA A 303 -33.83 26.03 0.89
C ALA A 303 -32.63 26.79 0.34
N VAL A 304 -31.44 26.19 0.48
CA VAL A 304 -30.21 26.83 0.01
C VAL A 304 -29.46 26.03 -1.05
N LEU A 305 -28.90 26.75 -2.01
CA LEU A 305 -28.17 26.15 -3.12
C LEU A 305 -26.68 25.91 -2.98
N ILE A 306 -26.30 24.64 -3.07
CA ILE A 306 -24.89 24.29 -3.05
C ILE A 306 -24.49 24.61 -4.47
N ARG A 307 -23.60 25.59 -4.59
CA ARG A 307 -23.07 26.02 -5.86
C ARG A 307 -21.56 25.83 -5.66
N LEU A 308 -21.00 26.66 -4.78
CA LEU A 308 -19.60 26.63 -4.32
C LEU A 308 -18.44 26.21 -5.27
N GLY A 309 -17.20 26.41 -4.82
CA GLY A 309 -16.04 26.06 -5.64
C GLY A 309 -15.04 27.21 -5.77
N GLN A 310 -13.92 27.10 -5.07
CA GLN A 310 -12.86 28.12 -5.12
C GLN A 310 -11.98 27.70 -6.30
N ALA A 311 -10.86 28.37 -6.54
CA ALA A 311 -9.97 28.02 -7.66
C ALA A 311 -9.67 26.51 -7.75
N VAL A 312 -8.87 26.04 -6.80
CA VAL A 312 -8.45 24.64 -6.72
C VAL A 312 -9.54 23.60 -6.93
N THR A 313 -10.65 23.75 -6.19
CA THR A 313 -11.77 22.80 -6.24
C THR A 313 -12.06 22.10 -7.56
N LEU A 314 -12.51 22.83 -8.58
CA LEU A 314 -12.85 22.23 -9.87
C LEU A 314 -11.75 21.44 -10.59
N MET A 315 -10.57 21.36 -9.98
CA MET A 315 -9.46 20.61 -10.57
C MET A 315 -9.17 19.38 -9.73
N MET A 316 -10.11 19.05 -8.85
CA MET A 316 -9.99 17.90 -7.96
C MET A 316 -11.35 17.58 -7.36
N ASP A 317 -11.71 16.31 -7.37
CA ASP A 317 -12.99 15.86 -6.83
C ASP A 317 -12.77 15.08 -5.52
N ALA A 318 -13.84 14.67 -4.85
CA ALA A 318 -13.71 14.01 -3.55
C ALA A 318 -13.44 12.50 -3.46
N THR A 319 -12.52 11.98 -4.25
CA THR A 319 -12.26 10.55 -4.24
C THR A 319 -10.89 10.06 -3.73
N ASN A 320 -10.08 10.99 -3.21
CA ASN A 320 -8.79 10.61 -2.61
C ASN A 320 -8.66 11.53 -1.39
N MET A 321 -8.09 11.01 -0.31
CA MET A 321 -7.98 11.76 0.94
C MET A 321 -7.34 13.15 0.89
N PRO A 322 -6.19 13.30 0.21
CA PRO A 322 -5.61 14.64 0.17
C PRO A 322 -6.52 15.67 -0.50
N ALA A 323 -7.24 15.24 -1.55
CA ALA A 323 -8.16 16.13 -2.26
C ALA A 323 -9.32 16.50 -1.34
N VAL A 324 -9.86 15.51 -0.64
CA VAL A 324 -10.95 15.77 0.29
C VAL A 324 -10.53 16.83 1.30
N LYS A 325 -9.32 16.70 1.82
CA LYS A 325 -8.83 17.69 2.79
C LYS A 325 -8.82 19.08 2.16
N ALA A 326 -8.23 19.18 0.96
CA ALA A 326 -8.14 20.47 0.28
C ALA A 326 -9.51 21.09 0.08
N ILE A 327 -10.45 20.29 -0.41
CA ILE A 327 -11.81 20.76 -0.63
C ILE A 327 -12.39 21.30 0.68
N ILE A 328 -12.21 20.55 1.76
CA ILE A 328 -12.72 20.97 3.07
C ILE A 328 -12.07 22.28 3.50
N TYR A 329 -10.76 22.40 3.27
CA TYR A 329 -10.05 23.61 3.66
C TYR A 329 -10.58 24.80 2.87
N GLN A 330 -10.88 24.61 1.60
CA GLN A 330 -11.41 25.73 0.81
C GLN A 330 -12.75 26.17 1.39
N TYR A 331 -13.60 25.21 1.76
CA TYR A 331 -14.88 25.57 2.35
C TYR A 331 -14.72 26.28 3.69
N MET A 332 -13.75 25.83 4.49
CA MET A 332 -13.53 26.48 5.77
C MET A 332 -13.11 27.92 5.56
N GLU A 333 -12.32 28.17 4.51
CA GLU A 333 -11.86 29.51 4.22
C GLU A 333 -13.03 30.39 3.74
N GLU A 334 -13.97 29.79 3.00
CA GLU A 334 -15.13 30.52 2.52
C GLU A 334 -15.93 31.04 3.70
N ILE A 335 -16.06 30.23 4.74
CA ILE A 335 -16.80 30.64 5.93
C ILE A 335 -15.98 31.66 6.73
N TYR A 336 -14.72 31.33 6.98
CA TYR A 336 -13.83 32.18 7.76
C TYR A 336 -13.78 33.61 7.24
N HIS A 337 -13.73 33.74 5.92
CA HIS A 337 -13.66 35.03 5.26
C HIS A 337 -14.97 35.83 5.34
N ARG A 338 -16.04 35.18 5.76
CA ARG A 338 -17.33 35.84 5.88
C ARG A 338 -17.79 36.06 7.31
N ILE A 339 -16.94 35.69 8.27
CA ILE A 339 -17.27 35.85 9.68
C ILE A 339 -17.36 37.32 10.09
N PRO A 340 -18.56 37.77 10.52
CA PRO A 340 -18.78 39.16 10.94
C PRO A 340 -18.23 39.38 12.35
N ASP A 341 -17.59 40.53 12.59
CA ASP A 341 -17.03 40.84 13.91
C ASP A 341 -18.12 40.82 14.98
N SER A 342 -19.24 41.46 14.66
CA SER A 342 -20.34 41.58 15.59
C SER A 342 -21.03 40.28 15.98
N ASN A 343 -20.86 39.23 15.17
CA ASN A 343 -21.49 37.96 15.46
C ASN A 343 -20.95 37.41 16.78
N PRO A 344 -21.85 37.08 17.71
CA PRO A 344 -21.58 36.53 19.04
C PRO A 344 -20.67 35.32 19.06
N SER A 345 -20.65 34.56 17.96
CA SER A 345 -19.83 33.35 17.87
C SER A 345 -18.55 33.56 17.07
N SER A 346 -18.36 34.77 16.56
CA SER A 346 -17.19 35.08 15.73
C SER A 346 -15.88 34.43 16.19
N SER A 347 -15.54 34.61 17.46
CA SER A 347 -14.30 34.02 17.99
C SER A 347 -14.31 32.51 17.96
N LYS A 348 -15.41 31.92 18.41
CA LYS A 348 -15.52 30.46 18.44
C LYS A 348 -15.44 29.91 17.02
N THR A 349 -16.06 30.60 16.07
CA THR A 349 -16.05 30.14 14.68
C THR A 349 -14.62 30.15 14.14
N ARG A 350 -13.85 31.19 14.46
CA ARG A 350 -12.47 31.28 14.01
C ARG A 350 -11.60 30.22 14.68
N GLN A 351 -11.84 29.98 15.96
CA GLN A 351 -11.09 29.00 16.73
C GLN A 351 -11.17 27.60 16.11
N ILE A 352 -12.39 27.11 15.92
CA ILE A 352 -12.54 25.77 15.38
C ILE A 352 -11.95 25.61 13.96
N ILE A 353 -12.12 26.61 13.09
CA ILE A 353 -11.56 26.55 11.74
C ILE A 353 -10.02 26.59 11.82
N SER A 354 -9.51 27.37 12.77
CA SER A 354 -8.07 27.49 12.95
C SER A 354 -7.53 26.09 13.30
N THR A 355 -8.24 25.43 14.20
CA THR A 355 -7.89 24.10 14.66
C THR A 355 -7.92 23.11 13.50
N ILE A 356 -8.90 23.27 12.63
CA ILE A 356 -9.04 22.36 11.48
C ILE A 356 -7.89 22.55 10.49
N ARG A 357 -7.58 23.79 10.14
CA ARG A 357 -6.51 24.06 9.17
C ARG A 357 -5.11 23.78 9.73
N THR A 358 -4.93 23.98 11.03
CA THR A 358 -3.63 23.79 11.66
C THR A 358 -3.28 22.35 11.99
N GLN A 359 -4.23 21.58 12.50
CA GLN A 359 -3.97 20.19 12.86
C GLN A 359 -4.87 19.23 12.10
N SER B 25 -4.67 24.17 23.03
CA SER B 25 -4.06 22.99 23.63
C SER B 25 -2.53 22.93 23.46
N LEU B 26 -2.07 22.87 22.20
CA LEU B 26 -0.65 22.79 21.87
C LEU B 26 0.08 24.10 21.54
N SER B 27 0.32 24.34 20.25
CA SER B 27 1.04 25.54 19.78
C SER B 27 0.16 26.57 19.10
N SER B 28 -0.12 27.67 19.79
CA SER B 28 -0.94 28.71 19.20
C SER B 28 -0.11 29.48 18.16
N SER B 29 1.21 29.35 18.22
CA SER B 29 2.07 30.04 17.28
C SER B 29 1.89 29.44 15.89
N LEU B 30 1.74 28.12 15.86
CA LEU B 30 1.54 27.39 14.62
C LEU B 30 0.19 27.75 14.03
N LYS B 31 -0.81 27.92 14.88
CA LYS B 31 -2.14 28.32 14.41
C LYS B 31 -2.03 29.69 13.74
N THR B 32 -1.26 30.58 14.36
CA THR B 32 -1.06 31.91 13.79
C THR B 32 -0.41 31.79 12.41
N CYS B 33 0.49 30.81 12.26
CA CYS B 33 1.16 30.61 10.98
C CYS B 33 0.18 30.18 9.89
N TYR B 34 -0.73 29.28 10.23
CA TYR B 34 -1.68 28.84 9.23
C TYR B 34 -2.67 29.97 8.95
N LYS B 35 -2.86 30.85 9.92
CA LYS B 35 -3.75 31.98 9.69
C LYS B 35 -3.09 32.86 8.63
N TYR B 36 -1.81 33.14 8.80
CA TYR B 36 -1.07 33.96 7.83
C TYR B 36 -1.04 33.29 6.46
N LEU B 37 -0.91 31.96 6.45
CA LEU B 37 -0.86 31.21 5.21
C LEU B 37 -2.11 31.48 4.39
N ASN B 38 -3.27 31.36 5.02
CA ASN B 38 -4.52 31.60 4.31
C ASN B 38 -4.69 33.09 4.03
N GLN B 39 -4.07 33.94 4.84
CA GLN B 39 -4.15 35.38 4.64
C GLN B 39 -3.37 35.82 3.40
N THR B 40 -2.15 35.32 3.28
CA THR B 40 -1.26 35.68 2.19
C THR B 40 -1.29 34.81 0.94
N SER B 41 -1.74 33.56 1.07
CA SER B 41 -1.77 32.69 -0.10
C SER B 41 -3.15 32.60 -0.71
N ARG B 42 -3.21 32.99 -1.97
CA ARG B 42 -4.44 32.98 -2.72
C ARG B 42 -4.65 31.62 -3.37
N SER B 43 -3.55 30.92 -3.66
CA SER B 43 -3.63 29.63 -4.34
C SER B 43 -3.01 28.37 -3.73
N PHE B 44 -2.33 28.49 -2.58
CA PHE B 44 -1.68 27.29 -2.03
C PHE B 44 -2.06 26.80 -0.63
N ALA B 45 -2.80 27.59 0.13
CA ALA B 45 -3.15 27.18 1.51
C ALA B 45 -3.76 25.78 1.58
N ALA B 46 -4.76 25.53 0.75
CA ALA B 46 -5.44 24.24 0.74
C ALA B 46 -4.55 23.04 0.44
N VAL B 47 -3.76 23.11 -0.64
CA VAL B 47 -2.93 21.96 -0.96
C VAL B 47 -1.73 21.79 -0.04
N ILE B 48 -1.29 22.87 0.59
CA ILE B 48 -0.17 22.79 1.53
C ILE B 48 -0.70 22.09 2.79
N GLN B 49 -1.84 22.56 3.28
CA GLN B 49 -2.46 22.00 4.46
C GLN B 49 -2.80 20.52 4.28
N ALA B 50 -2.97 20.11 3.02
CA ALA B 50 -3.30 18.73 2.71
C ALA B 50 -2.09 17.79 2.62
N LEU B 51 -0.89 18.33 2.67
CA LEU B 51 0.31 17.49 2.61
C LEU B 51 0.37 16.54 3.81
N ASP B 52 0.92 15.35 3.59
CA ASP B 52 1.04 14.36 4.66
C ASP B 52 2.08 14.74 5.71
N GLY B 53 1.80 14.35 6.95
CA GLY B 53 2.68 14.56 8.08
C GLY B 53 3.60 15.75 8.17
N GLU B 54 4.91 15.47 8.21
CA GLU B 54 5.94 16.50 8.33
C GLU B 54 5.99 17.55 7.22
N MET B 55 5.65 17.15 5.99
CA MET B 55 5.69 18.08 4.88
C MET B 55 4.76 19.26 5.10
N ARG B 56 3.65 19.02 5.79
CA ARG B 56 2.65 20.03 6.10
C ARG B 56 3.23 21.33 6.70
N ASN B 57 3.79 21.23 7.91
CA ASN B 57 4.35 22.39 8.58
C ASN B 57 5.61 22.90 7.87
N ALA B 58 6.44 21.99 7.37
CA ALA B 58 7.66 22.42 6.69
C ALA B 58 7.34 23.27 5.48
N VAL B 59 6.36 22.86 4.67
CA VAL B 59 6.02 23.61 3.48
C VAL B 59 5.27 24.89 3.83
N CYS B 60 4.48 24.84 4.90
CA CYS B 60 3.76 26.03 5.34
C CYS B 60 4.75 27.12 5.76
N ILE B 61 5.70 26.73 6.61
CA ILE B 61 6.70 27.66 7.12
C ILE B 61 7.58 28.16 5.97
N PHE B 62 7.88 27.28 5.04
CA PHE B 62 8.70 27.64 3.89
C PHE B 62 7.95 28.72 3.10
N TYR B 63 6.65 28.52 2.90
CA TYR B 63 5.89 29.51 2.16
C TYR B 63 5.90 30.83 2.88
N LEU B 64 5.70 30.81 4.19
CA LEU B 64 5.68 32.04 4.97
C LEU B 64 6.99 32.84 4.99
N VAL B 65 8.14 32.17 5.12
CA VAL B 65 9.38 32.93 5.15
C VAL B 65 9.62 33.52 3.76
N LEU B 66 9.30 32.76 2.71
CA LEU B 66 9.52 33.28 1.37
C LEU B 66 8.62 34.50 1.17
N ARG B 67 7.42 34.42 1.71
CA ARG B 67 6.47 35.51 1.62
C ARG B 67 7.00 36.78 2.28
N ALA B 68 7.67 36.63 3.42
CA ALA B 68 8.22 37.79 4.12
C ALA B 68 9.36 38.38 3.29
N LEU B 69 10.23 37.51 2.77
CA LEU B 69 11.35 37.93 1.95
C LEU B 69 10.89 38.69 0.71
N ASP B 70 9.84 38.18 0.07
CA ASP B 70 9.29 38.80 -1.12
C ASP B 70 8.67 40.16 -0.78
N THR B 71 8.09 40.27 0.40
CA THR B 71 7.48 41.51 0.84
C THR B 71 8.54 42.60 1.00
N LEU B 72 9.73 42.21 1.46
CA LEU B 72 10.84 43.15 1.62
C LEU B 72 11.34 43.57 0.23
N GLU B 73 11.55 42.59 -0.65
CA GLU B 73 12.03 42.89 -1.99
C GLU B 73 11.11 43.84 -2.74
N ASP B 74 9.81 43.57 -2.65
CA ASP B 74 8.80 44.35 -3.34
C ASP B 74 8.48 45.72 -2.76
N ASP B 75 8.89 45.97 -1.51
CA ASP B 75 8.61 47.26 -0.88
C ASP B 75 9.52 48.37 -1.43
N MET B 76 8.93 49.28 -2.21
CA MET B 76 9.72 50.35 -2.80
C MET B 76 10.03 51.53 -1.91
N THR B 77 9.57 51.50 -0.66
CA THR B 77 9.83 52.57 0.29
C THR B 77 11.15 52.30 1.02
N ILE B 78 11.72 51.13 0.76
CA ILE B 78 12.98 50.75 1.37
C ILE B 78 14.03 50.94 0.28
N SER B 79 14.95 51.87 0.50
CA SER B 79 16.00 52.15 -0.47
C SER B 79 16.82 50.92 -0.74
N VAL B 80 17.43 50.87 -1.92
CA VAL B 80 18.27 49.76 -2.31
C VAL B 80 19.42 49.56 -1.32
N GLU B 81 20.00 50.65 -0.84
CA GLU B 81 21.11 50.60 0.12
C GLU B 81 20.68 49.93 1.43
N LYS B 82 19.48 50.26 1.90
CA LYS B 82 18.94 49.70 3.13
C LYS B 82 18.44 48.27 2.93
N LYS B 83 17.94 47.98 1.73
CA LYS B 83 17.38 46.68 1.40
C LYS B 83 18.37 45.53 1.19
N VAL B 84 19.45 45.76 0.45
CA VAL B 84 20.40 44.69 0.18
C VAL B 84 20.86 43.90 1.41
N PRO B 85 21.25 44.60 2.50
CA PRO B 85 21.69 43.86 3.69
C PRO B 85 20.57 43.01 4.29
N LEU B 86 19.33 43.48 4.20
CA LEU B 86 18.20 42.73 4.73
C LEU B 86 18.01 41.46 3.90
N LEU B 87 18.09 41.59 2.58
CA LEU B 87 17.94 40.44 1.70
C LEU B 87 19.10 39.46 1.89
N HIS B 88 20.31 39.98 2.04
CA HIS B 88 21.48 39.12 2.22
C HIS B 88 21.49 38.35 3.53
N ASN B 89 20.95 38.97 4.58
CA ASN B 89 20.94 38.34 5.90
C ASN B 89 19.62 37.72 6.34
N PHE B 90 18.60 37.81 5.50
CA PHE B 90 17.30 37.24 5.82
C PHE B 90 17.44 35.80 6.33
N HIS B 91 18.19 34.97 5.60
CA HIS B 91 18.37 33.57 6.01
C HIS B 91 18.92 33.45 7.43
N SER B 92 19.62 34.49 7.90
CA SER B 92 20.17 34.46 9.26
C SER B 92 19.18 34.97 10.29
N PHE B 93 18.24 35.81 9.85
CA PHE B 93 17.25 36.32 10.80
C PHE B 93 16.38 35.16 11.26
N LEU B 94 16.35 34.09 10.49
CA LEU B 94 15.58 32.91 10.85
C LEU B 94 16.03 32.40 12.22
N TYR B 95 17.28 32.69 12.56
CA TYR B 95 17.89 32.26 13.83
C TYR B 95 18.06 33.38 14.85
N GLN B 96 17.40 34.50 14.61
CA GLN B 96 17.40 35.64 15.53
C GLN B 96 15.95 35.70 16.00
N PRO B 97 15.65 35.06 17.15
CA PRO B 97 14.32 34.98 17.75
C PRO B 97 13.49 36.26 17.82
N ASP B 98 14.12 37.38 18.10
CA ASP B 98 13.36 38.62 18.23
C ASP B 98 13.35 39.53 17.01
N TRP B 99 14.01 39.11 15.93
CA TRP B 99 14.05 39.95 14.75
C TRP B 99 12.71 40.10 14.06
N ARG B 100 12.45 41.31 13.56
CA ARG B 100 11.24 41.58 12.80
C ARG B 100 11.44 42.92 12.11
N PHE B 101 10.51 43.28 11.25
CA PHE B 101 10.62 44.53 10.51
C PHE B 101 9.31 45.28 10.64
N MET B 102 9.38 46.48 11.17
CA MET B 102 8.21 47.30 11.43
C MET B 102 8.01 48.49 10.50
N GLU B 103 8.84 48.60 9.47
CA GLU B 103 8.73 49.75 8.59
C GLU B 103 8.18 49.46 7.20
N SER B 104 7.63 48.26 7.01
CA SER B 104 7.07 47.92 5.71
C SER B 104 5.69 48.53 5.56
N LYS B 105 5.37 48.98 4.34
CA LYS B 105 4.06 49.56 4.06
C LYS B 105 3.25 48.63 3.14
N GLU B 106 3.80 47.44 2.87
CA GLU B 106 3.15 46.47 2.00
C GLU B 106 1.94 45.83 2.66
N LYS B 107 1.00 45.32 1.86
CA LYS B 107 -0.19 44.73 2.45
C LYS B 107 0.07 43.46 3.25
N ASP B 108 1.10 42.70 2.89
CA ASP B 108 1.43 41.48 3.62
C ASP B 108 2.41 41.73 4.76
N ARG B 109 2.56 42.99 5.19
CA ARG B 109 3.52 43.33 6.25
C ARG B 109 3.38 42.60 7.58
N GLN B 110 2.19 42.07 7.88
CA GLN B 110 2.01 41.36 9.15
C GLN B 110 2.99 40.20 9.33
N VAL B 111 3.42 39.57 8.23
CA VAL B 111 4.36 38.45 8.37
C VAL B 111 5.76 38.95 8.74
N LEU B 112 6.02 40.24 8.51
CA LEU B 112 7.32 40.81 8.86
C LEU B 112 7.27 41.36 10.28
N GLU B 113 6.15 41.97 10.63
CA GLU B 113 5.99 42.54 11.95
C GLU B 113 5.85 41.46 13.03
N ASP B 114 5.37 40.29 12.62
CA ASP B 114 5.21 39.18 13.54
C ASP B 114 6.11 38.02 13.11
N PHE B 115 7.25 38.35 12.50
CA PHE B 115 8.17 37.33 12.05
C PHE B 115 8.59 36.37 13.17
N PRO B 116 8.81 36.89 14.39
CA PRO B 116 9.21 36.04 15.52
C PRO B 116 8.35 34.77 15.65
N THR B 117 7.05 34.92 15.42
CA THR B 117 6.15 33.78 15.50
C THR B 117 6.50 32.76 14.41
N ILE B 118 6.78 33.26 13.21
CA ILE B 118 7.14 32.38 12.10
C ILE B 118 8.50 31.72 12.27
N SER B 119 9.53 32.50 12.62
CA SER B 119 10.87 31.93 12.79
C SER B 119 10.87 30.96 13.94
N LEU B 120 9.99 31.18 14.91
CA LEU B 120 9.87 30.29 16.06
C LEU B 120 9.48 28.92 15.53
N GLU B 121 8.42 28.87 14.75
CA GLU B 121 7.99 27.59 14.18
C GLU B 121 8.99 27.07 13.17
N PHE B 122 9.75 27.96 12.54
CA PHE B 122 10.76 27.49 11.59
C PHE B 122 11.80 26.70 12.41
N ARG B 123 12.17 27.24 13.56
CA ARG B 123 13.16 26.59 14.41
C ARG B 123 12.64 25.31 15.09
N ASN B 124 11.33 25.06 15.02
CA ASN B 124 10.78 23.83 15.61
C ASN B 124 10.76 22.70 14.59
N LEU B 125 11.04 23.02 13.32
CA LEU B 125 11.06 22.00 12.28
C LEU B 125 12.31 21.13 12.48
N ALA B 126 12.29 19.91 11.98
CA ALA B 126 13.46 19.05 12.10
C ALA B 126 14.60 19.79 11.39
N GLU B 127 15.82 19.62 11.87
CA GLU B 127 16.98 20.28 11.29
C GLU B 127 17.17 20.02 9.79
N LYS B 128 16.88 18.81 9.34
CA LYS B 128 17.07 18.53 7.91
C LYS B 128 16.22 19.45 7.04
N TYR B 129 15.08 19.89 7.57
CA TYR B 129 14.20 20.79 6.83
C TYR B 129 14.70 22.23 6.94
N GLN B 130 15.19 22.60 8.12
CA GLN B 130 15.70 23.96 8.33
C GLN B 130 16.83 24.24 7.35
N THR B 131 17.74 23.28 7.25
CA THR B 131 18.89 23.37 6.37
C THR B 131 18.50 23.72 4.95
N VAL B 132 17.50 23.01 4.43
CA VAL B 132 17.03 23.24 3.08
C VAL B 132 16.43 24.63 2.90
N ILE B 133 15.56 24.99 3.84
CA ILE B 133 14.89 26.27 3.77
C ILE B 133 15.83 27.46 3.91
N ALA B 134 16.70 27.43 4.90
CA ALA B 134 17.66 28.52 5.07
C ALA B 134 18.52 28.66 3.80
N ASP B 135 18.98 27.53 3.26
CA ASP B 135 19.81 27.55 2.06
C ASP B 135 19.08 28.24 0.91
N ILE B 136 17.82 27.91 0.70
CA ILE B 136 17.07 28.55 -0.38
C ILE B 136 16.87 30.03 -0.11
N CYS B 137 16.60 30.39 1.15
CA CYS B 137 16.43 31.79 1.52
C CYS B 137 17.72 32.58 1.32
N ARG B 138 18.86 31.94 1.57
CA ARG B 138 20.15 32.60 1.40
C ARG B 138 20.41 32.89 -0.06
N ARG B 139 20.32 31.85 -0.88
CA ARG B 139 20.56 32.00 -2.30
C ARG B 139 19.58 32.94 -2.96
N MET B 140 18.32 32.91 -2.52
CA MET B 140 17.30 33.78 -3.10
C MET B 140 17.60 35.23 -2.75
N GLY B 141 18.03 35.47 -1.51
CA GLY B 141 18.34 36.82 -1.08
C GLY B 141 19.43 37.41 -1.96
N ILE B 142 20.45 36.62 -2.23
CA ILE B 142 21.56 37.04 -3.08
C ILE B 142 21.04 37.41 -4.46
N GLY B 143 20.27 36.50 -5.03
CA GLY B 143 19.71 36.76 -6.36
C GLY B 143 18.82 37.98 -6.42
N MET B 144 17.94 38.13 -5.43
CA MET B 144 17.05 39.30 -5.41
C MET B 144 17.84 40.60 -5.31
N ALA B 145 18.86 40.61 -4.46
CA ALA B 145 19.67 41.81 -4.29
C ALA B 145 20.32 42.14 -5.62
N GLU B 146 20.84 41.12 -6.28
CA GLU B 146 21.50 41.28 -7.57
C GLU B 146 20.60 41.95 -8.61
N PHE B 147 19.29 41.72 -8.54
CA PHE B 147 18.37 42.30 -9.53
C PHE B 147 17.68 43.61 -9.14
N LEU B 148 18.08 44.20 -8.02
CA LEU B 148 17.46 45.44 -7.58
C LEU B 148 17.88 46.66 -8.41
N ASP B 149 19.09 46.62 -8.95
CA ASP B 149 19.60 47.74 -9.74
C ASP B 149 19.41 47.57 -11.25
N LYS B 150 19.25 46.33 -11.69
CA LYS B 150 19.09 46.05 -13.11
C LYS B 150 17.71 45.51 -13.46
N HIS B 151 17.35 45.62 -14.73
CA HIS B 151 16.08 45.12 -15.24
C HIS B 151 16.37 43.78 -15.90
N VAL B 152 15.32 43.08 -16.31
CA VAL B 152 15.52 41.81 -16.98
C VAL B 152 15.67 42.15 -18.45
N THR B 153 16.81 41.80 -19.02
CA THR B 153 17.06 42.09 -20.43
C THR B 153 16.90 40.87 -21.33
N SER B 154 17.91 40.02 -21.36
CA SER B 154 17.88 38.83 -22.19
C SER B 154 16.93 37.76 -21.66
N GLU B 155 16.64 36.78 -22.51
CA GLU B 155 15.78 35.68 -22.13
C GLU B 155 16.58 34.84 -21.13
N GLN B 156 17.89 34.80 -21.34
CA GLN B 156 18.78 34.06 -20.44
C GLN B 156 18.73 34.70 -19.05
N GLU B 157 18.56 36.01 -19.02
CA GLU B 157 18.48 36.75 -17.77
C GLU B 157 17.11 36.53 -17.13
N TRP B 158 16.10 36.37 -17.98
CA TRP B 158 14.75 36.14 -17.49
C TRP B 158 14.72 34.80 -16.75
N ASP B 159 15.41 33.81 -17.29
CA ASP B 159 15.47 32.50 -16.63
C ASP B 159 16.20 32.63 -15.31
N LYS B 160 17.25 33.46 -15.30
CA LYS B 160 18.06 33.65 -14.10
C LYS B 160 17.24 34.25 -12.98
N TYR B 161 16.48 35.29 -13.30
CA TYR B 161 15.64 35.94 -12.31
C TYR B 161 14.60 34.95 -11.82
N CYS B 162 13.98 34.23 -12.74
CA CYS B 162 12.96 33.26 -12.40
C CYS B 162 13.55 32.14 -11.54
N HIS B 163 14.82 31.82 -11.79
CA HIS B 163 15.51 30.81 -11.00
C HIS B 163 15.62 31.26 -9.54
N TYR B 164 15.99 32.52 -9.33
CA TYR B 164 16.15 33.06 -7.97
C TYR B 164 14.88 33.13 -7.14
N VAL B 165 13.79 33.59 -7.73
CA VAL B 165 12.55 33.73 -7.01
C VAL B 165 11.60 32.53 -7.07
N ALA B 166 11.78 31.63 -8.03
CA ALA B 166 10.88 30.50 -8.15
C ALA B 166 11.58 29.17 -8.41
N GLY B 167 12.58 29.18 -9.28
CA GLY B 167 13.31 27.95 -9.59
C GLY B 167 13.89 27.31 -8.34
N LEU B 168 14.52 28.12 -7.49
CA LEU B 168 15.12 27.63 -6.28
C LEU B 168 14.06 27.09 -5.33
N VAL B 169 12.84 27.62 -5.45
CA VAL B 169 11.75 27.19 -4.60
C VAL B 169 11.35 25.78 -4.99
N GLY B 170 11.26 25.52 -6.29
CA GLY B 170 10.90 24.19 -6.76
C GLY B 170 11.99 23.24 -6.28
N ILE B 171 13.24 23.67 -6.40
CA ILE B 171 14.36 22.85 -5.93
C ILE B 171 14.23 22.66 -4.41
N GLY B 172 13.92 23.73 -3.69
CA GLY B 172 13.77 23.62 -2.24
C GLY B 172 12.70 22.61 -1.84
N LEU B 173 11.52 22.76 -2.43
CA LEU B 173 10.40 21.87 -2.17
C LEU B 173 10.78 20.41 -2.47
N SER B 174 11.48 20.19 -3.58
CA SER B 174 11.88 18.85 -3.97
C SER B 174 12.81 18.24 -2.94
N ARG B 175 13.74 19.05 -2.42
CA ARG B 175 14.67 18.57 -1.42
C ARG B 175 13.91 18.21 -0.14
N LEU B 176 12.84 18.92 0.17
CA LEU B 176 12.04 18.61 1.36
C LEU B 176 11.31 17.29 1.17
N PHE B 177 10.78 17.06 -0.04
CA PHE B 177 10.05 15.82 -0.31
C PHE B 177 10.99 14.61 -0.12
N SER B 178 12.20 14.70 -0.65
CA SER B 178 13.16 13.61 -0.52
C SER B 178 13.63 13.46 0.92
N ALA B 179 13.89 14.58 1.59
CA ALA B 179 14.34 14.56 2.97
C ALA B 179 13.28 13.96 3.90
N SER B 180 12.01 14.10 3.52
CA SER B 180 10.91 13.57 4.33
C SER B 180 10.75 12.08 4.06
N GLU B 181 11.27 11.62 2.93
CA GLU B 181 11.16 10.22 2.50
C GLU B 181 9.79 9.87 1.91
N PHE B 182 8.97 10.88 1.68
CA PHE B 182 7.66 10.65 1.08
C PHE B 182 7.83 10.46 -0.42
N GLU B 183 8.96 10.94 -0.93
CA GLU B 183 9.30 10.83 -2.35
C GLU B 183 10.71 10.27 -2.51
N ASP B 184 10.98 9.75 -3.70
CA ASP B 184 12.27 9.15 -4.02
C ASP B 184 13.41 10.16 -3.89
N PRO B 185 14.61 9.68 -3.53
CA PRO B 185 15.76 10.57 -3.41
C PRO B 185 16.02 11.34 -4.70
N LEU B 186 15.53 10.79 -5.81
CA LEU B 186 15.72 11.39 -7.12
C LEU B 186 15.04 12.73 -7.30
N VAL B 187 13.85 12.85 -6.71
CA VAL B 187 13.09 14.09 -6.82
C VAL B 187 13.92 15.28 -6.42
N GLY B 188 14.59 15.19 -5.27
CA GLY B 188 15.42 16.29 -4.80
C GLY B 188 16.76 16.44 -5.50
N GLU B 189 17.23 15.38 -6.14
CA GLU B 189 18.51 15.39 -6.83
C GLU B 189 18.48 16.02 -8.22
N ASP B 190 17.36 15.84 -8.92
CA ASP B 190 17.23 16.39 -10.26
C ASP B 190 16.82 17.85 -10.18
N THR B 191 17.79 18.71 -9.92
CA THR B 191 17.54 20.14 -9.77
C THR B 191 17.05 20.82 -11.04
N GLU B 192 17.38 20.27 -12.21
CA GLU B 192 16.94 20.89 -13.45
C GLU B 192 15.42 20.79 -13.60
N ARG B 193 14.88 19.59 -13.41
CA ARG B 193 13.44 19.42 -13.51
C ARG B 193 12.72 20.22 -12.43
N ALA B 194 13.24 20.19 -11.20
CA ALA B 194 12.63 20.95 -10.12
C ALA B 194 12.66 22.43 -10.44
N ASN B 195 13.77 22.88 -11.04
CA ASN B 195 13.92 24.28 -11.40
C ASN B 195 12.87 24.67 -12.44
N SER B 196 12.61 23.78 -13.39
CA SER B 196 11.62 24.05 -14.44
C SER B 196 10.23 24.22 -13.86
N MET B 197 9.93 23.47 -12.80
CA MET B 197 8.63 23.58 -12.15
C MET B 197 8.43 25.00 -11.68
N GLY B 198 9.47 25.59 -11.10
CA GLY B 198 9.39 26.95 -10.60
C GLY B 198 9.30 27.99 -11.70
N LEU B 199 10.16 27.87 -12.72
CA LEU B 199 10.15 28.82 -13.84
C LEU B 199 8.81 28.87 -14.54
N PHE B 200 8.21 27.70 -14.79
CA PHE B 200 6.94 27.67 -15.49
C PHE B 200 5.90 28.48 -14.77
N LEU B 201 5.82 28.32 -13.45
CA LEU B 201 4.85 29.07 -12.66
C LEU B 201 5.16 30.57 -12.65
N GLN B 202 6.44 30.92 -12.44
CA GLN B 202 6.82 32.32 -12.38
C GLN B 202 6.66 33.01 -13.73
N LYS B 203 7.12 32.37 -14.81
CA LYS B 203 6.96 32.99 -16.12
C LYS B 203 5.47 33.19 -16.41
N THR B 204 4.66 32.19 -16.06
CA THR B 204 3.23 32.30 -16.29
C THR B 204 2.66 33.51 -15.58
N ASN B 205 2.96 33.64 -14.30
CA ASN B 205 2.47 34.77 -13.53
C ASN B 205 2.95 36.10 -14.09
N ILE B 206 4.23 36.17 -14.45
CA ILE B 206 4.79 37.41 -15.00
C ILE B 206 4.04 37.78 -16.27
N ILE B 207 3.76 36.78 -17.11
CA ILE B 207 3.04 37.02 -18.35
C ILE B 207 1.64 37.52 -18.07
N ARG B 208 0.96 36.88 -17.12
CA ARG B 208 -0.40 37.25 -16.76
C ARG B 208 -0.52 38.58 -16.02
N ASP B 209 0.49 38.94 -15.23
CA ASP B 209 0.45 40.18 -14.47
C ASP B 209 1.10 41.39 -15.14
N TYR B 210 1.09 41.44 -16.47
CA TYR B 210 1.68 42.56 -17.19
C TYR B 210 1.13 43.91 -16.73
N LEU B 211 -0.17 44.08 -16.92
CA LEU B 211 -0.85 45.32 -16.56
C LEU B 211 -0.67 45.68 -15.09
N GLU B 212 -1.10 44.80 -14.20
CA GLU B 212 -0.99 45.02 -12.77
C GLU B 212 0.38 45.56 -12.40
N ASP B 213 1.43 44.95 -12.94
CA ASP B 213 2.78 45.39 -12.66
C ASP B 213 3.08 46.77 -13.25
N GLN B 214 2.73 46.97 -14.51
CA GLN B 214 2.99 48.25 -15.17
C GLN B 214 2.39 49.37 -14.35
N GLN B 215 1.22 49.11 -13.77
CA GLN B 215 0.53 50.10 -12.97
C GLN B 215 1.19 50.22 -11.60
N GLY B 216 2.15 49.33 -11.35
CA GLY B 216 2.86 49.36 -10.08
C GLY B 216 4.29 49.84 -10.26
N GLY B 217 4.66 50.16 -11.49
CA GLY B 217 6.00 50.65 -11.76
C GLY B 217 7.05 49.55 -11.83
N ARG B 218 6.62 48.30 -11.87
CA ARG B 218 7.54 47.17 -11.93
C ARG B 218 7.51 46.51 -13.31
N GLU B 219 8.69 46.21 -13.84
CA GLU B 219 8.80 45.58 -15.16
C GLU B 219 9.52 44.24 -15.10
N PHE B 220 8.90 43.21 -15.65
CA PHE B 220 9.47 41.86 -15.64
C PHE B 220 9.66 41.22 -17.01
N TRP B 221 8.90 41.66 -18.01
CA TRP B 221 9.05 41.12 -19.36
C TRP B 221 10.46 41.46 -19.84
N PRO B 222 11.15 40.50 -20.46
CA PRO B 222 12.51 40.71 -20.97
C PRO B 222 12.59 41.85 -21.98
N GLN B 223 13.46 42.81 -21.72
CA GLN B 223 13.64 43.96 -22.59
C GLN B 223 14.02 43.54 -24.01
N GLU B 224 14.92 42.58 -24.14
CA GLU B 224 15.34 42.11 -25.45
C GLU B 224 14.18 41.52 -26.25
N VAL B 225 13.04 41.28 -25.61
CA VAL B 225 11.91 40.74 -26.32
C VAL B 225 10.91 41.84 -26.64
N TRP B 226 10.40 42.52 -25.62
CA TRP B 226 9.43 43.57 -25.84
C TRP B 226 9.98 44.77 -26.61
N SER B 227 11.30 44.90 -26.67
CA SER B 227 11.89 46.04 -27.37
C SER B 227 11.70 45.88 -28.88
N ARG B 228 11.57 44.63 -29.33
CA ARG B 228 11.38 44.35 -30.75
C ARG B 228 9.95 44.67 -31.17
N TYR B 229 9.16 45.19 -30.24
CA TYR B 229 7.77 45.52 -30.53
C TYR B 229 7.47 46.97 -30.25
N VAL B 230 8.07 47.51 -29.20
CA VAL B 230 7.87 48.89 -28.81
C VAL B 230 9.14 49.47 -28.21
N LYS B 231 9.09 50.75 -27.84
CA LYS B 231 10.24 51.43 -27.25
C LYS B 231 10.19 51.38 -25.73
N LYS B 232 8.97 51.48 -25.19
CA LYS B 232 8.75 51.45 -23.75
C LYS B 232 7.73 50.36 -23.41
N LEU B 233 8.13 49.44 -22.53
CA LEU B 233 7.25 48.34 -22.13
C LEU B 233 5.85 48.82 -21.78
N GLY B 234 5.76 50.04 -21.24
CA GLY B 234 4.45 50.58 -20.88
C GLY B 234 3.58 50.85 -22.08
N ASP B 235 4.18 50.82 -23.26
CA ASP B 235 3.43 51.07 -24.48
C ASP B 235 2.38 49.99 -24.77
N PHE B 236 2.61 48.76 -24.32
CA PHE B 236 1.65 47.69 -24.57
C PHE B 236 0.31 47.99 -23.90
N ALA B 237 0.32 48.95 -23.00
CA ALA B 237 -0.90 49.31 -22.32
C ALA B 237 -1.72 50.15 -23.29
N LEU B 238 -1.05 50.68 -24.27
CA LEU B 238 -1.72 51.52 -25.24
C LEU B 238 -2.41 50.68 -26.32
N PRO B 239 -3.73 50.91 -26.52
CA PRO B 239 -4.54 50.19 -27.51
C PRO B 239 -3.94 50.19 -28.90
N GLU B 240 -3.43 51.35 -29.32
CA GLU B 240 -2.83 51.50 -30.64
C GLU B 240 -1.65 50.57 -30.89
N ASN B 241 -1.26 49.80 -29.87
CA ASN B 241 -0.15 48.87 -29.99
C ASN B 241 -0.62 47.45 -29.67
N ILE B 242 -1.90 47.33 -29.35
CA ILE B 242 -2.50 46.04 -29.00
C ILE B 242 -2.00 44.88 -29.85
N ASP B 243 -2.02 45.05 -31.17
CA ASP B 243 -1.56 43.99 -32.05
C ASP B 243 -0.13 43.60 -31.74
N LEU B 244 0.72 44.60 -31.52
CA LEU B 244 2.12 44.34 -31.21
C LEU B 244 2.25 43.74 -29.81
N ALA B 245 1.37 44.16 -28.92
CA ALA B 245 1.38 43.65 -27.55
C ALA B 245 1.09 42.15 -27.58
N VAL B 246 -0.03 41.80 -28.19
CA VAL B 246 -0.46 40.40 -28.32
C VAL B 246 0.65 39.54 -28.95
N GLN B 247 1.33 40.08 -29.95
CA GLN B 247 2.41 39.35 -30.61
C GLN B 247 3.50 39.02 -29.62
N CYS B 248 3.79 39.97 -28.74
CA CYS B 248 4.81 39.79 -27.72
C CYS B 248 4.29 38.80 -26.69
N LEU B 249 3.04 38.97 -26.31
CA LEU B 249 2.39 38.09 -25.36
C LEU B 249 2.54 36.64 -25.82
N ASN B 250 2.37 36.43 -27.13
CA ASN B 250 2.48 35.11 -27.72
C ASN B 250 3.90 34.57 -27.75
N GLU B 251 4.89 35.45 -27.88
CA GLU B 251 6.27 34.97 -27.93
C GLU B 251 6.69 34.51 -26.54
N LEU B 252 6.27 35.26 -25.53
CA LEU B 252 6.62 34.91 -24.16
C LEU B 252 5.96 33.60 -23.75
N ILE B 253 4.66 33.48 -24.02
CA ILE B 253 3.94 32.26 -23.68
C ILE B 253 4.62 31.10 -24.37
N THR B 254 5.03 31.31 -25.63
CA THR B 254 5.71 30.29 -26.39
C THR B 254 6.96 29.86 -25.65
N ASN B 255 7.66 30.85 -25.08
CA ASN B 255 8.88 30.62 -24.31
C ASN B 255 8.57 29.74 -23.10
N ALA B 256 7.54 30.14 -22.35
CA ALA B 256 7.12 29.43 -21.16
C ALA B 256 6.74 27.98 -21.40
N LEU B 257 6.15 27.70 -22.57
CA LEU B 257 5.73 26.35 -22.91
C LEU B 257 6.87 25.34 -22.96
N HIS B 258 8.09 25.82 -23.11
CA HIS B 258 9.25 24.92 -23.18
C HIS B 258 9.54 24.17 -21.87
N HIS B 259 8.92 24.59 -20.78
CA HIS B 259 9.15 23.94 -19.50
C HIS B 259 8.23 22.76 -19.25
N ILE B 260 7.14 22.68 -20.00
CA ILE B 260 6.16 21.62 -19.83
C ILE B 260 6.69 20.19 -19.87
N PRO B 261 7.59 19.87 -20.81
CA PRO B 261 8.10 18.50 -20.82
C PRO B 261 8.73 18.12 -19.48
N ASP B 262 9.44 19.09 -18.87
CA ASP B 262 10.07 18.87 -17.57
C ASP B 262 9.01 18.72 -16.48
N VAL B 263 7.95 19.52 -16.58
CA VAL B 263 6.87 19.46 -15.59
C VAL B 263 6.30 18.05 -15.59
N ILE B 264 5.97 17.56 -16.79
CA ILE B 264 5.42 16.23 -16.95
C ILE B 264 6.38 15.17 -16.39
N THR B 265 7.66 15.25 -16.75
CA THR B 265 8.64 14.28 -16.26
C THR B 265 8.63 14.33 -14.73
N TYR B 266 8.67 15.53 -14.17
CA TYR B 266 8.70 15.71 -12.73
C TYR B 266 7.51 15.07 -12.02
N LEU B 267 6.30 15.38 -12.50
CA LEU B 267 5.09 14.85 -11.90
C LEU B 267 4.99 13.34 -12.03
N SER B 268 5.51 12.80 -13.11
CA SER B 268 5.45 11.35 -13.36
C SER B 268 6.35 10.56 -12.40
N ARG B 269 7.18 11.26 -11.64
CA ARG B 269 8.05 10.57 -10.68
C ARG B 269 7.45 10.54 -9.28
N LEU B 270 6.43 11.37 -9.06
CA LEU B 270 5.81 11.44 -7.74
C LEU B 270 5.04 10.18 -7.41
N ARG B 271 5.07 9.79 -6.13
CA ARG B 271 4.37 8.60 -5.67
C ARG B 271 3.46 8.87 -4.48
N ASN B 272 3.62 10.03 -3.84
CA ASN B 272 2.77 10.36 -2.70
C ASN B 272 1.60 11.19 -3.21
N GLN B 273 0.38 10.72 -2.92
CA GLN B 273 -0.81 11.43 -3.40
C GLN B 273 -0.89 12.90 -2.98
N SER B 274 -0.67 13.20 -1.71
CA SER B 274 -0.74 14.58 -1.25
C SER B 274 0.31 15.44 -1.95
N VAL B 275 1.51 14.90 -2.13
CA VAL B 275 2.57 15.65 -2.79
C VAL B 275 2.23 15.84 -4.27
N PHE B 276 1.65 14.81 -4.87
CA PHE B 276 1.27 14.88 -6.27
C PHE B 276 0.23 15.98 -6.45
N ASN B 277 -0.76 16.02 -5.57
CA ASN B 277 -1.82 17.03 -5.65
C ASN B 277 -1.22 18.44 -5.53
N PHE B 278 -0.34 18.60 -4.55
CA PHE B 278 0.30 19.90 -4.33
C PHE B 278 1.13 20.35 -5.54
N CYS B 279 1.86 19.44 -6.17
CA CYS B 279 2.70 19.80 -7.31
C CYS B 279 1.95 19.98 -8.63
N ALA B 280 1.01 19.09 -8.92
CA ALA B 280 0.29 19.14 -10.19
C ALA B 280 -0.76 20.21 -10.36
N ILE B 281 -1.64 20.35 -9.38
CA ILE B 281 -2.71 21.32 -9.47
C ILE B 281 -2.22 22.73 -9.80
N PRO B 282 -1.18 23.21 -9.11
CA PRO B 282 -0.67 24.55 -9.40
C PRO B 282 -0.19 24.63 -10.84
N GLN B 283 0.52 23.60 -11.28
CA GLN B 283 1.07 23.55 -12.64
C GLN B 283 -0.06 23.54 -13.68
N VAL B 284 -1.14 22.81 -13.39
CA VAL B 284 -2.26 22.75 -14.31
C VAL B 284 -2.94 24.10 -14.41
N MET B 285 -3.12 24.76 -13.26
CA MET B 285 -3.75 26.07 -13.27
C MET B 285 -2.93 27.05 -14.08
N ALA B 286 -1.60 26.97 -13.97
CA ALA B 286 -0.73 27.86 -14.73
C ALA B 286 -0.88 27.56 -16.21
N ILE B 287 -1.00 26.29 -16.56
CA ILE B 287 -1.16 25.90 -17.96
C ILE B 287 -2.50 26.40 -18.48
N ALA B 288 -3.52 26.38 -17.61
CA ALA B 288 -4.84 26.83 -17.98
C ALA B 288 -4.82 28.35 -18.18
N THR B 289 -3.91 29.00 -17.46
CA THR B 289 -3.77 30.45 -17.53
C THR B 289 -3.12 30.88 -18.82
N LEU B 290 -2.13 30.12 -19.28
CA LEU B 290 -1.44 30.44 -20.51
C LEU B 290 -2.36 30.22 -21.70
N ALA B 291 -3.12 29.14 -21.65
CA ALA B 291 -4.05 28.82 -22.73
C ALA B 291 -5.08 29.94 -22.85
N ALA B 292 -5.52 30.45 -21.70
CA ALA B 292 -6.52 31.51 -21.67
C ALA B 292 -5.96 32.87 -22.07
N CYS B 293 -4.66 33.05 -21.92
CA CYS B 293 -4.02 34.32 -22.27
C CYS B 293 -3.49 34.33 -23.69
N TYR B 294 -3.15 33.17 -24.23
CA TYR B 294 -2.60 33.12 -25.58
C TYR B 294 -3.45 33.90 -26.58
N ASN B 295 -2.77 34.66 -27.43
CA ASN B 295 -3.42 35.45 -28.45
C ASN B 295 -4.66 36.15 -27.94
N ASN B 296 -4.62 36.60 -26.69
CA ASN B 296 -5.77 37.28 -26.10
C ASN B 296 -5.41 38.72 -25.75
N GLN B 297 -6.16 39.67 -26.32
CA GLN B 297 -5.90 41.08 -26.09
C GLN B 297 -6.20 41.48 -24.66
N GLN B 298 -7.04 40.69 -23.98
CA GLN B 298 -7.42 40.95 -22.60
C GLN B 298 -6.25 41.13 -21.63
N VAL B 299 -5.16 40.41 -21.86
CA VAL B 299 -3.98 40.51 -21.00
C VAL B 299 -3.55 41.95 -20.82
N PHE B 300 -3.87 42.79 -21.81
CA PHE B 300 -3.48 44.19 -21.79
C PHE B 300 -4.56 45.22 -21.45
N LYS B 301 -5.80 44.79 -21.27
CA LYS B 301 -6.88 45.72 -20.96
C LYS B 301 -7.41 45.54 -19.54
N GLY B 302 -7.65 44.30 -19.15
CA GLY B 302 -8.14 44.02 -17.81
C GLY B 302 -7.61 42.71 -17.27
N ALA B 303 -8.42 42.02 -16.48
CA ALA B 303 -8.04 40.74 -15.90
C ALA B 303 -8.61 39.62 -16.78
N VAL B 304 -7.83 38.56 -16.99
CA VAL B 304 -8.26 37.43 -17.82
C VAL B 304 -9.02 36.36 -17.03
N LEU B 305 -10.11 35.87 -17.62
CA LEU B 305 -10.98 34.83 -17.03
C LEU B 305 -10.48 33.44 -17.49
N ILE B 306 -10.32 32.51 -16.54
CA ILE B 306 -9.88 31.15 -16.87
C ILE B 306 -10.97 30.52 -17.72
N ALA B 311 -13.73 19.50 -23.85
CA ALA B 311 -14.76 19.32 -22.84
C ALA B 311 -14.63 17.95 -22.19
N VAL B 312 -13.76 17.11 -22.75
CA VAL B 312 -13.55 15.77 -22.24
C VAL B 312 -13.12 15.83 -20.78
N THR B 313 -12.29 16.82 -20.46
CA THR B 313 -11.79 16.98 -19.09
C THR B 313 -12.86 16.87 -18.01
N LEU B 314 -13.72 17.88 -17.89
CA LEU B 314 -14.80 17.95 -16.88
C LEU B 314 -15.27 16.66 -16.19
N MET B 315 -14.68 15.53 -16.60
CA MET B 315 -14.96 14.22 -16.04
C MET B 315 -13.70 13.78 -15.27
N MET B 316 -12.69 14.64 -15.29
CA MET B 316 -11.41 14.35 -14.64
C MET B 316 -10.78 15.54 -13.92
N ASP B 317 -10.04 15.23 -12.84
CA ASP B 317 -9.36 16.23 -12.03
C ASP B 317 -7.86 15.94 -12.13
N ALA B 318 -7.03 16.85 -11.66
CA ALA B 318 -5.58 16.66 -11.75
C ALA B 318 -4.97 15.91 -10.57
N THR B 319 -5.43 14.69 -10.31
CA THR B 319 -4.91 13.92 -9.18
C THR B 319 -4.27 12.57 -9.52
N ASN B 320 -4.21 12.26 -10.82
CA ASN B 320 -3.53 11.05 -11.28
C ASN B 320 -2.80 11.44 -12.56
N MET B 321 -1.61 10.89 -12.76
CA MET B 321 -0.77 11.25 -13.90
C MET B 321 -1.39 11.20 -15.29
N PRO B 322 -2.09 10.10 -15.63
CA PRO B 322 -2.68 10.07 -16.98
C PRO B 322 -3.71 11.18 -17.19
N ALA B 323 -4.48 11.49 -16.16
CA ALA B 323 -5.49 12.53 -16.27
C ALA B 323 -4.83 13.90 -16.42
N VAL B 324 -3.76 14.13 -15.67
CA VAL B 324 -3.03 15.39 -15.77
C VAL B 324 -2.49 15.55 -17.19
N LYS B 325 -1.94 14.47 -17.76
CA LYS B 325 -1.43 14.52 -19.13
C LYS B 325 -2.56 14.93 -20.08
N ALA B 326 -3.72 14.29 -19.95
CA ALA B 326 -4.86 14.58 -20.80
C ALA B 326 -5.26 16.06 -20.72
N ILE B 327 -5.34 16.56 -19.50
CA ILE B 327 -5.70 17.95 -19.27
C ILE B 327 -4.70 18.88 -19.95
N ILE B 328 -3.42 18.56 -19.81
CA ILE B 328 -2.38 19.38 -20.40
C ILE B 328 -2.50 19.33 -21.93
N TYR B 329 -2.71 18.14 -22.48
CA TYR B 329 -2.84 18.01 -23.93
C TYR B 329 -4.04 18.79 -24.46
N GLN B 330 -5.16 18.75 -23.74
CA GLN B 330 -6.31 19.51 -24.18
C GLN B 330 -5.95 20.98 -24.26
N TYR B 331 -5.33 21.50 -23.20
CA TYR B 331 -4.94 22.90 -23.18
C TYR B 331 -3.97 23.24 -24.31
N MET B 332 -3.10 22.30 -24.66
CA MET B 332 -2.15 22.52 -25.74
C MET B 332 -2.86 22.67 -27.08
N GLU B 333 -3.92 21.92 -27.27
CA GLU B 333 -4.70 21.97 -28.53
C GLU B 333 -5.51 23.25 -28.57
N GLU B 334 -5.91 23.76 -27.40
CA GLU B 334 -6.68 25.00 -27.33
C GLU B 334 -5.82 26.14 -27.85
N ILE B 335 -4.54 26.09 -27.51
CA ILE B 335 -3.60 27.11 -27.96
C ILE B 335 -3.26 26.85 -29.41
N TYR B 336 -3.03 25.59 -29.74
CA TYR B 336 -2.66 25.21 -31.09
C TYR B 336 -3.60 25.69 -32.19
N HIS B 337 -4.89 25.40 -32.08
CA HIS B 337 -5.82 25.81 -33.13
C HIS B 337 -6.13 27.31 -33.12
N ARG B 338 -5.56 28.03 -32.15
CA ARG B 338 -5.78 29.47 -32.04
C ARG B 338 -4.58 30.25 -32.55
N ILE B 339 -3.51 29.53 -32.89
CA ILE B 339 -2.30 30.18 -33.39
C ILE B 339 -2.54 30.90 -34.72
N PRO B 340 -2.34 32.21 -34.75
CA PRO B 340 -2.52 33.00 -35.98
C PRO B 340 -1.36 32.69 -36.91
N ASP B 341 -1.63 32.37 -38.17
CA ASP B 341 -0.57 32.05 -39.10
C ASP B 341 0.33 33.27 -39.27
N SER B 342 -0.29 34.45 -39.16
CA SER B 342 0.44 35.70 -39.30
C SER B 342 1.39 35.99 -38.15
N ASN B 343 1.08 35.43 -36.97
CA ASN B 343 1.88 35.60 -35.77
C ASN B 343 3.29 35.14 -36.10
N PRO B 344 4.32 35.91 -35.70
CA PRO B 344 5.73 35.61 -35.96
C PRO B 344 6.35 34.49 -35.13
N SER B 345 5.61 34.00 -34.15
CA SER B 345 6.06 32.90 -33.30
C SER B 345 5.35 31.63 -33.76
N SER B 346 4.34 31.82 -34.60
CA SER B 346 3.51 30.74 -35.14
C SER B 346 4.25 29.42 -35.31
N SER B 347 5.44 29.45 -35.92
CA SER B 347 6.19 28.21 -36.12
C SER B 347 6.84 27.71 -34.84
N LYS B 348 7.30 28.63 -33.99
CA LYS B 348 7.93 28.25 -32.73
C LYS B 348 6.89 27.58 -31.82
N THR B 349 5.70 28.17 -31.78
CA THR B 349 4.61 27.68 -30.97
C THR B 349 4.21 26.25 -31.37
N ARG B 350 4.05 26.01 -32.66
CA ARG B 350 3.67 24.69 -33.16
C ARG B 350 4.74 23.66 -32.85
N GLN B 351 6.00 24.03 -33.06
CA GLN B 351 7.10 23.12 -32.80
C GLN B 351 7.16 22.61 -31.35
N ILE B 352 7.08 23.51 -30.38
CA ILE B 352 7.14 23.08 -28.98
C ILE B 352 5.89 22.28 -28.60
N ILE B 353 4.72 22.69 -29.09
CA ILE B 353 3.48 21.98 -28.78
C ILE B 353 3.52 20.58 -29.40
N SER B 354 4.07 20.48 -30.59
CA SER B 354 4.19 19.18 -31.25
C SER B 354 5.16 18.33 -30.43
N THR B 355 6.26 18.95 -29.97
CA THR B 355 7.26 18.25 -29.17
C THR B 355 6.65 17.69 -27.88
N ILE B 356 5.75 18.45 -27.27
CA ILE B 356 5.10 18.01 -26.04
C ILE B 356 4.16 16.84 -26.36
N ARG B 357 3.43 16.97 -27.45
CA ARG B 357 2.47 15.94 -27.90
C ARG B 357 3.09 14.59 -28.16
N THR B 358 4.27 14.59 -28.78
CA THR B 358 4.92 13.35 -29.15
C THR B 358 5.86 12.80 -28.07
N GLN B 359 6.18 13.62 -27.08
CA GLN B 359 7.05 13.19 -26.00
C GLN B 359 6.54 11.92 -25.33
N ASN B 360 7.46 11.01 -25.03
CA ASN B 360 7.12 9.75 -24.38
C ASN B 360 6.64 10.01 -22.95
N LEU C 26 12.03 11.11 -31.70
CA LEU C 26 12.20 12.37 -32.42
C LEU C 26 11.92 12.12 -33.90
N SER C 27 10.91 11.29 -34.19
CA SER C 27 10.53 10.97 -35.56
C SER C 27 9.59 12.02 -36.15
N SER C 28 9.96 12.60 -37.28
CA SER C 28 9.13 13.63 -37.89
C SER C 28 7.82 13.04 -38.42
N SER C 29 7.84 11.77 -38.81
CA SER C 29 6.62 11.15 -39.31
C SER C 29 5.69 10.86 -38.15
N LEU C 30 6.24 10.46 -37.01
CA LEU C 30 5.42 10.18 -35.84
C LEU C 30 4.77 11.43 -35.26
N LYS C 31 5.44 12.57 -35.30
CA LYS C 31 4.78 13.75 -34.76
C LYS C 31 3.75 14.28 -35.75
N THR C 32 3.97 14.04 -37.04
CA THR C 32 3.01 14.46 -38.05
C THR C 32 1.74 13.66 -37.77
N CYS C 33 1.91 12.40 -37.39
CA CYS C 33 0.77 11.55 -37.07
C CYS C 33 -0.02 12.15 -35.90
N TYR C 34 0.70 12.56 -34.85
CA TYR C 34 0.06 13.16 -33.69
C TYR C 34 -0.55 14.51 -34.05
N LYS C 35 0.00 15.18 -35.05
CA LYS C 35 -0.57 16.43 -35.47
C LYS C 35 -1.95 16.09 -36.07
N TYR C 36 -2.00 15.08 -36.93
CA TYR C 36 -3.27 14.69 -37.53
C TYR C 36 -4.28 14.22 -36.48
N LEU C 37 -3.82 13.49 -35.47
CA LEU C 37 -4.72 12.99 -34.44
C LEU C 37 -5.46 14.15 -33.76
N ASN C 38 -4.71 15.16 -33.31
CA ASN C 38 -5.27 16.33 -32.64
C ASN C 38 -6.14 17.16 -33.58
N GLN C 39 -5.76 17.16 -34.85
CA GLN C 39 -6.47 17.90 -35.87
C GLN C 39 -7.81 17.26 -36.25
N THR C 40 -7.88 15.93 -36.20
CA THR C 40 -9.10 15.22 -36.57
C THR C 40 -9.92 14.60 -35.45
N SER C 41 -9.43 14.70 -34.21
CA SER C 41 -10.15 14.12 -33.08
C SER C 41 -10.36 15.07 -31.93
N ARG C 42 -11.56 15.63 -31.84
CA ARG C 42 -11.86 16.56 -30.76
C ARG C 42 -12.01 15.92 -29.39
N SER C 43 -12.40 14.65 -29.32
CA SER C 43 -12.59 14.04 -28.02
C SER C 43 -11.78 12.81 -27.62
N PHE C 44 -10.80 12.41 -28.42
CA PHE C 44 -10.00 11.23 -28.06
C PHE C 44 -8.50 11.48 -28.06
N ALA C 45 -8.08 12.54 -28.73
CA ALA C 45 -6.65 12.85 -28.82
C ALA C 45 -5.95 12.93 -27.45
N ALA C 46 -6.54 13.62 -26.49
CA ALA C 46 -5.95 13.77 -25.15
C ALA C 46 -5.78 12.46 -24.37
N VAL C 47 -6.86 11.67 -24.25
CA VAL C 47 -6.79 10.40 -23.53
C VAL C 47 -5.91 9.37 -24.27
N ILE C 48 -5.84 9.48 -25.60
CA ILE C 48 -5.00 8.56 -26.36
C ILE C 48 -3.54 8.90 -26.05
N GLN C 49 -3.22 10.18 -26.11
CA GLN C 49 -1.87 10.66 -25.85
C GLN C 49 -1.45 10.36 -24.42
N ALA C 50 -2.42 10.27 -23.52
CA ALA C 50 -2.11 9.98 -22.12
C ALA C 50 -1.92 8.48 -21.84
N LEU C 51 -2.06 7.65 -22.87
CA LEU C 51 -1.90 6.22 -22.70
C LEU C 51 -0.44 5.79 -22.40
N ASP C 52 -0.27 4.83 -21.50
CA ASP C 52 1.07 4.34 -21.15
C ASP C 52 1.81 3.63 -22.29
N GLY C 53 3.14 3.66 -22.20
CA GLY C 53 4.02 3.00 -23.15
C GLY C 53 3.60 2.70 -24.58
N GLU C 54 3.68 1.44 -24.96
CA GLU C 54 3.36 1.01 -26.33
C GLU C 54 1.94 1.23 -26.80
N MET C 55 0.99 1.36 -25.87
CA MET C 55 -0.40 1.58 -26.26
C MET C 55 -0.58 2.94 -26.91
N ARG C 56 0.23 3.90 -26.49
CA ARG C 56 0.15 5.26 -27.00
C ARG C 56 0.18 5.35 -28.52
N ASN C 57 1.28 4.89 -29.12
CA ASN C 57 1.42 4.93 -30.57
C ASN C 57 0.45 4.01 -31.30
N ALA C 58 0.28 2.80 -30.78
CA ALA C 58 -0.61 1.81 -31.39
C ALA C 58 -2.03 2.35 -31.54
N VAL C 59 -2.55 2.97 -30.49
CA VAL C 59 -3.90 3.52 -30.51
C VAL C 59 -3.98 4.79 -31.35
N CYS C 60 -2.89 5.55 -31.36
CA CYS C 60 -2.87 6.76 -32.15
C CYS C 60 -2.96 6.38 -33.63
N ILE C 61 -2.15 5.39 -34.02
CA ILE C 61 -2.13 4.91 -35.40
C ILE C 61 -3.46 4.26 -35.76
N PHE C 62 -4.00 3.48 -34.84
CA PHE C 62 -5.28 2.79 -35.05
C PHE C 62 -6.36 3.83 -35.37
N TYR C 63 -6.36 4.91 -34.61
CA TYR C 63 -7.35 5.95 -34.82
C TYR C 63 -7.21 6.61 -36.19
N LEU C 64 -5.97 6.91 -36.57
CA LEU C 64 -5.73 7.55 -37.85
C LEU C 64 -6.17 6.69 -39.04
N VAL C 65 -5.80 5.42 -39.05
CA VAL C 65 -6.20 4.57 -40.16
C VAL C 65 -7.73 4.45 -40.25
N LEU C 66 -8.41 4.39 -39.10
CA LEU C 66 -9.87 4.30 -39.11
C LEU C 66 -10.46 5.63 -39.59
N ARG C 67 -9.81 6.74 -39.19
CA ARG C 67 -10.27 8.06 -39.61
C ARG C 67 -10.17 8.17 -41.13
N ALA C 68 -9.11 7.60 -41.70
CA ALA C 68 -8.89 7.64 -43.14
C ALA C 68 -9.94 6.78 -43.83
N LEU C 69 -10.16 5.58 -43.29
CA LEU C 69 -11.15 4.66 -43.85
C LEU C 69 -12.55 5.28 -43.83
N ASP C 70 -12.89 5.95 -42.73
CA ASP C 70 -14.19 6.58 -42.58
C ASP C 70 -14.32 7.76 -43.55
N THR C 71 -13.20 8.43 -43.81
CA THR C 71 -13.22 9.57 -44.72
C THR C 71 -13.54 9.13 -46.14
N LEU C 72 -13.11 7.91 -46.50
CA LEU C 72 -13.40 7.37 -47.83
C LEU C 72 -14.87 7.01 -47.91
N GLU C 73 -15.31 6.19 -46.95
CA GLU C 73 -16.69 5.73 -46.87
C GLU C 73 -17.68 6.88 -46.95
N ASP C 74 -17.38 7.96 -46.24
CA ASP C 74 -18.28 9.09 -46.17
C ASP C 74 -18.22 10.06 -47.35
N ASP C 75 -17.16 9.97 -48.15
CA ASP C 75 -17.02 10.87 -49.27
C ASP C 75 -18.02 10.49 -50.37
N MET C 76 -18.99 11.35 -50.63
CA MET C 76 -20.02 11.06 -51.63
C MET C 76 -19.61 11.38 -53.06
N THR C 77 -18.41 11.91 -53.25
CA THR C 77 -17.94 12.23 -54.59
C THR C 77 -17.15 11.03 -55.14
N ILE C 78 -16.99 10.02 -54.30
CA ILE C 78 -16.29 8.80 -54.68
C ILE C 78 -17.37 7.80 -55.08
N SER C 79 -17.37 7.40 -56.35
CA SER C 79 -18.39 6.49 -56.85
C SER C 79 -18.39 5.12 -56.18
N VAL C 80 -19.56 4.51 -56.13
CA VAL C 80 -19.71 3.18 -55.54
C VAL C 80 -18.71 2.26 -56.23
N GLU C 81 -18.58 2.41 -57.54
CA GLU C 81 -17.63 1.61 -58.30
C GLU C 81 -16.22 1.74 -57.73
N LYS C 82 -15.81 2.96 -57.39
CA LYS C 82 -14.48 3.17 -56.82
C LYS C 82 -14.39 2.86 -55.34
N LYS C 83 -15.44 3.18 -54.60
CA LYS C 83 -15.48 2.97 -53.15
C LYS C 83 -15.41 1.52 -52.67
N VAL C 84 -16.19 0.64 -53.29
CA VAL C 84 -16.19 -0.74 -52.86
C VAL C 84 -14.78 -1.32 -52.80
N PRO C 85 -13.98 -1.17 -53.88
CA PRO C 85 -12.62 -1.71 -53.82
C PRO C 85 -11.76 -1.02 -52.75
N LEU C 86 -12.05 0.25 -52.47
CA LEU C 86 -11.28 0.99 -51.48
C LEU C 86 -11.57 0.51 -50.07
N LEU C 87 -12.84 0.22 -49.78
CA LEU C 87 -13.21 -0.24 -48.45
C LEU C 87 -12.73 -1.67 -48.23
N HIS C 88 -12.92 -2.52 -49.24
CA HIS C 88 -12.51 -3.91 -49.16
C HIS C 88 -10.99 -4.10 -49.05
N ASN C 89 -10.24 -3.26 -49.74
CA ASN C 89 -8.78 -3.41 -49.73
C ASN C 89 -8.02 -2.46 -48.81
N PHE C 90 -8.72 -1.51 -48.20
CA PHE C 90 -8.05 -0.56 -47.33
C PHE C 90 -6.99 -1.19 -46.41
N HIS C 91 -7.35 -2.28 -45.75
CA HIS C 91 -6.42 -2.94 -44.83
C HIS C 91 -5.10 -3.30 -45.51
N SER C 92 -5.13 -3.62 -46.81
CA SER C 92 -3.90 -3.96 -47.51
C SER C 92 -3.05 -2.72 -47.82
N PHE C 93 -3.68 -1.54 -47.87
CA PHE C 93 -2.92 -0.32 -48.16
C PHE C 93 -1.92 -0.05 -47.04
N LEU C 94 -2.21 -0.56 -45.85
CA LEU C 94 -1.33 -0.38 -44.70
C LEU C 94 0.05 -0.95 -44.98
N TYR C 95 0.11 -1.97 -45.84
CA TYR C 95 1.37 -2.62 -46.16
C TYR C 95 2.03 -2.07 -47.41
N GLN C 96 1.33 -1.22 -48.16
CA GLN C 96 1.88 -0.66 -49.39
C GLN C 96 2.44 0.74 -49.15
N PRO C 97 3.77 0.84 -48.97
CA PRO C 97 4.53 2.06 -48.70
C PRO C 97 4.13 3.35 -49.41
N ASP C 98 3.74 3.24 -50.68
CA ASP C 98 3.38 4.42 -51.45
C ASP C 98 1.89 4.64 -51.71
N TRP C 99 1.03 3.77 -51.20
CA TRP C 99 -0.38 3.98 -51.46
C TRP C 99 -0.83 5.28 -50.83
N ARG C 100 -1.74 5.97 -51.52
CA ARG C 100 -2.30 7.24 -51.06
C ARG C 100 -3.54 7.50 -51.91
N PHE C 101 -4.33 8.50 -51.54
CA PHE C 101 -5.54 8.84 -52.28
C PHE C 101 -5.59 10.35 -52.38
N MET C 102 -5.59 10.86 -53.61
CA MET C 102 -5.59 12.30 -53.83
C MET C 102 -6.90 12.89 -54.35
N GLU C 103 -7.98 12.12 -54.38
CA GLU C 103 -9.26 12.62 -54.88
C GLU C 103 -10.34 12.89 -53.85
N SER C 104 -9.99 12.90 -52.57
CA SER C 104 -11.01 13.16 -51.57
C SER C 104 -11.39 14.63 -51.51
N LYS C 105 -12.66 14.90 -51.24
CA LYS C 105 -13.15 16.27 -51.13
C LYS C 105 -13.59 16.51 -49.69
N GLU C 106 -13.19 15.62 -48.80
CA GLU C 106 -13.57 15.73 -47.39
C GLU C 106 -12.60 16.65 -46.64
N LYS C 107 -12.99 17.08 -45.45
CA LYS C 107 -12.14 17.97 -44.68
C LYS C 107 -10.89 17.28 -44.15
N ASP C 108 -11.00 16.00 -43.79
CA ASP C 108 -9.85 15.27 -43.27
C ASP C 108 -9.04 14.54 -44.34
N ARG C 109 -9.20 14.95 -45.59
CA ARG C 109 -8.49 14.32 -46.70
C ARG C 109 -6.98 14.28 -46.53
N GLN C 110 -6.44 15.15 -45.67
CA GLN C 110 -4.99 15.17 -45.46
C GLN C 110 -4.44 13.80 -45.04
N VAL C 111 -5.19 13.06 -44.23
CA VAL C 111 -4.73 11.74 -43.78
C VAL C 111 -4.68 10.75 -44.94
N LEU C 112 -5.50 10.99 -45.97
CA LEU C 112 -5.53 10.12 -47.13
C LEU C 112 -4.40 10.52 -48.10
N GLU C 113 -4.22 11.81 -48.31
CA GLU C 113 -3.18 12.26 -49.22
C GLU C 113 -1.78 11.97 -48.67
N ASP C 114 -1.65 11.98 -47.34
CA ASP C 114 -0.36 11.71 -46.70
C ASP C 114 -0.35 10.36 -45.99
N PHE C 115 -1.12 9.42 -46.54
CA PHE C 115 -1.23 8.10 -45.94
C PHE C 115 0.10 7.35 -45.78
N PRO C 116 1.05 7.55 -46.70
CA PRO C 116 2.33 6.85 -46.55
C PRO C 116 3.00 7.16 -45.21
N THR C 117 2.79 8.37 -44.71
CA THR C 117 3.38 8.74 -43.43
C THR C 117 2.71 7.94 -42.30
N ILE C 118 1.40 7.79 -42.40
CA ILE C 118 0.68 7.04 -41.39
C ILE C 118 0.98 5.55 -41.50
N SER C 119 0.99 5.02 -42.72
CA SER C 119 1.26 3.60 -42.90
C SER C 119 2.68 3.25 -42.49
N LEU C 120 3.60 4.19 -42.69
CA LEU C 120 4.99 3.95 -42.31
C LEU C 120 5.01 3.65 -40.82
N GLU C 121 4.37 4.53 -40.05
CA GLU C 121 4.30 4.36 -38.60
C GLU C 121 3.51 3.11 -38.23
N PHE C 122 2.55 2.74 -39.06
CA PHE C 122 1.78 1.53 -38.78
C PHE C 122 2.73 0.34 -38.81
N ARG C 123 3.59 0.30 -39.82
CA ARG C 123 4.54 -0.80 -39.96
C ARG C 123 5.66 -0.80 -38.92
N ASN C 124 5.85 0.31 -38.20
CA ASN C 124 6.89 0.35 -37.18
C ASN C 124 6.41 -0.18 -35.83
N LEU C 125 5.11 -0.41 -35.72
CA LEU C 125 4.53 -0.94 -34.50
C LEU C 125 4.91 -2.41 -34.42
N ALA C 126 4.96 -2.95 -33.20
CA ALA C 126 5.28 -4.36 -33.02
C ALA C 126 4.28 -5.18 -33.83
N GLU C 127 4.76 -6.26 -34.43
CA GLU C 127 3.90 -7.10 -35.27
C GLU C 127 2.55 -7.45 -34.63
N LYS C 128 2.54 -7.71 -33.33
CA LYS C 128 1.31 -8.08 -32.63
C LYS C 128 0.23 -7.01 -32.70
N TYR C 129 0.63 -5.75 -32.74
CA TYR C 129 -0.35 -4.68 -32.82
C TYR C 129 -0.85 -4.59 -34.24
N GLN C 130 0.06 -4.81 -35.19
CA GLN C 130 -0.28 -4.75 -36.61
C GLN C 130 -1.39 -5.73 -36.92
N THR C 131 -1.26 -6.94 -36.38
CA THR C 131 -2.26 -7.98 -36.61
C THR C 131 -3.65 -7.48 -36.25
N VAL C 132 -3.75 -6.84 -35.08
CA VAL C 132 -5.03 -6.33 -34.59
C VAL C 132 -5.63 -5.22 -35.45
N ILE C 133 -4.88 -4.15 -35.63
CA ILE C 133 -5.32 -3.02 -36.42
C ILE C 133 -5.74 -3.42 -37.85
N ALA C 134 -4.90 -4.21 -38.52
CA ALA C 134 -5.20 -4.63 -39.88
C ALA C 134 -6.47 -5.48 -39.94
N ASP C 135 -6.60 -6.40 -38.99
CA ASP C 135 -7.77 -7.28 -38.93
C ASP C 135 -9.07 -6.49 -38.84
N ILE C 136 -9.05 -5.46 -38.00
CA ILE C 136 -10.22 -4.63 -37.79
C ILE C 136 -10.52 -3.79 -39.04
N CYS C 137 -9.48 -3.25 -39.67
CA CYS C 137 -9.69 -2.46 -40.89
C CYS C 137 -10.27 -3.37 -41.96
N ARG C 138 -9.81 -4.61 -42.01
CA ARG C 138 -10.30 -5.57 -43.01
C ARG C 138 -11.78 -5.86 -42.81
N ARG C 139 -12.13 -6.20 -41.57
CA ARG C 139 -13.50 -6.51 -41.22
C ARG C 139 -14.43 -5.30 -41.36
N MET C 140 -13.96 -4.13 -40.95
CA MET C 140 -14.77 -2.92 -41.06
C MET C 140 -14.99 -2.58 -42.53
N GLY C 141 -13.92 -2.69 -43.32
CA GLY C 141 -14.02 -2.40 -44.74
C GLY C 141 -15.16 -3.15 -45.37
N ILE C 142 -15.20 -4.45 -45.14
CA ILE C 142 -16.25 -5.30 -45.68
C ILE C 142 -17.65 -4.88 -45.19
N GLY C 143 -17.76 -4.56 -43.91
CA GLY C 143 -19.05 -4.18 -43.37
C GLY C 143 -19.58 -2.89 -43.96
N MET C 144 -18.70 -1.89 -44.11
CA MET C 144 -19.10 -0.61 -44.69
C MET C 144 -19.55 -0.83 -46.14
N ALA C 145 -18.80 -1.65 -46.88
CA ALA C 145 -19.12 -1.94 -48.26
C ALA C 145 -20.51 -2.56 -48.32
N GLU C 146 -20.79 -3.45 -47.40
CA GLU C 146 -22.08 -4.13 -47.33
C GLU C 146 -23.25 -3.16 -47.11
N PHE C 147 -22.97 -1.99 -46.53
CA PHE C 147 -24.02 -1.01 -46.25
C PHE C 147 -24.13 0.20 -47.18
N LEU C 148 -23.25 0.28 -48.19
CA LEU C 148 -23.31 1.40 -49.11
C LEU C 148 -24.66 1.44 -49.85
N ASP C 149 -25.17 0.25 -50.17
CA ASP C 149 -26.41 0.09 -50.91
C ASP C 149 -27.69 0.01 -50.08
N LYS C 150 -27.59 0.06 -48.77
CA LYS C 150 -28.79 -0.03 -47.93
C LYS C 150 -28.82 0.88 -46.71
N HIS C 151 -30.01 0.96 -46.12
CA HIS C 151 -30.25 1.74 -44.91
C HIS C 151 -30.41 0.69 -43.83
N VAL C 152 -30.55 1.14 -42.58
CA VAL C 152 -30.73 0.20 -41.48
C VAL C 152 -32.21 -0.09 -41.32
N THR C 153 -32.56 -1.36 -41.38
CA THR C 153 -33.96 -1.76 -41.25
C THR C 153 -34.34 -2.21 -39.83
N SER C 154 -33.98 -3.44 -39.49
CA SER C 154 -34.30 -3.97 -38.17
C SER C 154 -33.33 -3.51 -37.08
N GLU C 155 -33.67 -3.83 -35.84
CA GLU C 155 -32.82 -3.48 -34.72
C GLU C 155 -31.61 -4.40 -34.79
N GLN C 156 -31.81 -5.58 -35.39
CA GLN C 156 -30.73 -6.55 -35.53
C GLN C 156 -29.72 -5.97 -36.51
N GLU C 157 -30.23 -5.26 -37.51
CA GLU C 157 -29.36 -4.63 -38.51
C GLU C 157 -28.67 -3.41 -37.91
N TRP C 158 -29.32 -2.76 -36.95
CA TRP C 158 -28.72 -1.60 -36.32
C TRP C 158 -27.50 -2.08 -35.53
N ASP C 159 -27.64 -3.22 -34.87
CA ASP C 159 -26.55 -3.79 -34.10
C ASP C 159 -25.40 -4.15 -35.04
N LYS C 160 -25.74 -4.72 -36.20
CA LYS C 160 -24.75 -5.12 -37.18
C LYS C 160 -23.98 -3.92 -37.75
N TYR C 161 -24.70 -2.86 -38.09
CA TYR C 161 -24.05 -1.66 -38.63
C TYR C 161 -23.13 -1.08 -37.57
N CYS C 162 -23.64 -0.96 -36.34
CA CYS C 162 -22.86 -0.41 -35.24
C CYS C 162 -21.68 -1.32 -34.91
N HIS C 163 -21.83 -2.61 -35.10
CA HIS C 163 -20.75 -3.55 -34.84
C HIS C 163 -19.61 -3.22 -35.80
N TYR C 164 -19.94 -3.11 -37.07
CA TYR C 164 -18.96 -2.81 -38.11
C TYR C 164 -18.17 -1.51 -37.92
N VAL C 165 -18.87 -0.42 -37.60
CA VAL C 165 -18.20 0.86 -37.45
C VAL C 165 -17.74 1.26 -36.05
N ALA C 166 -18.19 0.55 -35.01
CA ALA C 166 -17.79 0.90 -33.63
C ALA C 166 -17.50 -0.30 -32.75
N GLY C 167 -18.37 -1.31 -32.82
CA GLY C 167 -18.17 -2.50 -32.01
C GLY C 167 -16.83 -3.15 -32.31
N LEU C 168 -16.50 -3.26 -33.59
CA LEU C 168 -15.22 -3.84 -33.98
C LEU C 168 -14.07 -3.02 -33.41
N VAL C 169 -14.28 -1.71 -33.26
CA VAL C 169 -13.25 -0.85 -32.70
C VAL C 169 -13.09 -1.19 -31.21
N GLY C 170 -14.21 -1.41 -30.54
CA GLY C 170 -14.16 -1.75 -29.12
C GLY C 170 -13.35 -3.04 -28.97
N ILE C 171 -13.60 -3.99 -29.87
CA ILE C 171 -12.89 -5.27 -29.85
C ILE C 171 -11.41 -5.07 -30.15
N GLY C 172 -11.12 -4.28 -31.18
CA GLY C 172 -9.74 -4.01 -31.54
C GLY C 172 -8.96 -3.36 -30.40
N LEU C 173 -9.54 -2.31 -29.82
CA LEU C 173 -8.88 -1.62 -28.72
C LEU C 173 -8.59 -2.57 -27.57
N SER C 174 -9.55 -3.43 -27.26
CA SER C 174 -9.41 -4.39 -26.17
C SER C 174 -8.27 -5.36 -26.46
N ARG C 175 -8.13 -5.76 -27.73
CA ARG C 175 -7.06 -6.69 -28.10
C ARG C 175 -5.71 -6.00 -28.01
N LEU C 176 -5.67 -4.70 -28.27
CA LEU C 176 -4.42 -3.97 -28.16
C LEU C 176 -4.04 -3.91 -26.68
N PHE C 177 -5.02 -3.65 -25.80
CA PHE C 177 -4.72 -3.60 -24.37
C PHE C 177 -4.15 -4.92 -23.87
N SER C 178 -4.78 -6.03 -24.21
CA SER C 178 -4.31 -7.34 -23.77
C SER C 178 -2.96 -7.70 -24.40
N ALA C 179 -2.77 -7.34 -25.67
CA ALA C 179 -1.52 -7.64 -26.36
C ALA C 179 -0.37 -6.88 -25.69
N SER C 180 -0.64 -5.64 -25.28
CA SER C 180 0.39 -4.82 -24.64
C SER C 180 0.70 -5.33 -23.24
N GLU C 181 -0.22 -6.11 -22.70
CA GLU C 181 -0.08 -6.68 -21.37
C GLU C 181 -0.35 -5.70 -20.23
N PHE C 182 -0.91 -4.53 -20.56
CA PHE C 182 -1.25 -3.57 -19.52
C PHE C 182 -2.59 -3.97 -18.92
N GLU C 183 -3.29 -4.86 -19.61
CA GLU C 183 -4.58 -5.40 -19.15
C GLU C 183 -4.52 -6.92 -19.29
N ASP C 184 -5.38 -7.63 -18.56
CA ASP C 184 -5.39 -9.08 -18.63
C ASP C 184 -5.93 -9.57 -19.97
N PRO C 185 -5.61 -10.83 -20.32
CA PRO C 185 -6.07 -11.42 -21.58
C PRO C 185 -7.59 -11.41 -21.71
N LEU C 186 -8.29 -11.38 -20.58
CA LEU C 186 -9.74 -11.40 -20.61
C LEU C 186 -10.32 -10.20 -21.35
N VAL C 187 -9.68 -9.05 -21.20
CA VAL C 187 -10.16 -7.84 -21.85
C VAL C 187 -10.25 -8.06 -23.36
N GLY C 188 -9.22 -8.69 -23.92
CA GLY C 188 -9.19 -8.95 -25.34
C GLY C 188 -10.05 -10.12 -25.78
N GLU C 189 -10.21 -11.12 -24.92
CA GLU C 189 -11.00 -12.29 -25.25
C GLU C 189 -12.52 -12.09 -25.23
N ASP C 190 -13.03 -11.37 -24.24
CA ASP C 190 -14.48 -11.14 -24.15
C ASP C 190 -14.92 -10.13 -25.18
N THR C 191 -15.07 -10.59 -26.42
CA THR C 191 -15.46 -9.72 -27.53
C THR C 191 -16.87 -9.16 -27.40
N GLU C 192 -17.75 -9.90 -26.74
CA GLU C 192 -19.11 -9.41 -26.60
C GLU C 192 -19.13 -8.14 -25.76
N ARG C 193 -18.42 -8.16 -24.63
CA ARG C 193 -18.38 -6.96 -23.79
C ARG C 193 -17.64 -5.83 -24.49
N ALA C 194 -16.60 -6.16 -25.24
CA ALA C 194 -15.84 -5.16 -25.98
C ALA C 194 -16.73 -4.54 -27.07
N ASN C 195 -17.53 -5.38 -27.70
CA ASN C 195 -18.44 -4.93 -28.75
C ASN C 195 -19.49 -3.97 -28.16
N SER C 196 -19.99 -4.29 -26.96
CA SER C 196 -20.98 -3.44 -26.30
C SER C 196 -20.46 -2.03 -26.04
N MET C 197 -19.17 -1.91 -25.71
CA MET C 197 -18.60 -0.59 -25.47
C MET C 197 -18.75 0.27 -26.74
N GLY C 198 -18.48 -0.32 -27.90
CA GLY C 198 -18.61 0.41 -29.15
C GLY C 198 -20.05 0.69 -29.54
N LEU C 199 -20.93 -0.29 -29.42
CA LEU C 199 -22.33 -0.08 -29.78
C LEU C 199 -22.93 1.03 -28.97
N PHE C 200 -22.64 1.05 -27.68
CA PHE C 200 -23.20 2.09 -26.83
C PHE C 200 -22.82 3.48 -27.32
N LEU C 201 -21.54 3.70 -27.61
CA LEU C 201 -21.11 5.00 -28.08
C LEU C 201 -21.74 5.35 -29.42
N GLN C 202 -21.74 4.39 -30.35
CA GLN C 202 -22.29 4.62 -31.68
C GLN C 202 -23.79 4.91 -31.63
N LYS C 203 -24.54 4.08 -30.92
CA LYS C 203 -25.97 4.31 -30.81
C LYS C 203 -26.25 5.65 -30.18
N THR C 204 -25.42 6.06 -29.23
CA THR C 204 -25.64 7.33 -28.58
C THR C 204 -25.40 8.45 -29.57
N ASN C 205 -24.31 8.36 -30.34
CA ASN C 205 -24.04 9.42 -31.31
C ASN C 205 -25.14 9.51 -32.37
N ILE C 206 -25.64 8.36 -32.82
CA ILE C 206 -26.69 8.34 -33.83
C ILE C 206 -27.97 8.97 -33.31
N ILE C 207 -28.30 8.70 -32.06
CA ILE C 207 -29.49 9.27 -31.46
C ILE C 207 -29.35 10.79 -31.34
N ARG C 208 -28.20 11.22 -30.85
CA ARG C 208 -27.93 12.63 -30.64
C ARG C 208 -27.88 13.44 -31.94
N ASP C 209 -27.28 12.85 -32.98
CA ASP C 209 -27.14 13.54 -34.26
C ASP C 209 -28.28 13.36 -35.26
N TYR C 210 -29.48 13.05 -34.79
CA TYR C 210 -30.60 12.87 -35.70
C TYR C 210 -30.76 14.02 -36.68
N LEU C 211 -30.96 15.21 -36.15
CA LEU C 211 -31.17 16.40 -36.97
C LEU C 211 -30.01 16.77 -37.89
N GLU C 212 -28.78 16.62 -37.40
CA GLU C 212 -27.61 16.94 -38.20
C GLU C 212 -27.50 16.01 -39.40
N ASP C 213 -27.68 14.71 -39.16
CA ASP C 213 -27.61 13.72 -40.23
C ASP C 213 -28.74 13.94 -41.24
N GLN C 214 -29.91 14.30 -40.73
CA GLN C 214 -31.07 14.51 -41.58
C GLN C 214 -30.76 15.58 -42.63
N GLN C 215 -30.17 16.68 -42.18
CA GLN C 215 -29.81 17.77 -43.06
C GLN C 215 -28.60 17.38 -43.89
N GLY C 216 -28.10 16.17 -43.66
CA GLY C 216 -26.94 15.69 -44.39
C GLY C 216 -27.26 14.65 -45.44
N GLY C 217 -28.48 14.13 -45.40
CA GLY C 217 -28.91 13.14 -46.37
C GLY C 217 -28.73 11.70 -45.93
N ARG C 218 -28.15 11.50 -44.75
CA ARG C 218 -27.92 10.15 -44.24
C ARG C 218 -28.94 9.77 -43.17
N GLU C 219 -29.37 8.52 -43.20
CA GLU C 219 -30.34 8.02 -42.24
C GLU C 219 -29.72 6.84 -41.50
N PHE C 220 -29.70 6.92 -40.17
CA PHE C 220 -29.12 5.86 -39.36
C PHE C 220 -30.14 5.25 -38.40
N TRP C 221 -31.18 6.00 -38.06
CA TRP C 221 -32.21 5.48 -37.18
C TRP C 221 -32.84 4.28 -37.88
N PRO C 222 -32.97 3.15 -37.17
CA PRO C 222 -33.55 1.91 -37.70
C PRO C 222 -34.98 2.10 -38.25
N GLN C 223 -35.15 1.76 -39.52
CA GLN C 223 -36.44 1.89 -40.19
C GLN C 223 -37.57 1.09 -39.56
N GLU C 224 -37.28 -0.09 -39.03
CA GLU C 224 -38.32 -0.89 -38.41
C GLU C 224 -38.82 -0.28 -37.11
N VAL C 225 -38.14 0.76 -36.64
CA VAL C 225 -38.56 1.43 -35.42
C VAL C 225 -39.26 2.75 -35.74
N TRP C 226 -38.62 3.61 -36.54
CA TRP C 226 -39.26 4.87 -36.85
C TRP C 226 -40.46 4.75 -37.78
N SER C 227 -40.48 3.72 -38.63
CA SER C 227 -41.62 3.56 -39.54
C SER C 227 -42.90 3.33 -38.75
N ARG C 228 -42.76 2.81 -37.53
CA ARG C 228 -43.92 2.57 -36.67
C ARG C 228 -44.47 3.85 -36.07
N TYR C 229 -43.84 4.97 -36.43
CA TYR C 229 -44.28 6.27 -35.93
C TYR C 229 -44.69 7.21 -37.06
N VAL C 230 -43.90 7.22 -38.13
CA VAL C 230 -44.17 8.07 -39.28
C VAL C 230 -43.86 7.39 -40.61
N LYS C 231 -44.19 8.08 -41.70
CA LYS C 231 -43.96 7.56 -43.04
C LYS C 231 -42.49 7.62 -43.43
N LYS C 232 -41.84 8.75 -43.16
CA LYS C 232 -40.43 8.91 -43.47
C LYS C 232 -39.65 9.52 -42.30
N LEU C 233 -38.43 9.03 -42.11
CA LEU C 233 -37.58 9.50 -41.02
C LEU C 233 -37.50 11.01 -40.92
N GLY C 234 -37.63 11.69 -42.05
CA GLY C 234 -37.57 13.15 -42.05
C GLY C 234 -38.75 13.82 -41.38
N ASP C 235 -39.83 13.08 -41.18
CA ASP C 235 -41.02 13.64 -40.56
C ASP C 235 -40.84 14.03 -39.10
N PHE C 236 -39.86 13.44 -38.42
CA PHE C 236 -39.63 13.76 -37.02
C PHE C 236 -39.16 15.21 -36.87
N ALA C 237 -38.63 15.76 -37.95
CA ALA C 237 -38.18 17.15 -37.92
C ALA C 237 -39.35 18.12 -38.06
N LEU C 238 -40.52 17.59 -38.40
CA LEU C 238 -41.72 18.39 -38.57
C LEU C 238 -42.41 18.67 -37.24
N PRO C 239 -42.48 19.95 -36.86
CA PRO C 239 -43.11 20.42 -35.62
C PRO C 239 -44.37 19.68 -35.20
N GLU C 240 -45.15 19.23 -36.19
CA GLU C 240 -46.40 18.52 -35.92
C GLU C 240 -46.24 17.08 -35.45
N ASN C 241 -45.04 16.51 -35.63
CA ASN C 241 -44.79 15.13 -35.23
C ASN C 241 -43.92 15.01 -33.97
N ILE C 242 -43.64 16.12 -33.32
CA ILE C 242 -42.79 16.15 -32.12
C ILE C 242 -43.14 15.09 -31.09
N ASP C 243 -44.43 14.85 -30.86
CA ASP C 243 -44.85 13.87 -29.88
C ASP C 243 -44.44 12.46 -30.31
N LEU C 244 -44.69 12.14 -31.58
CA LEU C 244 -44.33 10.82 -32.09
C LEU C 244 -42.81 10.68 -32.11
N ALA C 245 -42.13 11.76 -32.47
CA ALA C 245 -40.67 11.78 -32.54
C ALA C 245 -40.02 11.46 -31.19
N VAL C 246 -40.44 12.15 -30.14
CA VAL C 246 -39.89 11.92 -28.82
C VAL C 246 -40.13 10.46 -28.39
N GLN C 247 -41.29 9.91 -28.75
CA GLN C 247 -41.59 8.53 -28.40
C GLN C 247 -40.56 7.59 -29.03
N CYS C 248 -40.29 7.80 -30.31
CA CYS C 248 -39.33 6.99 -31.03
C CYS C 248 -37.97 7.14 -30.34
N LEU C 249 -37.62 8.39 -30.06
CA LEU C 249 -36.37 8.74 -29.37
C LEU C 249 -36.20 7.92 -28.10
N ASN C 250 -37.24 7.86 -27.28
CA ASN C 250 -37.17 7.12 -26.03
C ASN C 250 -37.03 5.62 -26.28
N GLU C 251 -37.56 5.14 -27.40
CA GLU C 251 -37.44 3.71 -27.69
C GLU C 251 -36.00 3.39 -28.04
N LEU C 252 -35.39 4.22 -28.87
CA LEU C 252 -34.02 3.98 -29.26
C LEU C 252 -33.08 4.12 -28.08
N ILE C 253 -33.34 5.12 -27.24
CA ILE C 253 -32.53 5.33 -26.05
C ILE C 253 -32.65 4.12 -25.14
N THR C 254 -33.87 3.61 -24.99
CA THR C 254 -34.12 2.44 -24.16
C THR C 254 -33.29 1.28 -24.70
N ASN C 255 -33.22 1.18 -26.03
CA ASN C 255 -32.44 0.14 -26.70
C ASN C 255 -30.97 0.25 -26.28
N ALA C 256 -30.42 1.44 -26.43
CA ALA C 256 -29.03 1.70 -26.08
C ALA C 256 -28.69 1.38 -24.62
N LEU C 257 -29.60 1.71 -23.69
CA LEU C 257 -29.35 1.46 -22.28
C LEU C 257 -29.02 0.01 -21.97
N HIS C 258 -29.46 -0.91 -22.82
CA HIS C 258 -29.20 -2.33 -22.62
C HIS C 258 -27.73 -2.72 -22.65
N HIS C 259 -26.89 -1.86 -23.20
CA HIS C 259 -25.45 -2.15 -23.25
C HIS C 259 -24.76 -1.74 -21.95
N ILE C 260 -25.39 -0.89 -21.16
CA ILE C 260 -24.79 -0.41 -19.92
C ILE C 260 -24.24 -1.49 -18.98
N PRO C 261 -24.97 -2.60 -18.79
CA PRO C 261 -24.41 -3.63 -17.89
C PRO C 261 -23.03 -4.11 -18.37
N ASP C 262 -22.88 -4.34 -19.67
CA ASP C 262 -21.59 -4.77 -20.23
C ASP C 262 -20.53 -3.66 -20.09
N VAL C 263 -20.95 -2.40 -20.21
CA VAL C 263 -20.03 -1.28 -20.05
C VAL C 263 -19.49 -1.30 -18.61
N ILE C 264 -20.38 -1.55 -17.65
CA ILE C 264 -19.96 -1.60 -16.26
C ILE C 264 -19.04 -2.81 -16.07
N THR C 265 -19.43 -3.94 -16.64
CA THR C 265 -18.63 -5.15 -16.52
C THR C 265 -17.24 -4.92 -17.11
N TYR C 266 -17.21 -4.38 -18.32
CA TYR C 266 -15.96 -4.12 -19.02
C TYR C 266 -15.05 -3.19 -18.22
N LEU C 267 -15.55 -2.01 -17.85
CA LEU C 267 -14.74 -1.07 -17.09
C LEU C 267 -14.26 -1.64 -15.75
N SER C 268 -15.09 -2.43 -15.09
CA SER C 268 -14.69 -2.98 -13.78
C SER C 268 -13.49 -3.91 -13.85
N ARG C 269 -13.13 -4.38 -15.05
CA ARG C 269 -12.01 -5.31 -15.21
C ARG C 269 -10.66 -4.64 -15.54
N LEU C 270 -10.69 -3.36 -15.87
CA LEU C 270 -9.48 -2.61 -16.20
C LEU C 270 -8.60 -2.38 -14.98
N ARG C 271 -7.29 -2.59 -15.14
CA ARG C 271 -6.32 -2.42 -14.07
C ARG C 271 -5.36 -1.22 -14.27
N ASN C 272 -5.19 -0.80 -15.52
CA ASN C 272 -4.28 0.31 -15.83
C ASN C 272 -5.00 1.65 -15.85
N GLN C 273 -4.50 2.60 -15.06
CA GLN C 273 -5.12 3.91 -14.96
C GLN C 273 -5.28 4.63 -16.30
N SER C 274 -4.25 4.63 -17.14
CA SER C 274 -4.37 5.33 -18.41
C SER C 274 -5.43 4.69 -19.30
N VAL C 275 -5.50 3.36 -19.27
CA VAL C 275 -6.51 2.64 -20.07
C VAL C 275 -7.91 2.91 -19.51
N PHE C 276 -8.04 2.96 -18.17
CA PHE C 276 -9.34 3.22 -17.55
C PHE C 276 -9.88 4.59 -17.94
N ASN C 277 -9.02 5.61 -17.87
CA ASN C 277 -9.42 6.96 -18.24
C ASN C 277 -9.90 6.96 -19.69
N PHE C 278 -9.08 6.37 -20.57
CA PHE C 278 -9.40 6.30 -21.99
C PHE C 278 -10.78 5.68 -22.26
N CYS C 279 -11.04 4.54 -21.63
CA CYS C 279 -12.31 3.83 -21.83
C CYS C 279 -13.51 4.39 -21.10
N ALA C 280 -13.29 4.84 -19.86
CA ALA C 280 -14.39 5.34 -19.05
C ALA C 280 -14.92 6.71 -19.38
N ILE C 281 -14.03 7.66 -19.63
CA ILE C 281 -14.49 9.01 -19.91
C ILE C 281 -15.46 9.11 -21.08
N PRO C 282 -15.12 8.52 -22.24
CA PRO C 282 -16.05 8.60 -23.38
C PRO C 282 -17.38 7.94 -23.05
N GLN C 283 -17.32 6.82 -22.33
CA GLN C 283 -18.54 6.09 -21.96
C GLN C 283 -19.44 6.91 -21.05
N VAL C 284 -18.86 7.55 -20.04
CA VAL C 284 -19.63 8.37 -19.13
C VAL C 284 -20.21 9.56 -19.87
N MET C 285 -19.44 10.11 -20.80
CA MET C 285 -19.89 11.25 -21.57
C MET C 285 -21.09 10.87 -22.44
N ALA C 286 -21.08 9.63 -22.94
CA ALA C 286 -22.18 9.16 -23.78
C ALA C 286 -23.42 8.97 -22.91
N ILE C 287 -23.22 8.48 -21.70
CA ILE C 287 -24.33 8.26 -20.78
C ILE C 287 -24.97 9.59 -20.40
N ALA C 288 -24.16 10.61 -20.20
CA ALA C 288 -24.66 11.93 -19.84
C ALA C 288 -25.50 12.46 -21.02
N THR C 289 -25.00 12.22 -22.23
CA THR C 289 -25.70 12.67 -23.43
C THR C 289 -27.08 12.02 -23.55
N LEU C 290 -27.14 10.71 -23.33
CA LEU C 290 -28.43 10.03 -23.41
C LEU C 290 -29.37 10.56 -22.35
N ALA C 291 -28.85 10.77 -21.14
CA ALA C 291 -29.68 11.27 -20.07
C ALA C 291 -30.25 12.62 -20.47
N ALA C 292 -29.40 13.45 -21.07
CA ALA C 292 -29.82 14.78 -21.49
C ALA C 292 -30.86 14.72 -22.61
N CYS C 293 -30.77 13.72 -23.49
CA CYS C 293 -31.70 13.60 -24.60
C CYS C 293 -33.02 12.92 -24.24
N TYR C 294 -32.99 12.02 -23.27
CA TYR C 294 -34.21 11.31 -22.92
C TYR C 294 -35.42 12.22 -22.81
N ASN C 295 -36.49 11.84 -23.49
CA ASN C 295 -37.75 12.59 -23.49
C ASN C 295 -37.55 14.09 -23.66
N ASN C 296 -36.57 14.47 -24.48
CA ASN C 296 -36.27 15.88 -24.71
C ASN C 296 -36.58 16.31 -26.14
N GLN C 297 -37.59 17.16 -26.30
CA GLN C 297 -38.00 17.64 -27.61
C GLN C 297 -36.88 18.37 -28.35
N GLN C 298 -35.95 18.95 -27.59
CA GLN C 298 -34.83 19.69 -28.17
C GLN C 298 -33.96 18.87 -29.11
N VAL C 299 -34.07 17.54 -29.03
CA VAL C 299 -33.28 16.66 -29.87
C VAL C 299 -33.60 16.89 -31.35
N PHE C 300 -34.84 17.33 -31.60
CA PHE C 300 -35.32 17.56 -32.96
C PHE C 300 -35.29 19.01 -33.42
N LYS C 301 -34.59 19.87 -32.67
CA LYS C 301 -34.49 21.28 -33.03
C LYS C 301 -33.03 21.68 -33.12
N GLY C 302 -32.15 20.75 -32.79
CA GLY C 302 -30.71 21.02 -32.84
C GLY C 302 -29.91 20.11 -31.93
N ALA C 303 -28.83 20.63 -31.38
CA ALA C 303 -27.97 19.87 -30.48
C ALA C 303 -28.33 20.08 -29.02
N VAL C 304 -27.76 19.23 -28.16
CA VAL C 304 -27.96 19.29 -26.71
C VAL C 304 -26.60 19.13 -26.00
N LEU C 305 -26.56 19.28 -24.67
CA LEU C 305 -25.29 19.15 -23.93
C LEU C 305 -25.42 18.82 -22.43
N ILE C 306 -24.26 18.58 -21.83
CA ILE C 306 -24.00 18.25 -20.42
C ILE C 306 -24.93 18.82 -19.34
N ARG C 307 -25.91 18.01 -18.94
CA ARG C 307 -26.89 18.39 -17.92
C ARG C 307 -26.20 18.37 -16.53
N LEU C 308 -24.99 18.96 -16.54
CA LEU C 308 -24.05 19.17 -15.44
C LEU C 308 -24.05 18.24 -14.19
N GLY C 309 -24.78 17.13 -14.26
CA GLY C 309 -24.81 16.20 -13.14
C GLY C 309 -25.80 16.49 -12.02
N GLN C 310 -25.37 16.18 -10.78
CA GLN C 310 -26.17 16.39 -9.58
C GLN C 310 -25.37 17.15 -8.52
N ALA C 311 -25.40 16.66 -7.28
CA ALA C 311 -24.68 17.25 -6.15
C ALA C 311 -23.60 16.24 -5.76
N VAL C 312 -23.90 14.97 -6.00
CA VAL C 312 -22.97 13.88 -5.70
C VAL C 312 -21.95 13.83 -6.83
N THR C 313 -22.45 13.89 -8.07
CA THR C 313 -21.58 13.87 -9.25
C THR C 313 -20.50 14.93 -9.15
N LEU C 314 -20.93 16.19 -9.10
CA LEU C 314 -20.01 17.32 -9.00
C LEU C 314 -18.77 17.00 -8.19
N MET C 315 -18.97 16.27 -7.10
CA MET C 315 -17.88 15.91 -6.20
C MET C 315 -17.08 14.68 -6.60
N MET C 316 -17.26 14.20 -7.82
CA MET C 316 -16.51 13.03 -8.27
C MET C 316 -16.29 12.95 -9.78
N ASP C 317 -15.07 12.57 -10.17
CA ASP C 317 -14.68 12.44 -11.57
C ASP C 317 -14.68 10.98 -12.00
N ALA C 318 -14.58 10.74 -13.29
CA ALA C 318 -14.60 9.38 -13.82
C ALA C 318 -13.23 8.72 -13.92
N THR C 319 -12.48 8.71 -12.82
CA THR C 319 -11.15 8.08 -12.86
C THR C 319 -10.97 6.87 -11.96
N ASN C 320 -12.01 6.49 -11.24
CA ASN C 320 -11.94 5.27 -10.45
C ASN C 320 -13.30 4.57 -10.63
N MET C 321 -13.30 3.24 -10.64
CA MET C 321 -14.52 2.50 -10.90
C MET C 321 -15.74 2.77 -10.02
N PRO C 322 -15.58 2.77 -8.69
CA PRO C 322 -16.76 3.06 -7.84
C PRO C 322 -17.41 4.38 -8.22
N ALA C 323 -16.57 5.37 -8.46
CA ALA C 323 -17.04 6.70 -8.84
C ALA C 323 -17.78 6.64 -10.19
N VAL C 324 -17.23 5.91 -11.14
CA VAL C 324 -17.85 5.77 -12.45
C VAL C 324 -19.23 5.09 -12.29
N LYS C 325 -19.30 4.10 -11.40
CA LYS C 325 -20.56 3.41 -11.13
C LYS C 325 -21.61 4.39 -10.60
N ALA C 326 -21.22 5.16 -9.57
CA ALA C 326 -22.10 6.13 -8.95
C ALA C 326 -22.58 7.15 -9.98
N ILE C 327 -21.64 7.65 -10.78
CA ILE C 327 -21.98 8.63 -11.80
C ILE C 327 -22.97 8.04 -12.81
N ILE C 328 -22.77 6.78 -13.18
CA ILE C 328 -23.67 6.13 -14.13
C ILE C 328 -25.04 5.91 -13.49
N TYR C 329 -25.06 5.47 -12.24
CA TYR C 329 -26.33 5.24 -11.55
C TYR C 329 -27.14 6.54 -11.42
N GLN C 330 -26.47 7.67 -11.21
CA GLN C 330 -27.18 8.95 -11.07
C GLN C 330 -27.87 9.33 -12.37
N TYR C 331 -27.16 9.14 -13.49
CA TYR C 331 -27.72 9.45 -14.79
C TYR C 331 -28.89 8.52 -15.07
N MET C 332 -28.79 7.26 -14.62
CA MET C 332 -29.88 6.33 -14.84
C MET C 332 -31.12 6.89 -14.14
N GLU C 333 -30.93 7.44 -12.94
CA GLU C 333 -32.05 8.00 -12.19
C GLU C 333 -32.58 9.27 -12.82
N GLU C 334 -31.70 10.08 -13.41
CA GLU C 334 -32.16 11.31 -14.08
C GLU C 334 -33.14 10.88 -15.16
N ILE C 335 -32.85 9.75 -15.79
CA ILE C 335 -33.74 9.23 -16.83
C ILE C 335 -34.97 8.64 -16.17
N TYR C 336 -34.77 7.80 -15.17
CA TYR C 336 -35.89 7.17 -14.48
C TYR C 336 -36.92 8.20 -14.03
N HIS C 337 -36.47 9.28 -13.41
CA HIS C 337 -37.36 10.34 -12.91
C HIS C 337 -38.24 10.97 -13.98
N ARG C 338 -37.84 10.85 -15.25
CA ARG C 338 -38.56 11.48 -16.36
C ARG C 338 -39.47 10.56 -17.15
N ILE C 339 -39.35 9.26 -16.96
CA ILE C 339 -40.16 8.32 -17.69
C ILE C 339 -41.65 8.61 -17.45
N PRO C 340 -42.34 9.10 -18.48
CA PRO C 340 -43.77 9.40 -18.35
C PRO C 340 -44.57 8.11 -18.59
N ASP C 341 -45.45 7.78 -17.65
CA ASP C 341 -46.23 6.55 -17.74
C ASP C 341 -46.87 6.27 -19.09
N SER C 342 -47.15 7.32 -19.84
CA SER C 342 -47.79 7.13 -21.14
C SER C 342 -46.86 6.89 -22.31
N ASN C 343 -45.54 6.89 -22.08
CA ASN C 343 -44.60 6.65 -23.16
C ASN C 343 -44.78 5.18 -23.51
N PRO C 344 -44.78 4.85 -24.80
CA PRO C 344 -44.94 3.47 -25.25
C PRO C 344 -43.90 2.50 -24.70
N SER C 345 -42.73 3.04 -24.37
CA SER C 345 -41.63 2.25 -23.86
C SER C 345 -41.38 2.40 -22.36
N SER C 346 -42.27 3.10 -21.67
CA SER C 346 -42.10 3.35 -20.24
C SER C 346 -41.72 2.11 -19.43
N SER C 347 -42.44 1.01 -19.63
CA SER C 347 -42.12 -0.21 -18.89
C SER C 347 -40.75 -0.78 -19.25
N LYS C 348 -40.40 -0.74 -20.54
CA LYS C 348 -39.10 -1.27 -20.97
C LYS C 348 -37.96 -0.46 -20.38
N THR C 349 -38.16 0.85 -20.30
CA THR C 349 -37.15 1.75 -19.78
C THR C 349 -36.94 1.51 -18.28
N ARG C 350 -38.03 1.33 -17.54
CA ARG C 350 -37.93 1.09 -16.10
C ARG C 350 -37.25 -0.24 -15.82
N GLN C 351 -37.57 -1.21 -16.67
CA GLN C 351 -37.06 -2.57 -16.56
C GLN C 351 -35.54 -2.65 -16.69
N ILE C 352 -34.99 -2.15 -17.79
CA ILE C 352 -33.55 -2.21 -17.97
C ILE C 352 -32.84 -1.40 -16.90
N ILE C 353 -33.38 -0.24 -16.55
CA ILE C 353 -32.78 0.59 -15.51
C ILE C 353 -32.78 -0.18 -14.20
N SER C 354 -33.90 -0.81 -13.89
CA SER C 354 -34.00 -1.60 -12.67
C SER C 354 -32.92 -2.69 -12.69
N THR C 355 -32.74 -3.33 -13.85
CA THR C 355 -31.73 -4.37 -14.02
C THR C 355 -30.35 -3.79 -13.75
N ILE C 356 -30.11 -2.58 -14.23
CA ILE C 356 -28.83 -1.93 -14.02
C ILE C 356 -28.60 -1.59 -12.54
N ARG C 357 -29.67 -1.27 -11.82
CA ARG C 357 -29.57 -0.93 -10.39
C ARG C 357 -29.21 -2.08 -9.47
N THR C 358 -29.92 -3.20 -9.62
CA THR C 358 -29.71 -4.33 -8.74
C THR C 358 -28.65 -5.37 -9.13
N GLN C 359 -27.99 -5.18 -10.28
CA GLN C 359 -26.94 -6.13 -10.65
C GLN C 359 -25.66 -5.79 -9.88
N ASN C 360 -25.09 -6.79 -9.21
CA ASN C 360 -23.85 -6.60 -8.43
C ASN C 360 -22.71 -6.00 -9.26
N LEU D 26 23.71 15.58 10.16
CA LEU D 26 24.98 16.24 10.46
C LEU D 26 25.03 16.92 11.83
N SER D 27 24.05 16.64 12.67
CA SER D 27 24.01 17.21 14.03
C SER D 27 24.94 16.40 14.91
N SER D 28 25.90 17.07 15.54
CA SER D 28 26.82 16.34 16.41
C SER D 28 26.04 15.86 17.63
N SER D 29 25.16 16.69 18.15
CA SER D 29 24.38 16.31 19.33
C SER D 29 23.45 15.12 19.06
N LEU D 30 22.83 15.08 17.88
CA LEU D 30 21.95 13.95 17.57
C LEU D 30 22.81 12.70 17.44
N LYS D 31 23.97 12.82 16.81
CA LYS D 31 24.88 11.69 16.65
C LYS D 31 25.29 11.19 18.02
N THR D 32 25.61 12.13 18.90
CA THR D 32 26.02 11.76 20.26
C THR D 32 24.91 10.98 20.96
N CYS D 33 23.67 11.38 20.75
CA CYS D 33 22.54 10.71 21.37
C CYS D 33 22.47 9.24 20.93
N TYR D 34 22.65 9.00 19.65
CA TYR D 34 22.61 7.63 19.15
C TYR D 34 23.80 6.84 19.66
N LYS D 35 24.92 7.51 19.87
CA LYS D 35 26.07 6.82 20.42
C LYS D 35 25.64 6.36 21.82
N TYR D 36 25.02 7.26 22.57
CA TYR D 36 24.57 6.90 23.91
C TYR D 36 23.54 5.78 23.86
N LEU D 37 22.61 5.87 22.91
CA LEU D 37 21.57 4.85 22.78
C LEU D 37 22.21 3.48 22.64
N ASN D 38 23.23 3.39 21.81
CA ASN D 38 23.90 2.12 21.60
C ASN D 38 24.75 1.66 22.78
N GLN D 39 25.27 2.60 23.54
CA GLN D 39 26.09 2.25 24.70
C GLN D 39 25.28 1.77 25.89
N THR D 40 24.01 2.16 25.96
CA THR D 40 23.17 1.76 27.08
C THR D 40 22.03 0.78 26.78
N SER D 41 21.63 0.67 25.51
CA SER D 41 20.54 -0.25 25.20
C SER D 41 20.95 -1.53 24.51
N ARG D 42 21.00 -2.59 25.31
CA ARG D 42 21.36 -3.92 24.85
C ARG D 42 20.34 -4.41 23.83
N SER D 43 19.08 -4.47 24.25
CA SER D 43 18.01 -4.99 23.39
C SER D 43 17.04 -4.05 22.67
N PHE D 44 17.32 -2.75 22.65
CA PHE D 44 16.41 -1.84 21.96
C PHE D 44 17.02 -0.91 20.93
N ALA D 45 18.34 -0.68 21.00
CA ALA D 45 18.97 0.24 20.06
C ALA D 45 18.62 -0.05 18.58
N ALA D 46 18.79 -1.31 18.19
CA ALA D 46 18.51 -1.74 16.81
C ALA D 46 17.08 -1.46 16.34
N VAL D 47 16.10 -1.97 17.08
CA VAL D 47 14.71 -1.78 16.68
C VAL D 47 14.28 -0.32 16.72
N ILE D 48 14.91 0.45 17.60
CA ILE D 48 14.61 1.86 17.72
C ILE D 48 15.10 2.59 16.48
N GLN D 49 16.37 2.39 16.14
CA GLN D 49 16.96 3.05 14.98
C GLN D 49 16.31 2.54 13.68
N ALA D 50 15.52 1.48 13.80
CA ALA D 50 14.85 0.93 12.61
C ALA D 50 13.45 1.52 12.44
N LEU D 51 13.02 2.38 13.37
CA LEU D 51 11.68 2.97 13.24
C LEU D 51 11.63 3.96 12.07
N ASP D 52 10.46 4.06 11.41
CA ASP D 52 10.31 4.98 10.29
C ASP D 52 10.31 6.44 10.73
N GLY D 53 10.76 7.30 9.82
CA GLY D 53 10.80 8.74 10.04
C GLY D 53 10.84 9.32 11.43
N GLU D 54 9.85 10.15 11.75
CA GLU D 54 9.76 10.84 13.03
C GLU D 54 9.93 10.02 14.31
N MET D 55 9.36 8.83 14.33
CA MET D 55 9.43 7.97 15.52
C MET D 55 10.84 7.66 15.98
N ARG D 56 11.77 7.64 15.02
CA ARG D 56 13.17 7.33 15.28
C ARG D 56 13.78 8.19 16.37
N ASN D 57 13.85 9.49 16.13
CA ASN D 57 14.42 10.41 17.11
C ASN D 57 13.56 10.54 18.36
N ALA D 58 12.25 10.56 18.19
CA ALA D 58 11.34 10.67 19.33
C ALA D 58 11.53 9.50 20.31
N VAL D 59 11.55 8.28 19.81
CA VAL D 59 11.74 7.10 20.65
C VAL D 59 13.19 6.99 21.17
N CYS D 60 14.16 7.40 20.36
CA CYS D 60 15.55 7.35 20.82
C CYS D 60 15.72 8.27 22.03
N ILE D 61 15.18 9.48 21.93
CA ILE D 61 15.29 10.46 23.01
C ILE D 61 14.48 10.04 24.24
N PHE D 62 13.30 9.49 24.00
CA PHE D 62 12.43 9.03 25.08
C PHE D 62 13.22 7.99 25.90
N TYR D 63 13.91 7.08 25.20
CA TYR D 63 14.71 6.06 25.87
C TYR D 63 15.83 6.67 26.71
N LEU D 64 16.56 7.60 26.12
CA LEU D 64 17.66 8.26 26.81
C LEU D 64 17.23 9.01 28.07
N VAL D 65 16.15 9.79 27.99
CA VAL D 65 15.72 10.51 29.18
C VAL D 65 15.32 9.52 30.27
N LEU D 66 14.58 8.47 29.89
CA LEU D 66 14.17 7.47 30.88
C LEU D 66 15.41 6.79 31.45
N ARG D 67 16.40 6.60 30.58
CA ARG D 67 17.66 5.98 30.92
C ARG D 67 18.35 6.83 32.00
N ALA D 68 18.31 8.15 31.82
CA ALA D 68 18.94 9.05 32.76
C ALA D 68 18.18 9.04 34.08
N LEU D 69 16.86 9.00 33.99
CA LEU D 69 16.04 8.99 35.20
C LEU D 69 16.34 7.73 36.02
N ASP D 70 16.40 6.59 35.34
CA ASP D 70 16.67 5.33 36.01
C ASP D 70 18.04 5.35 36.68
N THR D 71 19.02 5.97 36.03
CA THR D 71 20.37 6.04 36.58
C THR D 71 20.37 6.78 37.92
N LEU D 72 19.58 7.85 38.01
CA LEU D 72 19.47 8.60 39.25
C LEU D 72 18.79 7.75 40.31
N GLU D 73 17.71 7.10 39.89
CA GLU D 73 16.92 6.25 40.76
C GLU D 73 17.71 5.11 41.40
N ASP D 74 18.68 4.58 40.67
CA ASP D 74 19.48 3.46 41.17
C ASP D 74 20.71 3.86 41.98
N ASP D 75 21.16 5.10 41.79
CA ASP D 75 22.33 5.59 42.49
C ASP D 75 22.10 5.62 44.00
N MET D 76 22.66 4.64 44.69
CA MET D 76 22.49 4.56 46.14
C MET D 76 23.39 5.54 46.88
N THR D 77 24.34 6.15 46.18
CA THR D 77 25.23 7.11 46.80
C THR D 77 24.54 8.48 46.89
N ILE D 78 23.27 8.51 46.49
CA ILE D 78 22.48 9.74 46.53
C ILE D 78 21.48 9.61 47.67
N SER D 79 21.55 10.52 48.63
CA SER D 79 20.66 10.51 49.78
C SER D 79 19.21 10.69 49.37
N VAL D 80 18.33 9.91 49.98
CA VAL D 80 16.89 9.98 49.71
C VAL D 80 16.42 11.43 49.65
N GLU D 81 16.71 12.18 50.70
CA GLU D 81 16.31 13.58 50.79
C GLU D 81 16.74 14.39 49.56
N LYS D 82 17.77 13.91 48.88
CA LYS D 82 18.26 14.62 47.70
C LYS D 82 17.75 14.00 46.41
N LYS D 83 17.48 12.70 46.46
CA LYS D 83 17.01 11.98 45.28
C LYS D 83 15.53 12.22 44.96
N VAL D 84 14.69 12.28 45.99
CA VAL D 84 13.28 12.48 45.76
C VAL D 84 12.96 13.71 44.89
N PRO D 85 13.47 14.88 45.27
CA PRO D 85 13.17 16.05 44.43
C PRO D 85 13.71 15.92 42.99
N LEU D 86 14.81 15.20 42.81
CA LEU D 86 15.37 15.03 41.47
C LEU D 86 14.44 14.16 40.63
N LEU D 87 13.95 13.07 41.21
CA LEU D 87 13.04 12.18 40.49
C LEU D 87 11.76 12.99 40.21
N HIS D 88 11.31 13.74 41.21
CA HIS D 88 10.11 14.56 41.06
C HIS D 88 10.26 15.64 40.01
N ASN D 89 11.44 16.24 39.92
CA ASN D 89 11.68 17.34 39.00
C ASN D 89 12.43 17.03 37.73
N PHE D 90 12.78 15.76 37.54
CA PHE D 90 13.53 15.36 36.37
C PHE D 90 12.91 15.86 35.06
N HIS D 91 11.60 15.71 34.95
CA HIS D 91 10.86 16.13 33.76
C HIS D 91 11.07 17.60 33.45
N SER D 92 11.35 18.40 34.48
CA SER D 92 11.54 19.83 34.27
C SER D 92 12.94 20.15 33.74
N PHE D 93 13.89 19.26 33.98
CA PHE D 93 15.26 19.46 33.50
C PHE D 93 15.31 19.42 31.97
N LEU D 94 14.33 18.74 31.36
CA LEU D 94 14.26 18.62 29.91
C LEU D 94 14.24 20.00 29.24
N TYR D 95 13.68 20.96 29.94
CA TYR D 95 13.53 22.32 29.42
C TYR D 95 14.64 23.26 29.90
N GLN D 96 15.53 22.77 30.75
CA GLN D 96 16.62 23.59 31.25
C GLN D 96 17.87 23.26 30.47
N PRO D 97 18.22 24.12 29.51
CA PRO D 97 19.40 23.92 28.67
C PRO D 97 20.66 23.46 29.36
N ASP D 98 21.03 24.12 30.45
CA ASP D 98 22.27 23.78 31.16
C ASP D 98 22.20 22.73 32.27
N TRP D 99 21.02 22.22 32.59
CA TRP D 99 20.96 21.23 33.66
C TRP D 99 21.77 19.98 33.38
N ARG D 100 22.41 19.46 34.42
CA ARG D 100 23.23 18.25 34.32
C ARG D 100 23.52 17.75 35.73
N PHE D 101 23.87 16.47 35.85
CA PHE D 101 24.18 15.89 37.15
C PHE D 101 25.61 15.40 37.09
N MET D 102 26.46 15.88 37.99
CA MET D 102 27.86 15.49 37.98
C MET D 102 28.32 14.56 39.09
N GLU D 103 27.46 14.27 40.05
CA GLU D 103 27.85 13.40 41.17
C GLU D 103 27.32 11.97 41.14
N SER D 104 27.35 11.33 39.98
CA SER D 104 26.89 9.96 39.89
C SER D 104 28.07 9.04 39.62
N LYS D 105 28.05 7.87 40.25
CA LYS D 105 29.13 6.91 40.06
C LYS D 105 28.66 5.73 39.22
N GLU D 106 27.37 5.71 38.90
CA GLU D 106 26.80 4.63 38.09
C GLU D 106 27.52 4.50 36.75
N LYS D 107 27.37 3.33 36.13
CA LYS D 107 28.03 3.06 34.87
C LYS D 107 27.60 3.98 33.72
N ASP D 108 26.29 4.17 33.57
CA ASP D 108 25.76 5.01 32.49
C ASP D 108 25.71 6.50 32.82
N ARG D 109 26.44 6.92 33.84
CA ARG D 109 26.48 8.32 34.28
C ARG D 109 26.72 9.36 33.19
N GLN D 110 27.22 8.94 32.04
CA GLN D 110 27.49 9.88 30.95
C GLN D 110 26.23 10.60 30.44
N VAL D 111 25.09 9.92 30.47
CA VAL D 111 23.86 10.56 30.01
C VAL D 111 23.35 11.60 31.00
N LEU D 112 23.92 11.59 32.20
CA LEU D 112 23.53 12.57 33.21
C LEU D 112 24.50 13.75 33.16
N GLU D 113 25.79 13.46 33.03
CA GLU D 113 26.80 14.50 32.96
C GLU D 113 26.67 15.29 31.66
N ASP D 114 26.19 14.64 30.60
CA ASP D 114 26.01 15.29 29.31
C ASP D 114 24.52 15.35 28.96
N PHE D 115 23.69 15.64 29.97
CA PHE D 115 22.25 15.73 29.74
C PHE D 115 21.89 16.86 28.78
N PRO D 116 22.63 17.98 28.80
CA PRO D 116 22.32 19.10 27.90
C PRO D 116 22.23 18.68 26.43
N THR D 117 23.04 17.70 26.06
CA THR D 117 23.05 17.21 24.68
C THR D 117 21.74 16.49 24.37
N ILE D 118 21.28 15.69 25.34
CA ILE D 118 20.04 14.95 25.20
C ILE D 118 18.81 15.87 25.32
N SER D 119 18.78 16.73 26.33
CA SER D 119 17.66 17.63 26.50
C SER D 119 17.53 18.54 25.29
N LEU D 120 18.67 18.89 24.68
CA LEU D 120 18.68 19.75 23.50
C LEU D 120 17.91 19.08 22.37
N GLU D 121 18.17 17.79 22.15
CA GLU D 121 17.47 17.07 21.09
C GLU D 121 15.99 16.86 21.44
N PHE D 122 15.69 16.78 22.73
CA PHE D 122 14.31 16.64 23.16
C PHE D 122 13.56 17.90 22.75
N ARG D 123 14.20 19.05 22.94
CA ARG D 123 13.58 20.32 22.59
C ARG D 123 13.47 20.55 21.08
N ASN D 124 14.17 19.72 20.30
CA ASN D 124 14.12 19.81 18.84
C ASN D 124 13.02 18.89 18.29
N LEU D 125 12.45 18.05 19.14
CA LEU D 125 11.36 17.16 18.68
C LEU D 125 10.08 17.98 18.52
N ALA D 126 9.16 17.51 17.68
CA ALA D 126 7.90 18.22 17.49
C ALA D 126 7.24 18.37 18.87
N GLU D 127 6.54 19.47 19.09
CA GLU D 127 5.90 19.71 20.37
C GLU D 127 5.00 18.57 20.86
N LYS D 128 4.28 17.93 19.94
CA LYS D 128 3.39 16.84 20.31
C LYS D 128 4.14 15.64 20.93
N TYR D 129 5.41 15.46 20.56
CA TYR D 129 6.19 14.36 21.14
C TYR D 129 6.77 14.83 22.46
N GLN D 130 7.13 16.10 22.53
CA GLN D 130 7.68 16.69 23.75
C GLN D 130 6.71 16.53 24.92
N THR D 131 5.45 16.94 24.71
CA THR D 131 4.45 16.85 25.77
C THR D 131 4.24 15.43 26.26
N VAL D 132 4.28 14.45 25.37
CA VAL D 132 4.10 13.05 25.79
C VAL D 132 5.26 12.60 26.68
N ILE D 133 6.49 12.83 26.22
CA ILE D 133 7.67 12.42 26.98
C ILE D 133 7.75 13.10 28.35
N ALA D 134 7.60 14.42 28.37
CA ALA D 134 7.65 15.17 29.63
C ALA D 134 6.57 14.67 30.59
N ASP D 135 5.34 14.52 30.11
CA ASP D 135 4.26 14.04 30.94
C ASP D 135 4.57 12.68 31.54
N ILE D 136 5.08 11.77 30.72
CA ILE D 136 5.40 10.44 31.23
C ILE D 136 6.53 10.51 32.23
N CYS D 137 7.51 11.36 31.98
CA CYS D 137 8.63 11.52 32.89
C CYS D 137 8.17 12.07 34.22
N ARG D 138 7.24 13.03 34.18
CA ARG D 138 6.74 13.61 35.42
C ARG D 138 6.05 12.55 36.26
N ARG D 139 5.17 11.77 35.64
CA ARG D 139 4.43 10.73 36.37
C ARG D 139 5.30 9.57 36.84
N MET D 140 6.33 9.21 36.07
CA MET D 140 7.22 8.12 36.44
C MET D 140 8.09 8.54 37.65
N GLY D 141 8.53 9.79 37.65
CA GLY D 141 9.35 10.27 38.74
C GLY D 141 8.59 10.20 40.05
N ILE D 142 7.32 10.58 39.98
CA ILE D 142 6.44 10.57 41.13
C ILE D 142 6.40 9.14 41.69
N GLY D 143 6.10 8.18 40.82
CA GLY D 143 6.02 6.80 41.24
C GLY D 143 7.32 6.17 41.72
N MET D 144 8.44 6.59 41.14
CA MET D 144 9.74 6.06 41.53
C MET D 144 10.10 6.50 42.93
N ALA D 145 9.84 7.77 43.21
CA ALA D 145 10.12 8.32 44.53
C ALA D 145 9.25 7.61 45.55
N GLU D 146 8.00 7.34 45.17
CA GLU D 146 7.04 6.67 46.04
C GLU D 146 7.48 5.29 46.51
N PHE D 147 8.23 4.58 45.68
CA PHE D 147 8.68 3.24 46.05
C PHE D 147 10.11 3.20 46.58
N LEU D 148 10.72 4.36 46.81
CA LEU D 148 12.09 4.41 47.31
C LEU D 148 12.24 3.95 48.76
N ASP D 149 11.23 4.22 49.58
CA ASP D 149 11.26 3.85 51.00
C ASP D 149 10.52 2.56 51.32
N LYS D 150 10.02 1.88 50.30
CA LYS D 150 9.29 0.65 50.51
C LYS D 150 9.60 -0.39 49.46
N HIS D 151 9.13 -1.60 49.71
CA HIS D 151 9.30 -2.71 48.78
C HIS D 151 7.90 -3.08 48.33
N VAL D 152 7.79 -4.02 47.40
CA VAL D 152 6.48 -4.42 46.91
C VAL D 152 5.82 -5.40 47.86
N THR D 153 4.63 -5.06 48.32
CA THR D 153 3.90 -5.93 49.23
C THR D 153 2.91 -6.81 48.47
N SER D 154 1.71 -6.28 48.25
CA SER D 154 0.66 -7.02 47.55
C SER D 154 0.95 -7.12 46.05
N GLU D 155 0.21 -8.00 45.39
CA GLU D 155 0.35 -8.18 43.96
C GLU D 155 -0.18 -6.92 43.28
N GLN D 156 -0.98 -6.15 44.01
CA GLN D 156 -1.55 -4.93 43.47
C GLN D 156 -0.48 -3.83 43.48
N GLU D 157 0.39 -3.87 44.48
CA GLU D 157 1.48 -2.91 44.57
C GLU D 157 2.48 -3.26 43.48
N TRP D 158 2.58 -4.55 43.17
CA TRP D 158 3.50 -5.00 42.14
C TRP D 158 3.05 -4.37 40.82
N ASP D 159 1.74 -4.42 40.54
CA ASP D 159 1.21 -3.83 39.33
C ASP D 159 1.43 -2.33 39.34
N LYS D 160 1.23 -1.71 40.49
CA LYS D 160 1.42 -0.26 40.58
C LYS D 160 2.88 0.09 40.31
N TYR D 161 3.79 -0.68 40.89
CA TYR D 161 5.21 -0.42 40.69
C TYR D 161 5.57 -0.61 39.21
N CYS D 162 5.10 -1.69 38.61
CA CYS D 162 5.37 -1.97 37.20
C CYS D 162 4.77 -0.89 36.31
N HIS D 163 3.62 -0.35 36.73
CA HIS D 163 2.95 0.69 35.97
C HIS D 163 3.85 1.92 35.91
N TYR D 164 4.37 2.33 37.06
CA TYR D 164 5.23 3.50 37.15
C TYR D 164 6.53 3.45 36.36
N VAL D 165 7.18 2.30 36.29
CA VAL D 165 8.45 2.22 35.58
C VAL D 165 8.40 1.56 34.21
N ALA D 166 7.26 0.99 33.85
CA ALA D 166 7.16 0.33 32.55
C ALA D 166 5.81 0.49 31.85
N GLY D 167 4.72 0.35 32.61
CA GLY D 167 3.41 0.49 32.02
C GLY D 167 3.25 1.86 31.37
N LEU D 168 3.67 2.89 32.09
CA LEU D 168 3.62 4.26 31.61
C LEU D 168 4.44 4.41 30.35
N VAL D 169 5.51 3.62 30.25
CA VAL D 169 6.38 3.68 29.07
C VAL D 169 5.63 3.13 27.86
N GLY D 170 4.87 2.05 28.08
CA GLY D 170 4.11 1.46 27.00
C GLY D 170 3.07 2.46 26.53
N ILE D 171 2.45 3.15 27.48
CA ILE D 171 1.45 4.16 27.19
C ILE D 171 2.11 5.33 26.44
N GLY D 172 3.27 5.79 26.93
CA GLY D 172 3.97 6.89 26.28
C GLY D 172 4.29 6.56 24.83
N LEU D 173 4.90 5.40 24.60
CA LEU D 173 5.25 4.97 23.25
C LEU D 173 4.02 4.92 22.38
N SER D 174 2.95 4.34 22.91
CA SER D 174 1.69 4.24 22.19
C SER D 174 1.22 5.63 21.76
N ARG D 175 1.34 6.61 22.66
CA ARG D 175 0.93 7.98 22.34
C ARG D 175 1.83 8.59 21.25
N LEU D 176 3.11 8.23 21.25
CA LEU D 176 4.00 8.75 20.21
C LEU D 176 3.61 8.12 18.86
N PHE D 177 3.32 6.83 18.86
CA PHE D 177 2.94 6.13 17.63
C PHE D 177 1.70 6.75 17.01
N SER D 178 0.70 7.02 17.84
CA SER D 178 -0.55 7.60 17.37
C SER D 178 -0.33 9.04 16.92
N ALA D 179 0.41 9.79 17.71
CA ALA D 179 0.67 11.20 17.40
C ALA D 179 1.45 11.32 16.09
N SER D 180 2.26 10.32 15.76
CA SER D 180 3.04 10.36 14.52
C SER D 180 2.19 9.96 13.31
N GLU D 181 0.98 9.46 13.57
CA GLU D 181 0.06 9.00 12.53
C GLU D 181 0.46 7.69 11.88
N PHE D 182 1.61 7.14 12.26
CA PHE D 182 2.05 5.86 11.70
C PHE D 182 1.16 4.72 12.18
N GLU D 183 0.48 4.94 13.31
CA GLU D 183 -0.43 3.95 13.87
C GLU D 183 -1.78 4.61 14.18
N ASP D 184 -2.82 3.79 14.29
CA ASP D 184 -4.17 4.27 14.54
C ASP D 184 -4.32 5.04 15.86
N PRO D 185 -5.27 5.99 15.90
CA PRO D 185 -5.53 6.80 17.09
C PRO D 185 -5.85 5.89 18.27
N LEU D 186 -6.43 4.73 17.97
CA LEU D 186 -6.80 3.77 19.00
C LEU D 186 -5.63 3.23 19.82
N VAL D 187 -4.45 3.14 19.20
CA VAL D 187 -3.27 2.63 19.90
C VAL D 187 -2.91 3.52 21.10
N GLY D 188 -2.92 4.83 20.90
CA GLY D 188 -2.60 5.74 21.99
C GLY D 188 -3.74 5.84 23.00
N GLU D 189 -4.97 5.67 22.54
CA GLU D 189 -6.15 5.78 23.42
C GLU D 189 -6.35 4.65 24.42
N ASP D 190 -6.14 3.41 23.97
CA ASP D 190 -6.33 2.25 24.83
C ASP D 190 -5.14 2.09 25.76
N THR D 191 -5.14 2.87 26.84
CA THR D 191 -4.04 2.84 27.81
C THR D 191 -3.92 1.54 28.59
N GLU D 192 -5.02 0.82 28.77
CA GLU D 192 -4.96 -0.45 29.51
C GLU D 192 -4.12 -1.48 28.76
N ARG D 193 -4.33 -1.58 27.46
CA ARG D 193 -3.57 -2.52 26.64
C ARG D 193 -2.11 -2.08 26.57
N ALA D 194 -1.91 -0.77 26.44
CA ALA D 194 -0.56 -0.21 26.38
C ALA D 194 0.13 -0.52 27.70
N ASN D 195 -0.58 -0.29 28.81
CA ASN D 195 -0.03 -0.55 30.12
C ASN D 195 0.39 -2.01 30.24
N SER D 196 -0.44 -2.93 29.76
CA SER D 196 -0.12 -4.36 29.83
C SER D 196 1.18 -4.71 29.12
N MET D 197 1.46 -4.03 28.02
CA MET D 197 2.69 -4.28 27.28
C MET D 197 3.88 -4.05 28.21
N GLY D 198 3.83 -2.96 28.95
CA GLY D 198 4.90 -2.64 29.88
C GLY D 198 4.99 -3.59 31.05
N LEU D 199 3.86 -3.86 31.70
CA LEU D 199 3.86 -4.75 32.85
C LEU D 199 4.45 -6.11 32.52
N PHE D 200 4.09 -6.66 31.36
CA PHE D 200 4.62 -7.96 30.99
C PHE D 200 6.13 -8.00 30.85
N LEU D 201 6.71 -6.95 30.27
CA LEU D 201 8.16 -6.92 30.12
C LEU D 201 8.84 -6.76 31.48
N GLN D 202 8.37 -5.81 32.28
CA GLN D 202 8.93 -5.55 33.60
C GLN D 202 8.79 -6.74 34.54
N LYS D 203 7.62 -7.36 34.55
CA LYS D 203 7.42 -8.53 35.40
C LYS D 203 8.38 -9.63 34.96
N THR D 204 8.49 -9.83 33.66
CA THR D 204 9.38 -10.85 33.14
C THR D 204 10.82 -10.60 33.58
N ASN D 205 11.31 -9.37 33.42
CA ASN D 205 12.67 -9.06 33.84
C ASN D 205 12.87 -9.20 35.35
N ILE D 206 11.88 -8.78 36.13
CA ILE D 206 11.96 -8.90 37.59
C ILE D 206 12.06 -10.38 37.98
N ILE D 207 11.23 -11.20 37.34
CA ILE D 207 11.23 -12.62 37.62
C ILE D 207 12.56 -13.24 37.22
N ARG D 208 13.04 -12.86 36.04
CA ARG D 208 14.28 -13.37 35.50
C ARG D 208 15.51 -12.97 36.33
N ASP D 209 15.55 -11.72 36.77
CA ASP D 209 16.70 -11.22 37.54
C ASP D 209 16.64 -11.38 39.06
N TYR D 210 15.95 -12.41 39.55
CA TYR D 210 15.86 -12.61 40.99
C TYR D 210 17.21 -12.56 41.72
N LEU D 211 18.13 -13.42 41.29
CA LEU D 211 19.43 -13.50 41.93
C LEU D 211 20.26 -12.21 41.82
N GLU D 212 20.42 -11.72 40.59
CA GLU D 212 21.21 -10.50 40.38
C GLU D 212 20.75 -9.38 41.30
N ASP D 213 19.44 -9.21 41.44
CA ASP D 213 18.90 -8.16 42.31
C ASP D 213 19.21 -8.48 43.77
N GLN D 214 19.19 -9.76 44.10
CA GLN D 214 19.46 -10.18 45.47
C GLN D 214 20.87 -9.72 45.86
N GLN D 215 21.84 -9.99 45.01
CA GLN D 215 23.22 -9.60 45.25
C GLN D 215 23.38 -8.11 44.98
N GLY D 216 22.37 -7.32 45.33
CA GLY D 216 22.44 -5.89 45.10
C GLY D 216 21.60 -5.13 46.10
N GLY D 217 20.97 -5.86 47.01
CA GLY D 217 20.14 -5.24 48.02
C GLY D 217 18.82 -4.73 47.47
N ARG D 218 18.42 -5.28 46.32
CA ARG D 218 17.16 -4.90 45.68
C ARG D 218 16.15 -6.04 45.77
N GLU D 219 14.94 -5.72 46.22
CA GLU D 219 13.88 -6.73 46.33
C GLU D 219 12.64 -6.28 45.56
N PHE D 220 12.35 -6.98 44.47
CA PHE D 220 11.19 -6.63 43.64
C PHE D 220 10.04 -7.63 43.68
N TRP D 221 10.33 -8.87 44.06
CA TRP D 221 9.28 -9.88 44.14
C TRP D 221 8.27 -9.45 45.21
N PRO D 222 6.97 -9.52 44.90
CA PRO D 222 5.92 -9.13 45.85
C PRO D 222 5.90 -9.91 47.17
N GLN D 223 6.07 -9.16 48.26
CA GLN D 223 6.08 -9.70 49.62
C GLN D 223 4.92 -10.66 49.90
N GLU D 224 3.70 -10.19 49.67
CA GLU D 224 2.52 -11.01 49.92
C GLU D 224 2.54 -12.32 49.14
N VAL D 225 3.55 -12.51 48.31
CA VAL D 225 3.68 -13.74 47.53
C VAL D 225 4.77 -14.64 48.11
N TRP D 226 6.00 -14.12 48.19
CA TRP D 226 7.11 -14.91 48.72
C TRP D 226 7.00 -15.19 50.22
N SER D 227 6.23 -14.40 50.94
CA SER D 227 6.09 -14.60 52.38
C SER D 227 5.28 -15.86 52.70
N ARG D 228 4.81 -16.53 51.65
CA ARG D 228 4.03 -17.76 51.81
C ARG D 228 4.91 -18.98 51.60
N TYR D 229 6.20 -18.73 51.31
CA TYR D 229 7.15 -19.81 51.08
C TYR D 229 8.35 -19.72 52.02
N VAL D 230 8.77 -18.49 52.30
CA VAL D 230 9.88 -18.24 53.20
C VAL D 230 9.59 -16.96 53.98
N LYS D 231 10.42 -16.67 54.98
CA LYS D 231 10.21 -15.48 55.79
C LYS D 231 11.20 -14.36 55.42
N LYS D 232 12.15 -14.70 54.55
CA LYS D 232 13.14 -13.74 54.07
C LYS D 232 13.31 -14.00 52.58
N LEU D 233 13.03 -12.99 51.75
CA LEU D 233 13.16 -13.17 50.31
C LEU D 233 14.51 -13.79 49.96
N GLY D 234 15.53 -13.42 50.72
CA GLY D 234 16.86 -13.94 50.45
C GLY D 234 16.93 -15.46 50.60
N ASP D 235 15.97 -16.05 51.29
CA ASP D 235 15.95 -17.48 51.51
C ASP D 235 15.82 -18.31 50.22
N PHE D 236 15.30 -17.71 49.15
CA PHE D 236 15.13 -18.44 47.88
C PHE D 236 16.49 -18.77 47.25
N ALA D 237 17.48 -17.96 47.57
CA ALA D 237 18.81 -18.20 47.04
C ALA D 237 19.42 -19.41 47.76
N LEU D 238 18.94 -19.70 48.96
CA LEU D 238 19.41 -20.86 49.75
C LEU D 238 18.72 -22.11 49.22
N PRO D 239 19.49 -23.16 48.89
CA PRO D 239 18.88 -24.38 48.36
C PRO D 239 18.07 -25.31 49.26
N GLU D 240 18.07 -25.07 50.58
CA GLU D 240 17.26 -25.89 51.45
C GLU D 240 15.82 -25.59 51.03
N ASN D 241 15.65 -24.45 50.35
CA ASN D 241 14.34 -24.01 49.88
C ASN D 241 14.12 -24.02 48.35
N ILE D 242 15.09 -24.46 47.54
CA ILE D 242 14.90 -24.42 46.08
C ILE D 242 13.52 -24.91 45.62
N ASP D 243 13.01 -25.96 46.26
CA ASP D 243 11.71 -26.50 45.91
C ASP D 243 10.59 -25.51 46.16
N LEU D 244 10.73 -24.72 47.22
CA LEU D 244 9.72 -23.72 47.54
C LEU D 244 9.93 -22.51 46.63
N ALA D 245 11.20 -22.18 46.40
CA ALA D 245 11.57 -21.06 45.55
C ALA D 245 11.01 -21.21 44.14
N VAL D 246 10.96 -22.44 43.65
CA VAL D 246 10.44 -22.71 42.32
C VAL D 246 8.92 -22.64 42.32
N GLN D 247 8.31 -22.90 43.47
CA GLN D 247 6.86 -22.83 43.57
C GLN D 247 6.46 -21.36 43.48
N CYS D 248 7.24 -20.51 44.15
CA CYS D 248 7.00 -19.07 44.14
C CYS D 248 7.25 -18.59 42.72
N LEU D 249 8.36 -19.06 42.14
CA LEU D 249 8.74 -18.71 40.77
C LEU D 249 7.60 -18.97 39.80
N ASN D 250 7.01 -20.16 39.88
CA ASN D 250 5.92 -20.53 38.98
C ASN D 250 4.64 -19.74 39.23
N GLU D 251 4.43 -19.30 40.47
CA GLU D 251 3.23 -18.53 40.76
C GLU D 251 3.33 -17.15 40.09
N LEU D 252 4.45 -16.48 40.30
CA LEU D 252 4.68 -15.16 39.71
C LEU D 252 4.59 -15.21 38.19
N ILE D 253 5.20 -16.23 37.59
CA ILE D 253 5.15 -16.40 36.15
C ILE D 253 3.70 -16.52 35.71
N THR D 254 2.92 -17.25 36.49
CA THR D 254 1.50 -17.43 36.19
C THR D 254 0.81 -16.05 36.22
N ASN D 255 1.20 -15.22 37.17
CA ASN D 255 0.65 -13.89 37.29
C ASN D 255 0.94 -13.15 35.99
N ALA D 256 2.22 -13.09 35.64
CA ALA D 256 2.70 -12.42 34.44
C ALA D 256 2.01 -12.86 33.15
N LEU D 257 1.66 -14.14 33.05
CA LEU D 257 1.01 -14.66 31.85
C LEU D 257 -0.35 -14.02 31.59
N HIS D 258 -0.98 -13.47 32.62
CA HIS D 258 -2.29 -12.86 32.44
C HIS D 258 -2.28 -11.63 31.54
N HIS D 259 -1.08 -11.13 31.22
CA HIS D 259 -0.96 -9.95 30.37
C HIS D 259 -0.88 -10.30 28.90
N ILE D 260 -0.62 -11.57 28.58
CA ILE D 260 -0.48 -11.98 27.19
C ILE D 260 -1.69 -11.70 26.31
N PRO D 261 -2.91 -11.95 26.81
CA PRO D 261 -4.08 -11.67 25.97
C PRO D 261 -4.03 -10.21 25.50
N ASP D 262 -3.72 -9.30 26.42
CA ASP D 262 -3.63 -7.87 26.10
C ASP D 262 -2.49 -7.60 25.12
N VAL D 263 -1.39 -8.33 25.27
CA VAL D 263 -0.24 -8.17 24.40
C VAL D 263 -0.62 -8.57 22.98
N ILE D 264 -1.43 -9.62 22.85
CA ILE D 264 -1.86 -10.07 21.54
C ILE D 264 -2.82 -9.02 20.94
N THR D 265 -3.75 -8.54 21.76
CA THR D 265 -4.70 -7.53 21.31
C THR D 265 -3.96 -6.27 20.81
N TYR D 266 -3.02 -5.79 21.63
CA TYR D 266 -2.25 -4.59 21.27
C TYR D 266 -1.48 -4.77 19.96
N LEU D 267 -0.73 -5.86 19.84
CA LEU D 267 0.06 -6.10 18.63
C LEU D 267 -0.83 -6.25 17.40
N SER D 268 -2.00 -6.83 17.60
CA SER D 268 -2.96 -7.03 16.50
C SER D 268 -3.43 -5.74 15.86
N ARG D 269 -3.29 -4.62 16.58
CA ARG D 269 -3.75 -3.33 16.03
C ARG D 269 -2.68 -2.59 15.24
N LEU D 270 -1.44 -3.06 15.33
CA LEU D 270 -0.35 -2.40 14.64
C LEU D 270 -0.39 -2.62 13.14
N ARG D 271 -0.03 -1.58 12.39
CA ARG D 271 -0.07 -1.67 10.95
C ARG D 271 1.22 -1.20 10.29
N ASN D 272 2.09 -0.55 11.05
CA ASN D 272 3.36 -0.09 10.52
C ASN D 272 4.41 -1.14 10.86
N GLN D 273 5.05 -1.71 9.83
CA GLN D 273 6.05 -2.76 10.03
C GLN D 273 7.21 -2.44 10.98
N SER D 274 7.74 -1.22 10.93
CA SER D 274 8.85 -0.87 11.80
C SER D 274 8.36 -0.80 13.25
N VAL D 275 7.16 -0.29 13.46
CA VAL D 275 6.60 -0.23 14.81
C VAL D 275 6.29 -1.65 15.30
N PHE D 276 5.75 -2.47 14.39
CA PHE D 276 5.40 -3.85 14.74
C PHE D 276 6.64 -4.61 15.21
N ASN D 277 7.74 -4.44 14.49
CA ASN D 277 9.00 -5.08 14.84
C ASN D 277 9.46 -4.63 16.23
N PHE D 278 9.45 -3.33 16.44
CA PHE D 278 9.87 -2.73 17.70
C PHE D 278 9.05 -3.24 18.89
N CYS D 279 7.74 -3.40 18.68
CA CYS D 279 6.86 -3.86 19.75
C CYS D 279 6.84 -5.37 19.95
N ALA D 280 6.68 -6.11 18.86
CA ALA D 280 6.58 -7.57 18.95
C ALA D 280 7.83 -8.32 19.36
N ILE D 281 8.96 -7.99 18.74
CA ILE D 281 10.20 -8.70 19.04
C ILE D 281 10.57 -8.74 20.52
N PRO D 282 10.53 -7.60 21.22
CA PRO D 282 10.87 -7.63 22.65
C PRO D 282 9.84 -8.41 23.47
N GLN D 283 8.59 -8.37 23.04
CA GLN D 283 7.53 -9.10 23.74
C GLN D 283 7.72 -10.60 23.57
N VAL D 284 8.06 -11.02 22.35
CA VAL D 284 8.26 -12.43 22.07
C VAL D 284 9.47 -12.93 22.86
N MET D 285 10.49 -12.09 22.95
CA MET D 285 11.67 -12.47 23.70
C MET D 285 11.35 -12.61 25.19
N ALA D 286 10.45 -11.78 25.68
CA ALA D 286 10.06 -11.84 27.08
C ALA D 286 9.24 -13.10 27.35
N ILE D 287 8.42 -13.50 26.38
CA ILE D 287 7.62 -14.71 26.53
C ILE D 287 8.54 -15.92 26.50
N ALA D 288 9.51 -15.89 25.60
CA ALA D 288 10.46 -16.99 25.50
C ALA D 288 11.19 -17.13 26.82
N THR D 289 11.49 -15.99 27.44
CA THR D 289 12.18 -15.97 28.72
C THR D 289 11.35 -16.60 29.83
N LEU D 290 10.07 -16.28 29.90
CA LEU D 290 9.21 -16.85 30.93
C LEU D 290 9.12 -18.36 30.77
N ALA D 291 9.16 -18.83 29.54
CA ALA D 291 9.07 -20.26 29.28
C ALA D 291 10.38 -20.96 29.67
N ALA D 292 11.48 -20.21 29.64
CA ALA D 292 12.78 -20.74 29.98
C ALA D 292 13.04 -20.65 31.48
N CYS D 293 12.13 -20.01 32.20
CA CYS D 293 12.28 -19.86 33.64
C CYS D 293 11.26 -20.70 34.40
N TYR D 294 10.15 -21.02 33.73
CA TYR D 294 9.10 -21.80 34.36
C TYR D 294 9.61 -23.14 34.89
N ASN D 295 9.31 -23.40 36.17
CA ASN D 295 9.71 -24.65 36.81
C ASN D 295 11.17 -24.98 36.48
N ASN D 296 12.01 -23.95 36.49
CA ASN D 296 13.43 -24.11 36.19
C ASN D 296 14.27 -23.67 37.39
N GLN D 297 15.06 -24.60 37.92
CA GLN D 297 15.90 -24.32 39.09
C GLN D 297 17.04 -23.33 38.84
N GLN D 298 17.53 -23.27 37.61
CA GLN D 298 18.64 -22.38 37.28
C GLN D 298 18.41 -20.90 37.54
N VAL D 299 17.15 -20.50 37.65
CA VAL D 299 16.82 -19.10 37.90
C VAL D 299 17.49 -18.61 39.19
N PHE D 300 17.52 -19.50 40.18
CA PHE D 300 18.08 -19.16 41.49
C PHE D 300 19.58 -19.45 41.61
N LYS D 301 20.23 -19.75 40.49
CA LYS D 301 21.65 -20.05 40.49
C LYS D 301 22.44 -19.13 39.55
N GLY D 302 21.71 -18.33 38.77
CA GLY D 302 22.36 -17.43 37.83
C GLY D 302 21.51 -17.09 36.61
N ALA D 303 22.19 -16.89 35.48
CA ALA D 303 21.52 -16.55 34.22
C ALA D 303 20.90 -17.76 33.53
N VAL D 304 19.88 -17.49 32.71
CA VAL D 304 19.17 -18.52 31.95
C VAL D 304 19.27 -18.23 30.45
N LEU D 305 19.14 -19.28 29.62
CA LEU D 305 19.24 -19.10 28.17
C LEU D 305 17.89 -19.28 27.50
N ILE D 306 17.71 -18.62 26.34
CA ILE D 306 16.47 -18.68 25.57
C ILE D 306 16.51 -19.74 24.47
N ARG D 307 16.14 -20.95 24.88
CA ARG D 307 16.06 -22.10 24.01
C ARG D 307 15.26 -21.62 22.81
N LEU D 308 15.58 -22.09 21.60
CA LEU D 308 14.80 -21.64 20.46
C LEU D 308 13.32 -22.00 20.62
N GLY D 309 12.59 -21.93 19.51
CA GLY D 309 11.18 -22.28 19.56
C GLY D 309 10.97 -23.58 18.82
N GLN D 310 10.06 -24.41 19.33
CA GLN D 310 9.74 -25.72 18.74
C GLN D 310 9.94 -25.79 17.23
N ALA D 311 10.22 -27.00 16.73
CA ALA D 311 10.44 -27.25 15.30
C ALA D 311 9.82 -26.20 14.38
N VAL D 312 8.53 -25.92 14.58
CA VAL D 312 7.81 -24.94 13.77
C VAL D 312 8.42 -23.55 13.87
N THR D 313 8.56 -23.05 15.10
CA THR D 313 9.13 -21.73 15.36
C THR D 313 10.42 -21.47 14.58
N LEU D 314 11.19 -22.54 14.35
CA LEU D 314 12.45 -22.41 13.61
C LEU D 314 12.25 -21.73 12.27
N MET D 315 11.03 -21.82 11.74
CA MET D 315 10.71 -21.24 10.45
C MET D 315 9.88 -19.97 10.57
N MET D 316 9.90 -19.33 11.74
CA MET D 316 9.09 -18.14 11.95
C MET D 316 9.75 -16.98 12.71
N ASP D 317 9.80 -15.82 12.06
CA ASP D 317 10.35 -14.61 12.67
C ASP D 317 9.13 -13.86 13.20
N ALA D 318 9.33 -13.05 14.23
CA ALA D 318 8.22 -12.30 14.82
C ALA D 318 7.95 -11.00 14.05
N THR D 319 7.75 -11.10 12.75
CA THR D 319 7.51 -9.92 11.93
C THR D 319 6.15 -9.81 11.27
N ASN D 320 5.23 -10.71 11.60
CA ASN D 320 3.85 -10.65 11.12
C ASN D 320 3.01 -11.25 12.23
N MET D 321 1.82 -10.67 12.45
CA MET D 321 0.94 -11.10 13.52
C MET D 321 0.64 -12.59 13.63
N PRO D 322 0.24 -13.24 12.52
CA PRO D 322 -0.05 -14.68 12.59
C PRO D 322 1.16 -15.48 13.11
N ALA D 323 2.35 -15.09 12.66
CA ALA D 323 3.59 -15.74 13.08
C ALA D 323 3.84 -15.49 14.56
N VAL D 324 3.57 -14.27 15.01
CA VAL D 324 3.77 -13.93 16.41
C VAL D 324 2.84 -14.74 17.28
N LYS D 325 1.64 -15.01 16.76
CA LYS D 325 0.65 -15.79 17.50
C LYS D 325 1.15 -17.22 17.65
N ALA D 326 1.48 -17.83 16.52
CA ALA D 326 1.98 -19.19 16.48
C ALA D 326 3.12 -19.37 17.50
N ILE D 327 4.06 -18.43 17.48
CA ILE D 327 5.20 -18.46 18.37
C ILE D 327 4.74 -18.39 19.82
N ILE D 328 3.85 -17.46 20.11
CA ILE D 328 3.34 -17.31 21.46
C ILE D 328 2.65 -18.57 21.95
N TYR D 329 1.89 -19.22 21.07
CA TYR D 329 1.19 -20.44 21.47
C TYR D 329 2.19 -21.56 21.71
N GLN D 330 3.22 -21.65 20.87
CA GLN D 330 4.25 -22.68 21.03
C GLN D 330 4.82 -22.62 22.44
N TYR D 331 5.23 -21.42 22.85
CA TYR D 331 5.80 -21.23 24.18
C TYR D 331 4.82 -21.57 25.29
N MET D 332 3.54 -21.25 25.06
CA MET D 332 2.53 -21.53 26.07
C MET D 332 2.46 -23.01 26.33
N GLU D 333 2.51 -23.81 25.27
CA GLU D 333 2.46 -25.26 25.42
C GLU D 333 3.71 -25.81 26.09
N GLU D 334 4.87 -25.22 25.77
CA GLU D 334 6.12 -25.66 26.35
C GLU D 334 6.03 -25.54 27.86
N ILE D 335 5.31 -24.52 28.33
CA ILE D 335 5.13 -24.30 29.75
C ILE D 335 4.04 -25.23 30.26
N TYR D 336 2.97 -25.36 29.48
CA TYR D 336 1.84 -26.21 29.84
C TYR D 336 2.26 -27.67 30.02
N HIS D 337 3.13 -28.12 29.13
CA HIS D 337 3.63 -29.49 29.13
C HIS D 337 4.47 -29.79 30.37
N ARG D 338 5.06 -28.76 30.97
CA ARG D 338 5.90 -28.94 32.15
C ARG D 338 5.26 -28.54 33.48
N ILE D 339 3.94 -28.50 33.53
CA ILE D 339 3.27 -28.12 34.77
C ILE D 339 3.16 -29.29 35.74
N PRO D 340 3.87 -29.24 36.87
CA PRO D 340 3.82 -30.32 37.85
C PRO D 340 2.43 -30.32 38.54
N ASP D 341 1.76 -31.48 38.60
CA ASP D 341 0.43 -31.57 39.19
C ASP D 341 0.41 -31.10 40.65
N SER D 342 1.58 -31.11 41.28
CA SER D 342 1.71 -30.71 42.68
C SER D 342 1.83 -29.20 42.92
N ASN D 343 2.51 -28.52 42.01
CA ASN D 343 2.70 -27.06 42.08
C ASN D 343 1.38 -26.40 42.49
N PRO D 344 1.39 -25.63 43.57
CA PRO D 344 0.19 -24.95 44.06
C PRO D 344 -0.58 -24.05 43.09
N SER D 345 0.10 -23.62 42.02
CA SER D 345 -0.52 -22.74 41.03
C SER D 345 -0.87 -23.50 39.77
N SER D 346 -0.52 -24.78 39.73
CA SER D 346 -0.78 -25.64 38.57
C SER D 346 -2.10 -25.42 37.83
N SER D 347 -3.20 -25.36 38.57
CA SER D 347 -4.50 -25.17 37.93
C SER D 347 -4.75 -23.74 37.42
N LYS D 348 -4.09 -22.75 38.01
CA LYS D 348 -4.25 -21.38 37.56
C LYS D 348 -3.45 -21.22 36.28
N THR D 349 -2.28 -21.86 36.26
CA THR D 349 -1.39 -21.82 35.12
C THR D 349 -2.06 -22.45 33.89
N ARG D 350 -2.84 -23.51 34.10
CA ARG D 350 -3.52 -24.17 32.99
C ARG D 350 -4.70 -23.31 32.56
N GLN D 351 -5.32 -22.68 33.55
CA GLN D 351 -6.47 -21.82 33.32
C GLN D 351 -6.16 -20.66 32.38
N ILE D 352 -5.10 -19.91 32.70
CA ILE D 352 -4.71 -18.76 31.87
C ILE D 352 -4.22 -19.21 30.50
N ILE D 353 -3.45 -20.28 30.43
CA ILE D 353 -2.96 -20.79 29.16
C ILE D 353 -4.14 -21.20 28.29
N SER D 354 -5.15 -21.79 28.92
CA SER D 354 -6.33 -22.23 28.19
C SER D 354 -7.09 -21.03 27.65
N THR D 355 -7.14 -19.97 28.44
CA THR D 355 -7.85 -18.76 28.04
C THR D 355 -7.14 -18.10 26.86
N ILE D 356 -5.81 -18.15 26.86
CA ILE D 356 -5.01 -17.57 25.79
C ILE D 356 -5.14 -18.32 24.47
N ARG D 357 -5.06 -19.65 24.52
CA ARG D 357 -5.14 -20.47 23.32
C ARG D 357 -6.52 -20.53 22.66
N THR D 358 -7.59 -20.45 23.46
CA THR D 358 -8.94 -20.52 22.89
C THR D 358 -9.41 -19.15 22.43
N GLN D 359 -9.07 -18.12 23.21
CA GLN D 359 -9.45 -16.75 22.89
C GLN D 359 -8.93 -16.34 21.51
N ASN D 360 -9.83 -15.86 20.66
CA ASN D 360 -9.47 -15.44 19.31
C ASN D 360 -9.43 -13.93 19.17
N LEU E 26 -15.57 -18.11 24.38
CA LEU E 26 -16.02 -17.92 25.75
C LEU E 26 -16.54 -19.26 26.30
N SER E 27 -16.94 -20.14 25.38
CA SER E 27 -17.47 -21.45 25.73
C SER E 27 -16.52 -22.30 26.58
N SER E 28 -17.10 -23.20 27.37
CA SER E 28 -16.31 -24.10 28.21
C SER E 28 -16.01 -25.36 27.40
N SER E 29 -16.90 -25.67 26.46
CA SER E 29 -16.71 -26.83 25.61
C SER E 29 -15.65 -26.48 24.58
N LEU E 30 -15.70 -25.25 24.06
CA LEU E 30 -14.73 -24.80 23.08
C LEU E 30 -13.35 -24.75 23.71
N LYS E 31 -13.30 -24.41 25.00
CA LYS E 31 -12.03 -24.35 25.74
C LYS E 31 -11.47 -25.77 25.82
N THR E 32 -12.37 -26.74 25.89
CA THR E 32 -11.99 -28.15 25.95
C THR E 32 -11.50 -28.62 24.59
N CYS E 33 -12.15 -28.17 23.53
CA CYS E 33 -11.73 -28.55 22.20
C CYS E 33 -10.28 -28.14 21.96
N TYR E 34 -9.94 -26.90 22.30
CA TYR E 34 -8.58 -26.44 22.11
C TYR E 34 -7.59 -27.17 23.01
N LYS E 35 -8.05 -27.62 24.18
CA LYS E 35 -7.16 -28.35 25.07
C LYS E 35 -6.78 -29.65 24.39
N TYR E 36 -7.75 -30.28 23.73
CA TYR E 36 -7.53 -31.53 23.02
C TYR E 36 -6.62 -31.30 21.81
N LEU E 37 -6.86 -30.21 21.10
CA LEU E 37 -6.04 -29.89 19.92
C LEU E 37 -4.56 -29.89 20.31
N ASN E 38 -4.24 -29.24 21.43
CA ASN E 38 -2.85 -29.16 21.90
C ASN E 38 -2.39 -30.47 22.52
N GLN E 39 -3.36 -31.29 22.93
CA GLN E 39 -3.07 -32.58 23.55
C GLN E 39 -2.67 -33.61 22.51
N THR E 40 -3.40 -33.64 21.40
CA THR E 40 -3.16 -34.60 20.33
C THR E 40 -2.37 -34.12 19.12
N SER E 41 -2.16 -32.81 18.98
CA SER E 41 -1.40 -32.34 17.84
C SER E 41 -0.02 -31.85 18.22
N ARG E 42 0.98 -32.37 17.50
CA ARG E 42 2.36 -32.01 17.74
C ARG E 42 2.81 -30.87 16.83
N SER E 43 2.25 -30.80 15.63
CA SER E 43 2.66 -29.80 14.66
C SER E 43 1.66 -28.73 14.21
N PHE E 44 0.38 -28.86 14.56
CA PHE E 44 -0.58 -27.89 14.04
C PHE E 44 -1.35 -26.95 14.97
N ALA E 45 -1.44 -27.27 16.26
CA ALA E 45 -2.17 -26.41 17.19
C ALA E 45 -1.78 -24.93 17.05
N ALA E 46 -0.48 -24.67 17.04
CA ALA E 46 0.05 -23.32 16.93
C ALA E 46 -0.38 -22.54 15.68
N VAL E 47 -0.22 -23.14 14.50
CA VAL E 47 -0.62 -22.43 13.29
C VAL E 47 -2.14 -22.42 13.11
N ILE E 48 -2.83 -23.39 13.69
CA ILE E 48 -4.29 -23.42 13.58
C ILE E 48 -4.87 -22.28 14.40
N GLN E 49 -4.42 -22.16 15.63
CA GLN E 49 -4.90 -21.12 16.52
C GLN E 49 -4.57 -19.73 15.99
N ALA E 50 -3.56 -19.63 15.13
CA ALA E 50 -3.17 -18.34 14.57
C ALA E 50 -3.97 -18.00 13.31
N LEU E 51 -4.91 -18.86 12.93
CA LEU E 51 -5.74 -18.58 11.76
C LEU E 51 -6.76 -17.47 12.05
N ASP E 52 -7.02 -16.64 11.04
CA ASP E 52 -8.00 -15.55 11.19
C ASP E 52 -9.46 -16.04 11.27
N GLY E 53 -10.32 -15.18 11.81
CA GLY E 53 -11.74 -15.45 11.93
C GLY E 53 -12.29 -16.85 12.14
N GLU E 54 -13.28 -17.19 11.31
CA GLU E 54 -13.98 -18.47 11.38
C GLU E 54 -13.14 -19.71 11.06
N MET E 55 -11.98 -19.52 10.45
CA MET E 55 -11.12 -20.66 10.12
C MET E 55 -10.53 -21.29 11.36
N ARG E 56 -10.25 -20.46 12.36
CA ARG E 56 -9.68 -20.92 13.62
C ARG E 56 -10.48 -22.08 14.19
N ASN E 57 -11.74 -21.84 14.53
CA ASN E 57 -12.57 -22.91 15.08
C ASN E 57 -12.91 -23.99 14.05
N ALA E 58 -13.10 -23.60 12.79
CA ALA E 58 -13.42 -24.58 11.75
C ALA E 58 -12.28 -25.61 11.59
N VAL E 59 -11.07 -25.12 11.37
CA VAL E 59 -9.90 -26.00 11.20
C VAL E 59 -9.63 -26.76 12.49
N CYS E 60 -9.80 -26.09 13.62
CA CYS E 60 -9.59 -26.73 14.92
C CYS E 60 -10.49 -27.95 15.05
N ILE E 61 -11.80 -27.71 14.91
CA ILE E 61 -12.77 -28.78 15.02
C ILE E 61 -12.44 -29.85 13.99
N PHE E 62 -12.24 -29.42 12.74
CA PHE E 62 -11.91 -30.34 11.66
C PHE E 62 -10.79 -31.29 12.08
N TYR E 63 -9.74 -30.75 12.67
CA TYR E 63 -8.62 -31.58 13.10
C TYR E 63 -9.05 -32.57 14.17
N LEU E 64 -9.90 -32.15 15.09
CA LEU E 64 -10.34 -33.03 16.17
C LEU E 64 -11.18 -34.22 15.71
N VAL E 65 -12.06 -34.01 14.73
CA VAL E 65 -12.88 -35.10 14.24
C VAL E 65 -12.00 -36.12 13.50
N LEU E 66 -11.07 -35.62 12.70
CA LEU E 66 -10.18 -36.50 11.95
C LEU E 66 -9.32 -37.30 12.93
N ARG E 67 -8.91 -36.65 14.01
CA ARG E 67 -8.09 -37.33 15.01
C ARG E 67 -8.87 -38.51 15.59
N ALA E 68 -10.11 -38.23 16.00
CA ALA E 68 -10.98 -39.25 16.58
C ALA E 68 -11.21 -40.38 15.57
N LEU E 69 -11.47 -40.01 14.32
CA LEU E 69 -11.69 -40.99 13.27
C LEU E 69 -10.44 -41.86 13.15
N ASP E 70 -9.30 -41.20 12.99
CA ASP E 70 -8.03 -41.87 12.86
C ASP E 70 -7.72 -42.73 14.08
N THR E 71 -8.17 -42.29 15.26
CA THR E 71 -7.93 -43.05 16.48
C THR E 71 -8.69 -44.37 16.43
N LEU E 72 -9.74 -44.40 15.62
CA LEU E 72 -10.56 -45.60 15.47
C LEU E 72 -9.87 -46.62 14.58
N GLU E 73 -9.40 -46.18 13.41
CA GLU E 73 -8.71 -47.10 12.50
C GLU E 73 -7.46 -47.69 13.13
N ASP E 74 -6.85 -46.94 14.04
CA ASP E 74 -5.63 -47.39 14.70
C ASP E 74 -5.82 -48.38 15.84
N ASP E 75 -7.00 -48.39 16.45
CA ASP E 75 -7.23 -49.31 17.55
C ASP E 75 -7.47 -50.71 17.00
N MET E 76 -6.47 -51.57 17.15
CA MET E 76 -6.54 -52.94 16.66
C MET E 76 -7.29 -53.88 17.62
N THR E 77 -7.76 -53.32 18.74
CA THR E 77 -8.51 -54.10 19.71
C THR E 77 -9.98 -54.05 19.29
N ILE E 78 -10.22 -53.37 18.17
CA ILE E 78 -11.56 -53.23 17.61
C ILE E 78 -11.70 -54.18 16.43
N SER E 79 -12.54 -55.20 16.59
CA SER E 79 -12.76 -56.19 15.54
C SER E 79 -13.12 -55.55 14.20
N VAL E 80 -12.61 -56.11 13.12
CA VAL E 80 -12.86 -55.59 11.77
C VAL E 80 -14.35 -55.57 11.46
N GLU E 81 -15.09 -56.49 12.07
CA GLU E 81 -16.53 -56.57 11.85
C GLU E 81 -17.25 -55.42 12.55
N LYS E 82 -16.66 -54.96 13.65
CA LYS E 82 -17.23 -53.86 14.41
C LYS E 82 -16.67 -52.50 13.97
N LYS E 83 -15.44 -52.52 13.45
CA LYS E 83 -14.76 -51.30 13.00
C LYS E 83 -15.27 -50.75 11.66
N VAL E 84 -15.54 -51.62 10.70
CA VAL E 84 -16.01 -51.16 9.40
C VAL E 84 -17.21 -50.21 9.54
N PRO E 85 -18.17 -50.55 10.43
CA PRO E 85 -19.35 -49.69 10.63
C PRO E 85 -18.93 -48.28 11.07
N LEU E 86 -18.19 -48.23 12.17
CA LEU E 86 -17.70 -46.98 12.74
C LEU E 86 -17.09 -46.07 11.69
N LEU E 87 -16.11 -46.57 10.95
CA LEU E 87 -15.45 -45.77 9.92
C LEU E 87 -16.45 -45.25 8.90
N HIS E 88 -17.31 -46.13 8.40
CA HIS E 88 -18.31 -45.78 7.41
C HIS E 88 -19.37 -44.78 7.88
N ASN E 89 -19.77 -44.89 9.13
CA ASN E 89 -20.78 -43.99 9.68
C ASN E 89 -20.25 -42.97 10.69
N PHE E 90 -18.96 -42.66 10.61
CA PHE E 90 -18.40 -41.69 11.53
C PHE E 90 -19.01 -40.32 11.26
N HIS E 91 -19.10 -39.97 9.98
CA HIS E 91 -19.64 -38.68 9.58
C HIS E 91 -21.06 -38.46 10.12
N SER E 92 -21.73 -39.54 10.52
CA SER E 92 -23.08 -39.42 11.04
C SER E 92 -23.07 -39.20 12.54
N PHE E 93 -21.97 -39.56 13.20
CA PHE E 93 -21.87 -39.38 14.63
C PHE E 93 -21.70 -37.90 14.93
N LEU E 94 -21.39 -37.13 13.89
CA LEU E 94 -21.20 -35.70 14.05
C LEU E 94 -22.52 -35.03 14.41
N TYR E 95 -23.62 -35.64 14.00
CA TYR E 95 -24.94 -35.10 14.29
C TYR E 95 -25.67 -35.83 15.41
N GLN E 96 -24.98 -36.76 16.08
CA GLN E 96 -25.55 -37.51 17.19
C GLN E 96 -24.98 -36.96 18.50
N PRO E 97 -25.61 -35.91 19.03
CA PRO E 97 -25.23 -35.23 20.28
C PRO E 97 -24.75 -36.12 21.41
N ASP E 98 -25.30 -37.33 21.49
CA ASP E 98 -24.95 -38.25 22.56
C ASP E 98 -23.87 -39.27 22.20
N TRP E 99 -23.58 -39.44 20.92
CA TRP E 99 -22.59 -40.41 20.52
C TRP E 99 -21.21 -40.23 21.15
N ARG E 100 -20.51 -41.34 21.25
CA ARG E 100 -19.16 -41.40 21.79
C ARG E 100 -18.68 -42.84 21.70
N PHE E 101 -17.48 -43.10 22.19
CA PHE E 101 -16.91 -44.43 22.17
C PHE E 101 -16.09 -44.60 23.44
N MET E 102 -16.51 -45.52 24.29
CA MET E 102 -15.82 -45.75 25.55
C MET E 102 -14.97 -47.01 25.53
N GLU E 103 -15.01 -47.74 24.42
CA GLU E 103 -14.26 -48.99 24.29
C GLU E 103 -12.94 -48.88 23.52
N SER E 104 -12.21 -47.79 23.70
CA SER E 104 -10.93 -47.61 23.02
C SER E 104 -9.79 -47.64 24.03
N LYS E 105 -8.64 -48.15 23.63
CA LYS E 105 -7.49 -48.22 24.52
C LYS E 105 -6.31 -47.35 24.06
N GLU E 106 -6.45 -46.75 22.87
CA GLU E 106 -5.40 -45.90 22.33
C GLU E 106 -5.08 -44.74 23.27
N LYS E 107 -4.11 -43.91 22.89
CA LYS E 107 -3.71 -42.79 23.75
C LYS E 107 -4.55 -41.53 23.56
N ASP E 108 -5.28 -41.44 22.44
CA ASP E 108 -6.11 -40.26 22.17
C ASP E 108 -7.59 -40.56 22.37
N ARG E 109 -7.91 -41.36 23.36
CA ARG E 109 -9.30 -41.75 23.63
C ARG E 109 -10.26 -40.65 24.06
N GLN E 110 -9.81 -39.76 24.93
CA GLN E 110 -10.68 -38.69 25.43
C GLN E 110 -11.43 -37.91 24.35
N VAL E 111 -10.99 -37.99 23.10
CA VAL E 111 -11.68 -37.28 22.02
C VAL E 111 -12.88 -38.08 21.55
N LEU E 112 -12.86 -39.37 21.83
CA LEU E 112 -13.95 -40.27 21.45
C LEU E 112 -14.89 -40.39 22.64
N GLU E 113 -14.31 -40.58 23.82
CA GLU E 113 -15.08 -40.70 25.05
C GLU E 113 -15.83 -39.40 25.31
N ASP E 114 -15.14 -38.28 25.10
CA ASP E 114 -15.76 -36.97 25.29
C ASP E 114 -16.01 -36.35 23.91
N PHE E 115 -16.43 -37.19 22.98
CA PHE E 115 -16.72 -36.75 21.61
C PHE E 115 -17.90 -35.78 21.58
N PRO E 116 -18.88 -35.94 22.50
CA PRO E 116 -20.03 -35.03 22.51
C PRO E 116 -19.59 -33.57 22.56
N THR E 117 -18.59 -33.29 23.37
CA THR E 117 -18.06 -31.94 23.50
C THR E 117 -17.61 -31.45 22.13
N ILE E 118 -16.95 -32.35 21.39
CA ILE E 118 -16.46 -32.04 20.05
C ILE E 118 -17.58 -31.87 19.02
N SER E 119 -18.47 -32.85 18.96
CA SER E 119 -19.60 -32.80 18.03
C SER E 119 -20.40 -31.52 18.26
N LEU E 120 -20.56 -31.16 19.54
CA LEU E 120 -21.28 -29.96 19.91
C LEU E 120 -20.74 -28.73 19.19
N GLU E 121 -19.45 -28.45 19.37
CA GLU E 121 -18.83 -27.30 18.72
C GLU E 121 -18.90 -27.40 17.20
N PHE E 122 -18.81 -28.62 16.68
CA PHE E 122 -18.90 -28.85 15.23
C PHE E 122 -20.23 -28.29 14.73
N ARG E 123 -21.30 -28.58 15.47
CA ARG E 123 -22.63 -28.11 15.10
C ARG E 123 -22.77 -26.59 15.24
N ASN E 124 -21.88 -25.97 16.01
CA ASN E 124 -21.90 -24.51 16.19
C ASN E 124 -21.22 -23.80 15.02
N LEU E 125 -20.63 -24.57 14.11
CA LEU E 125 -19.96 -24.01 12.95
C LEU E 125 -20.97 -23.66 11.88
N ALA E 126 -20.62 -22.70 11.02
CA ALA E 126 -21.52 -22.31 9.95
C ALA E 126 -21.74 -23.57 9.11
N GLU E 127 -22.97 -23.75 8.63
CA GLU E 127 -23.28 -24.93 7.84
C GLU E 127 -22.24 -25.23 6.78
N LYS E 128 -21.99 -24.26 5.90
CA LYS E 128 -21.03 -24.42 4.82
C LYS E 128 -19.73 -25.08 5.28
N TYR E 129 -19.29 -24.76 6.49
CA TYR E 129 -18.06 -25.37 7.00
C TYR E 129 -18.32 -26.82 7.35
N GLN E 130 -19.42 -27.11 8.04
CA GLN E 130 -19.73 -28.48 8.41
C GLN E 130 -20.18 -29.33 7.22
N THR E 131 -20.49 -28.67 6.10
CA THR E 131 -20.89 -29.38 4.89
C THR E 131 -19.62 -29.92 4.23
N VAL E 132 -18.50 -29.33 4.62
CA VAL E 132 -17.21 -29.76 4.09
C VAL E 132 -16.57 -30.81 5.00
N ILE E 133 -16.53 -30.52 6.29
CA ILE E 133 -15.95 -31.42 7.26
C ILE E 133 -16.61 -32.80 7.27
N ALA E 134 -17.94 -32.83 7.22
CA ALA E 134 -18.69 -34.09 7.24
C ALA E 134 -18.53 -34.87 5.94
N ASP E 135 -18.43 -34.17 4.82
CA ASP E 135 -18.26 -34.85 3.55
C ASP E 135 -16.92 -35.59 3.57
N ILE E 136 -15.88 -34.92 4.02
CA ILE E 136 -14.56 -35.51 4.09
C ILE E 136 -14.54 -36.68 5.07
N CYS E 137 -15.19 -36.53 6.21
CA CYS E 137 -15.25 -37.60 7.20
C CYS E 137 -15.89 -38.85 6.61
N ARG E 138 -16.88 -38.65 5.75
CA ARG E 138 -17.59 -39.75 5.11
C ARG E 138 -16.64 -40.44 4.13
N ARG E 139 -16.15 -39.66 3.17
CA ARG E 139 -15.25 -40.16 2.15
C ARG E 139 -13.97 -40.78 2.69
N MET E 140 -13.44 -40.25 3.79
CA MET E 140 -12.22 -40.79 4.37
C MET E 140 -12.54 -42.14 5.01
N GLY E 141 -13.64 -42.19 5.74
CA GLY E 141 -14.05 -43.42 6.40
C GLY E 141 -14.24 -44.54 5.41
N ILE E 142 -14.58 -44.18 4.17
CA ILE E 142 -14.76 -45.16 3.11
C ILE E 142 -13.40 -45.73 2.69
N GLY E 143 -12.47 -44.84 2.38
CA GLY E 143 -11.14 -45.26 1.98
C GLY E 143 -10.45 -46.06 3.07
N MET E 144 -10.50 -45.54 4.30
CA MET E 144 -9.88 -46.20 5.44
C MET E 144 -10.39 -47.63 5.65
N ALA E 145 -11.70 -47.81 5.53
CA ALA E 145 -12.29 -49.12 5.71
C ALA E 145 -11.74 -50.03 4.62
N GLU E 146 -11.72 -49.49 3.41
CA GLU E 146 -11.22 -50.20 2.24
C GLU E 146 -9.81 -50.78 2.42
N PHE E 147 -8.89 -49.99 2.96
CA PHE E 147 -7.54 -50.46 3.16
C PHE E 147 -7.37 -51.17 4.50
N LEU E 148 -8.48 -51.48 5.14
CA LEU E 148 -8.42 -52.15 6.43
C LEU E 148 -7.92 -53.59 6.37
N ASP E 149 -8.14 -54.27 5.25
CA ASP E 149 -7.72 -55.65 5.10
C ASP E 149 -6.70 -55.86 3.99
N LYS E 150 -5.76 -54.94 3.86
CA LYS E 150 -4.73 -55.06 2.84
C LYS E 150 -3.64 -54.02 3.03
N HIS E 151 -2.52 -54.23 2.34
CA HIS E 151 -1.39 -53.33 2.41
C HIS E 151 -1.24 -52.59 1.09
N VAL E 152 -0.39 -51.57 1.07
CA VAL E 152 -0.17 -50.82 -0.15
C VAL E 152 0.74 -51.63 -1.04
N THR E 153 0.28 -51.89 -2.26
CA THR E 153 1.05 -52.66 -3.22
C THR E 153 1.74 -51.75 -4.22
N SER E 154 0.96 -51.17 -5.13
CA SER E 154 1.51 -50.32 -6.16
C SER E 154 1.77 -48.89 -5.71
N GLU E 155 2.48 -48.13 -6.53
CA GLU E 155 2.75 -46.74 -6.22
C GLU E 155 1.44 -46.01 -6.43
N GLN E 156 0.64 -46.51 -7.36
CA GLN E 156 -0.67 -45.92 -7.64
C GLN E 156 -1.55 -46.10 -6.40
N GLU E 157 -1.39 -47.24 -5.73
CA GLU E 157 -2.18 -47.51 -4.52
C GLU E 157 -1.63 -46.71 -3.34
N TRP E 158 -0.37 -46.30 -3.42
CA TRP E 158 0.22 -45.53 -2.32
C TRP E 158 -0.46 -44.16 -2.38
N ASP E 159 -0.56 -43.62 -3.58
CA ASP E 159 -1.22 -42.33 -3.81
C ASP E 159 -2.65 -42.44 -3.28
N LYS E 160 -3.36 -43.45 -3.79
CA LYS E 160 -4.72 -43.72 -3.40
C LYS E 160 -4.88 -43.70 -1.90
N TYR E 161 -4.08 -44.52 -1.20
CA TYR E 161 -4.17 -44.56 0.27
C TYR E 161 -3.89 -43.19 0.88
N CYS E 162 -2.87 -42.51 0.38
CA CYS E 162 -2.53 -41.18 0.91
C CYS E 162 -3.64 -40.19 0.63
N HIS E 163 -4.40 -40.46 -0.43
CA HIS E 163 -5.52 -39.62 -0.82
C HIS E 163 -6.61 -39.70 0.25
N TYR E 164 -6.90 -40.92 0.68
CA TYR E 164 -7.93 -41.16 1.68
C TYR E 164 -7.66 -40.62 3.07
N VAL E 165 -6.39 -40.59 3.47
CA VAL E 165 -6.07 -40.12 4.82
C VAL E 165 -5.44 -38.74 4.94
N ALA E 166 -5.05 -38.15 3.81
CA ALA E 166 -4.40 -36.84 3.84
C ALA E 166 -4.78 -35.98 2.65
N GLY E 167 -4.81 -36.57 1.47
CA GLY E 167 -5.17 -35.84 0.27
C GLY E 167 -6.52 -35.15 0.41
N LEU E 168 -7.50 -35.86 0.97
CA LEU E 168 -8.82 -35.29 1.15
C LEU E 168 -8.82 -34.20 2.23
N VAL E 169 -7.79 -34.21 3.07
CA VAL E 169 -7.69 -33.21 4.12
C VAL E 169 -7.17 -31.92 3.50
N GLY E 170 -6.30 -32.05 2.52
CA GLY E 170 -5.77 -30.89 1.84
C GLY E 170 -6.91 -30.30 1.02
N ILE E 171 -7.74 -31.18 0.47
CA ILE E 171 -8.90 -30.77 -0.33
C ILE E 171 -9.93 -30.12 0.59
N GLY E 172 -10.19 -30.75 1.73
CA GLY E 172 -11.14 -30.22 2.68
C GLY E 172 -10.73 -28.88 3.28
N LEU E 173 -9.43 -28.70 3.51
CA LEU E 173 -8.91 -27.46 4.07
C LEU E 173 -9.04 -26.32 3.08
N SER E 174 -8.75 -26.60 1.82
CA SER E 174 -8.83 -25.60 0.77
C SER E 174 -10.27 -25.13 0.60
N ARG E 175 -11.22 -26.06 0.69
CA ARG E 175 -12.63 -25.71 0.53
C ARG E 175 -13.08 -24.86 1.71
N LEU E 176 -12.50 -25.12 2.89
CA LEU E 176 -12.84 -24.33 4.05
C LEU E 176 -12.30 -22.92 3.84
N PHE E 177 -11.11 -22.82 3.25
CA PHE E 177 -10.52 -21.52 3.00
C PHE E 177 -11.35 -20.73 2.01
N SER E 178 -11.72 -21.35 0.90
CA SER E 178 -12.54 -20.67 -0.11
C SER E 178 -13.93 -20.34 0.42
N ALA E 179 -14.42 -21.16 1.35
CA ALA E 179 -15.75 -20.96 1.91
C ALA E 179 -15.81 -19.75 2.84
N SER E 180 -14.72 -19.53 3.58
CA SER E 180 -14.63 -18.40 4.51
C SER E 180 -14.36 -17.13 3.70
N GLU E 181 -14.06 -17.31 2.42
CA GLU E 181 -13.76 -16.22 1.51
C GLU E 181 -12.42 -15.55 1.77
N PHE E 182 -11.66 -16.04 2.75
CA PHE E 182 -10.35 -15.47 3.05
C PHE E 182 -9.41 -15.72 1.86
N GLU E 183 -9.69 -16.77 1.11
CA GLU E 183 -8.90 -17.14 -0.07
C GLU E 183 -9.82 -17.21 -1.29
N ASP E 184 -9.26 -17.02 -2.48
CA ASP E 184 -10.05 -17.08 -3.71
C ASP E 184 -10.70 -18.45 -3.87
N PRO E 185 -11.80 -18.52 -4.63
CA PRO E 185 -12.49 -19.79 -4.85
C PRO E 185 -11.63 -20.82 -5.59
N LEU E 186 -10.65 -20.34 -6.36
CA LEU E 186 -9.75 -21.23 -7.10
C LEU E 186 -9.11 -22.26 -6.16
N VAL E 187 -8.58 -21.78 -5.03
CA VAL E 187 -7.94 -22.63 -4.05
C VAL E 187 -8.77 -23.89 -3.80
N GLY E 188 -10.06 -23.69 -3.52
CA GLY E 188 -10.95 -24.81 -3.27
C GLY E 188 -11.34 -25.61 -4.50
N GLU E 189 -11.19 -24.99 -5.67
CA GLU E 189 -11.54 -25.64 -6.94
C GLU E 189 -10.50 -26.63 -7.45
N ASP E 190 -9.21 -26.29 -7.28
CA ASP E 190 -8.13 -27.14 -7.75
C ASP E 190 -7.85 -28.28 -6.77
N THR E 191 -8.74 -29.26 -6.71
CA THR E 191 -8.61 -30.40 -5.81
C THR E 191 -7.30 -31.15 -6.07
N GLU E 192 -6.79 -31.03 -7.29
CA GLU E 192 -5.55 -31.70 -7.68
C GLU E 192 -4.40 -31.14 -6.83
N ARG E 193 -4.17 -29.84 -6.97
CA ARG E 193 -3.10 -29.18 -6.22
C ARG E 193 -3.27 -29.38 -4.71
N ALA E 194 -4.51 -29.26 -4.24
CA ALA E 194 -4.78 -29.44 -2.82
C ALA E 194 -4.48 -30.88 -2.43
N ASN E 195 -4.73 -31.80 -3.36
CA ASN E 195 -4.47 -33.22 -3.11
C ASN E 195 -2.97 -33.45 -2.92
N SER E 196 -2.16 -32.82 -3.74
CA SER E 196 -0.71 -32.95 -3.63
C SER E 196 -0.24 -32.47 -2.26
N MET E 197 -0.77 -31.32 -1.83
CA MET E 197 -0.41 -30.77 -0.55
C MET E 197 -0.54 -31.86 0.52
N GLY E 198 -1.66 -32.58 0.48
CA GLY E 198 -1.87 -33.64 1.45
C GLY E 198 -0.96 -34.85 1.27
N LEU E 199 -0.71 -35.22 0.01
CA LEU E 199 0.14 -36.37 -0.30
C LEU E 199 1.60 -36.18 0.11
N PHE E 200 2.12 -34.98 -0.09
CA PHE E 200 3.51 -34.70 0.26
C PHE E 200 3.75 -34.85 1.76
N LEU E 201 2.83 -34.35 2.57
CA LEU E 201 2.98 -34.45 4.01
C LEU E 201 2.85 -35.90 4.48
N GLN E 202 1.85 -36.60 3.95
CA GLN E 202 1.62 -37.99 4.33
C GLN E 202 2.75 -38.93 3.91
N LYS E 203 3.28 -38.74 2.70
CA LYS E 203 4.37 -39.60 2.24
C LYS E 203 5.61 -39.32 3.07
N THR E 204 5.86 -38.04 3.34
CA THR E 204 7.02 -37.66 4.13
C THR E 204 6.98 -38.35 5.48
N ASN E 205 5.83 -38.28 6.15
CA ASN E 205 5.71 -38.92 7.45
C ASN E 205 5.80 -40.44 7.37
N ILE E 206 5.27 -41.02 6.30
CA ILE E 206 5.31 -42.47 6.10
C ILE E 206 6.76 -42.91 5.97
N ILE E 207 7.52 -42.17 5.17
CA ILE E 207 8.92 -42.48 4.97
C ILE E 207 9.68 -42.36 6.31
N ARG E 208 9.55 -41.20 6.95
CA ARG E 208 10.24 -40.95 8.20
C ARG E 208 9.87 -41.87 9.35
N ASP E 209 8.65 -42.40 9.36
CA ASP E 209 8.22 -43.26 10.46
C ASP E 209 8.28 -44.75 10.19
N TYR E 210 9.08 -45.17 9.23
CA TYR E 210 9.17 -46.59 8.93
C TYR E 210 9.38 -47.44 10.19
N LEU E 211 10.46 -47.18 10.90
CA LEU E 211 10.80 -47.94 12.09
C LEU E 211 9.70 -47.94 13.14
N GLU E 212 9.13 -46.77 13.41
CA GLU E 212 8.06 -46.65 14.39
C GLU E 212 6.84 -47.45 13.94
N ASP E 213 6.45 -47.27 12.69
CA ASP E 213 5.31 -48.00 12.14
C ASP E 213 5.56 -49.50 12.16
N GLN E 214 6.75 -49.90 11.74
CA GLN E 214 7.11 -51.32 11.71
C GLN E 214 7.00 -51.93 13.11
N GLN E 215 7.65 -51.30 14.09
CA GLN E 215 7.61 -51.78 15.46
C GLN E 215 6.20 -51.79 16.01
N GLY E 216 5.27 -51.16 15.29
CA GLY E 216 3.89 -51.12 15.73
C GLY E 216 3.05 -52.12 14.96
N GLY E 217 3.66 -52.83 14.02
CA GLY E 217 2.94 -53.80 13.23
C GLY E 217 2.27 -53.22 11.99
N ARG E 218 2.51 -51.94 11.74
CA ARG E 218 1.92 -51.27 10.58
C ARG E 218 2.90 -51.25 9.41
N GLU E 219 2.37 -51.37 8.20
CA GLU E 219 3.19 -51.34 6.99
C GLU E 219 2.53 -50.39 6.01
N PHE E 220 3.24 -49.33 5.62
CA PHE E 220 2.69 -48.36 4.69
C PHE E 220 3.51 -48.21 3.40
N TRP E 221 4.77 -48.63 3.44
CA TRP E 221 5.61 -48.54 2.25
C TRP E 221 5.03 -49.43 1.15
N PRO E 222 5.04 -48.94 -0.10
CA PRO E 222 4.50 -49.72 -1.23
C PRO E 222 5.27 -50.99 -1.60
N GLN E 223 4.64 -52.13 -1.38
CA GLN E 223 5.21 -53.45 -1.67
C GLN E 223 5.88 -53.58 -3.03
N GLU E 224 5.30 -52.96 -4.06
CA GLU E 224 5.90 -53.06 -5.39
C GLU E 224 7.22 -52.31 -5.48
N VAL E 225 7.52 -51.52 -4.45
CA VAL E 225 8.77 -50.78 -4.44
C VAL E 225 9.77 -51.47 -3.53
N TRP E 226 9.33 -51.89 -2.35
CA TRP E 226 10.23 -52.53 -1.41
C TRP E 226 10.50 -54.02 -1.69
N SER E 227 9.64 -54.66 -2.48
CA SER E 227 9.82 -56.07 -2.81
C SER E 227 10.96 -56.26 -3.80
N ARG E 228 11.39 -55.16 -4.41
CA ARG E 228 12.50 -55.24 -5.35
C ARG E 228 13.81 -55.32 -4.60
N TYR E 229 13.78 -54.94 -3.33
CA TYR E 229 14.96 -54.93 -2.48
C TYR E 229 15.06 -56.11 -1.52
N VAL E 230 13.97 -56.42 -0.81
CA VAL E 230 13.97 -57.51 0.16
C VAL E 230 12.69 -58.35 0.15
N LYS E 231 12.76 -59.52 0.77
CA LYS E 231 11.62 -60.43 0.83
C LYS E 231 10.39 -59.81 1.48
N LYS E 232 10.57 -59.17 2.64
CA LYS E 232 9.47 -58.53 3.34
C LYS E 232 9.88 -57.19 3.98
N LEU E 233 8.95 -56.23 3.99
CA LEU E 233 9.18 -54.90 4.54
C LEU E 233 9.91 -54.84 5.87
N GLY E 234 9.56 -55.73 6.79
CA GLY E 234 10.21 -55.73 8.08
C GLY E 234 11.72 -55.97 8.03
N ASP E 235 12.21 -56.44 6.88
CA ASP E 235 13.63 -56.71 6.76
C ASP E 235 14.48 -55.45 6.85
N PHE E 236 13.89 -54.30 6.51
CA PHE E 236 14.62 -53.04 6.56
C PHE E 236 15.02 -52.68 8.00
N ALA E 237 14.34 -53.29 8.97
CA ALA E 237 14.65 -53.03 10.37
C ALA E 237 15.88 -53.83 10.76
N LEU E 238 16.26 -54.75 9.87
CA LEU E 238 17.41 -55.61 10.08
C LEU E 238 18.65 -54.93 9.54
N PRO E 239 19.66 -54.75 10.40
CA PRO E 239 20.94 -54.10 10.13
C PRO E 239 21.76 -54.66 8.96
N GLU E 240 21.57 -55.93 8.65
CA GLU E 240 22.29 -56.52 7.52
C GLU E 240 21.73 -55.99 6.20
N ASN E 241 20.52 -55.43 6.23
CA ASN E 241 19.88 -54.88 5.04
C ASN E 241 19.93 -53.35 5.01
N ILE E 242 20.75 -52.75 5.86
CA ILE E 242 20.84 -51.31 5.92
C ILE E 242 21.13 -50.63 4.58
N ASP E 243 21.97 -51.24 3.75
CA ASP E 243 22.29 -50.63 2.46
C ASP E 243 21.12 -50.67 1.49
N LEU E 244 20.41 -51.80 1.45
CA LEU E 244 19.24 -51.94 0.59
C LEU E 244 18.15 -51.00 1.09
N ALA E 245 17.97 -50.96 2.40
CA ALA E 245 16.96 -50.12 3.03
C ALA E 245 17.10 -48.67 2.60
N VAL E 246 18.31 -48.14 2.73
CA VAL E 246 18.59 -46.76 2.36
C VAL E 246 18.28 -46.52 0.89
N GLN E 247 18.59 -47.51 0.05
CA GLN E 247 18.34 -47.40 -1.38
C GLN E 247 16.84 -47.26 -1.65
N CYS E 248 16.06 -48.03 -0.92
CA CYS E 248 14.62 -47.98 -1.07
C CYS E 248 14.12 -46.63 -0.55
N LEU E 249 14.72 -46.17 0.53
CA LEU E 249 14.37 -44.89 1.14
C LEU E 249 14.55 -43.78 0.11
N ASN E 250 15.68 -43.76 -0.58
CA ASN E 250 15.93 -42.73 -1.57
C ASN E 250 14.93 -42.81 -2.73
N GLU E 251 14.48 -44.02 -3.06
CA GLU E 251 13.53 -44.17 -4.15
C GLU E 251 12.19 -43.57 -3.73
N LEU E 252 11.77 -43.85 -2.50
CA LEU E 252 10.51 -43.33 -1.99
C LEU E 252 10.53 -41.81 -1.85
N ILE E 253 11.67 -41.27 -1.40
CA ILE E 253 11.83 -39.83 -1.24
C ILE E 253 11.74 -39.17 -2.62
N THR E 254 12.41 -39.76 -3.59
CA THR E 254 12.41 -39.25 -4.95
C THR E 254 10.95 -39.20 -5.44
N ASN E 255 10.17 -40.20 -5.06
CA ASN E 255 8.77 -40.28 -5.43
C ASN E 255 8.03 -39.08 -4.83
N ALA E 256 8.18 -38.87 -3.53
CA ALA E 256 7.51 -37.77 -2.86
C ALA E 256 7.92 -36.40 -3.41
N LEU E 257 9.17 -36.28 -3.86
CA LEU E 257 9.66 -35.00 -4.39
C LEU E 257 8.85 -34.49 -5.57
N HIS E 258 8.17 -35.39 -6.27
CA HIS E 258 7.39 -34.98 -7.42
C HIS E 258 6.19 -34.12 -7.05
N HIS E 259 5.79 -34.12 -5.78
CA HIS E 259 4.66 -33.32 -5.36
C HIS E 259 5.05 -31.86 -5.12
N ILE E 260 6.33 -31.61 -4.91
CA ILE E 260 6.80 -30.26 -4.65
C ILE E 260 6.31 -29.21 -5.66
N PRO E 261 6.34 -29.52 -6.96
CA PRO E 261 5.87 -28.53 -7.94
C PRO E 261 4.45 -28.03 -7.63
N ASP E 262 3.56 -28.94 -7.27
CA ASP E 262 2.18 -28.57 -6.94
C ASP E 262 2.12 -27.77 -5.63
N VAL E 263 2.99 -28.11 -4.68
CA VAL E 263 3.04 -27.42 -3.41
C VAL E 263 3.36 -25.95 -3.62
N ILE E 264 4.36 -25.70 -4.46
CA ILE E 264 4.76 -24.33 -4.74
C ILE E 264 3.63 -23.60 -5.46
N THR E 265 3.05 -24.23 -6.47
CA THR E 265 1.96 -23.61 -7.20
C THR E 265 0.83 -23.26 -6.25
N TYR E 266 0.45 -24.22 -5.41
CA TYR E 266 -0.63 -24.00 -4.45
C TYR E 266 -0.31 -22.86 -3.51
N LEU E 267 0.83 -22.95 -2.82
CA LEU E 267 1.26 -21.91 -1.89
C LEU E 267 1.30 -20.52 -2.53
N SER E 268 1.78 -20.44 -3.76
CA SER E 268 1.89 -19.17 -4.47
C SER E 268 0.57 -18.49 -4.80
N ARG E 269 -0.55 -19.17 -4.55
CA ARG E 269 -1.87 -18.61 -4.83
C ARG E 269 -2.59 -18.06 -3.61
N LEU E 270 -2.05 -18.31 -2.42
CA LEU E 270 -2.68 -17.84 -1.20
C LEU E 270 -2.42 -16.34 -1.03
N ARG E 271 -3.38 -15.65 -0.41
CA ARG E 271 -3.26 -14.22 -0.17
C ARG E 271 -3.37 -13.81 1.31
N ASN E 272 -4.04 -14.63 2.11
CA ASN E 272 -4.19 -14.37 3.54
C ASN E 272 -2.93 -14.86 4.27
N GLN E 273 -2.32 -13.97 5.05
CA GLN E 273 -1.11 -14.30 5.78
C GLN E 273 -1.24 -15.48 6.73
N SER E 274 -2.31 -15.49 7.54
CA SER E 274 -2.50 -16.58 8.49
C SER E 274 -2.71 -17.92 7.79
N VAL E 275 -3.34 -17.90 6.63
CA VAL E 275 -3.57 -19.14 5.88
C VAL E 275 -2.22 -19.62 5.31
N PHE E 276 -1.47 -18.68 4.74
CA PHE E 276 -0.17 -19.00 4.16
C PHE E 276 0.77 -19.68 5.17
N ASN E 277 0.81 -19.17 6.40
CA ASN E 277 1.69 -19.75 7.41
C ASN E 277 1.23 -21.16 7.73
N PHE E 278 -0.08 -21.32 7.94
CA PHE E 278 -0.67 -22.61 8.25
C PHE E 278 -0.30 -23.64 7.19
N CYS E 279 -0.30 -23.21 5.94
CA CYS E 279 0.00 -24.09 4.81
C CYS E 279 1.49 -24.28 4.55
N ALA E 280 2.20 -23.18 4.33
CA ALA E 280 3.62 -23.21 4.03
C ALA E 280 4.50 -23.88 5.09
N ILE E 281 4.35 -23.49 6.34
CA ILE E 281 5.18 -24.02 7.39
C ILE E 281 5.25 -25.56 7.50
N PRO E 282 4.10 -26.26 7.47
CA PRO E 282 4.16 -27.72 7.56
C PRO E 282 4.87 -28.32 6.34
N GLN E 283 4.60 -27.74 5.17
CA GLN E 283 5.21 -28.20 3.93
C GLN E 283 6.73 -28.06 3.98
N VAL E 284 7.20 -26.89 4.42
CA VAL E 284 8.62 -26.63 4.52
C VAL E 284 9.26 -27.56 5.54
N MET E 285 8.54 -27.83 6.62
CA MET E 285 9.04 -28.73 7.65
C MET E 285 9.17 -30.14 7.09
N ALA E 286 8.25 -30.49 6.18
CA ALA E 286 8.26 -31.81 5.56
C ALA E 286 9.43 -31.90 4.59
N ILE E 287 9.60 -30.88 3.77
CA ILE E 287 10.70 -30.87 2.81
C ILE E 287 12.00 -30.97 3.61
N ALA E 288 12.07 -30.24 4.72
CA ALA E 288 13.25 -30.25 5.56
C ALA E 288 13.50 -31.67 6.10
N THR E 289 12.42 -32.37 6.40
CA THR E 289 12.52 -33.74 6.91
C THR E 289 13.02 -34.70 5.83
N LEU E 290 12.57 -34.50 4.59
CA LEU E 290 13.01 -35.37 3.51
C LEU E 290 14.51 -35.19 3.26
N ALA E 291 14.97 -33.95 3.32
CA ALA E 291 16.38 -33.66 3.10
C ALA E 291 17.24 -34.30 4.19
N ALA E 292 16.74 -34.30 5.42
CA ALA E 292 17.48 -34.89 6.51
C ALA E 292 17.52 -36.42 6.39
N CYS E 293 16.39 -36.98 5.94
CA CYS E 293 16.25 -38.44 5.78
C CYS E 293 16.94 -39.00 4.55
N TYR E 294 17.18 -38.15 3.56
CA TYR E 294 17.78 -38.63 2.33
C TYR E 294 19.11 -39.34 2.57
N ASN E 295 19.23 -40.53 1.97
CA ASN E 295 20.43 -41.34 2.07
C ASN E 295 20.95 -41.41 3.51
N ASN E 296 20.04 -41.38 4.48
CA ASN E 296 20.38 -41.39 5.88
C ASN E 296 20.05 -42.73 6.53
N GLN E 297 21.08 -43.44 6.96
CA GLN E 297 20.88 -44.75 7.61
C GLN E 297 20.08 -44.60 8.89
N GLN E 298 20.16 -43.43 9.50
CA GLN E 298 19.47 -43.16 10.75
C GLN E 298 17.97 -43.43 10.68
N VAL E 299 17.39 -43.25 9.49
CA VAL E 299 15.96 -43.48 9.32
C VAL E 299 15.61 -44.89 9.77
N PHE E 300 16.59 -45.79 9.75
CA PHE E 300 16.35 -47.16 10.12
C PHE E 300 16.84 -47.56 11.51
N LYS E 301 17.35 -46.59 12.26
CA LYS E 301 17.85 -46.84 13.62
C LYS E 301 16.99 -46.11 14.66
N GLY E 302 16.56 -44.89 14.32
CA GLY E 302 15.75 -44.10 15.23
C GLY E 302 15.03 -42.94 14.53
N ALA E 303 14.88 -41.81 15.23
CA ALA E 303 14.21 -40.62 14.69
C ALA E 303 15.22 -39.68 14.00
N VAL E 304 14.77 -38.84 13.09
CA VAL E 304 15.72 -37.95 12.39
C VAL E 304 15.56 -36.47 12.80
N LEU E 305 16.66 -35.71 12.77
CA LEU E 305 16.61 -34.30 13.16
C LEU E 305 16.70 -33.25 12.06
N ILE E 306 15.68 -32.41 12.05
CA ILE E 306 15.45 -31.27 11.17
C ILE E 306 16.63 -30.31 10.98
N ARG E 307 17.53 -30.62 10.04
CA ARG E 307 18.68 -29.76 9.77
C ARG E 307 18.17 -28.40 9.26
N LEU E 308 18.55 -27.31 9.94
CA LEU E 308 18.14 -26.02 9.43
C LEU E 308 18.90 -25.89 8.10
N GLY E 309 18.50 -24.94 7.27
CA GLY E 309 19.18 -24.78 6.00
C GLY E 309 20.57 -24.19 6.07
N GLN E 310 21.14 -23.95 4.90
CA GLN E 310 22.49 -23.39 4.77
C GLN E 310 22.61 -22.01 5.45
N ALA E 311 23.71 -21.31 5.18
CA ALA E 311 23.96 -19.99 5.76
C ALA E 311 23.01 -18.92 5.22
N VAL E 312 22.39 -19.20 4.07
CA VAL E 312 21.45 -18.26 3.47
C VAL E 312 20.11 -18.31 4.19
N THR E 313 19.54 -19.51 4.25
CA THR E 313 18.25 -19.72 4.92
C THR E 313 18.33 -19.25 6.36
N LEU E 314 19.54 -19.24 6.92
CA LEU E 314 19.73 -18.78 8.29
C LEU E 314 19.06 -17.43 8.44
N MET E 315 19.16 -16.62 7.38
CA MET E 315 18.56 -15.29 7.38
C MET E 315 17.28 -15.23 6.55
N MET E 316 16.29 -16.03 6.99
CA MET E 316 14.97 -16.10 6.35
C MET E 316 14.07 -17.20 6.93
N ASP E 317 12.78 -16.89 7.05
CA ASP E 317 11.78 -17.83 7.57
C ASP E 317 10.72 -18.10 6.50
N ALA E 318 9.82 -19.04 6.75
CA ALA E 318 8.81 -19.39 5.76
C ALA E 318 7.47 -18.67 5.81
N THR E 319 7.49 -17.34 5.85
CA THR E 319 6.23 -16.60 5.89
C THR E 319 5.92 -15.75 4.67
N ASN E 320 6.78 -15.80 3.65
CA ASN E 320 6.52 -15.08 2.41
C ASN E 320 6.92 -16.04 1.29
N MET E 321 6.17 -16.00 0.19
CA MET E 321 6.42 -16.93 -0.93
C MET E 321 7.84 -17.00 -1.45
N PRO E 322 8.44 -15.87 -1.82
CA PRO E 322 9.82 -15.90 -2.34
C PRO E 322 10.80 -16.56 -1.37
N ALA E 323 10.60 -16.35 -0.06
CA ALA E 323 11.48 -16.94 0.94
C ALA E 323 11.24 -18.45 1.02
N VAL E 324 9.97 -18.84 0.95
CA VAL E 324 9.65 -20.27 0.99
C VAL E 324 10.30 -20.94 -0.23
N LYS E 325 10.32 -20.24 -1.35
CA LYS E 325 10.93 -20.78 -2.55
C LYS E 325 12.42 -20.99 -2.33
N ALA E 326 13.10 -19.94 -1.90
CA ALA E 326 14.53 -20.02 -1.65
C ALA E 326 14.86 -21.18 -0.71
N ILE E 327 14.10 -21.30 0.38
CA ILE E 327 14.30 -22.35 1.36
C ILE E 327 14.16 -23.74 0.74
N ILE E 328 13.12 -23.92 -0.08
CA ILE E 328 12.90 -25.19 -0.74
C ILE E 328 14.07 -25.53 -1.67
N TYR E 329 14.47 -24.57 -2.49
CA TYR E 329 15.57 -24.77 -3.43
C TYR E 329 16.86 -25.13 -2.72
N GLN E 330 17.03 -24.57 -1.53
CA GLN E 330 18.21 -24.81 -0.74
C GLN E 330 18.18 -26.25 -0.24
N TYR E 331 16.99 -26.72 0.12
CA TYR E 331 16.85 -28.10 0.59
C TYR E 331 17.01 -29.10 -0.54
N MET E 332 16.75 -28.67 -1.77
CA MET E 332 16.90 -29.55 -2.92
C MET E 332 18.39 -29.78 -3.18
N GLU E 333 19.18 -28.72 -3.08
CA GLU E 333 20.62 -28.82 -3.31
C GLU E 333 21.31 -29.65 -2.25
N GLU E 334 20.73 -29.71 -1.06
CA GLU E 334 21.30 -30.53 0.01
C GLU E 334 21.12 -31.99 -0.38
N ILE E 335 19.98 -32.29 -1.00
CA ILE E 335 19.70 -33.66 -1.45
C ILE E 335 20.54 -33.96 -2.69
N TYR E 336 20.43 -33.10 -3.70
CA TYR E 336 21.15 -33.24 -4.95
C TYR E 336 22.65 -33.47 -4.76
N HIS E 337 23.24 -32.71 -3.86
CA HIS E 337 24.67 -32.80 -3.60
C HIS E 337 25.10 -34.10 -2.91
N ARG E 338 24.17 -34.79 -2.24
CA ARG E 338 24.48 -36.04 -1.55
C ARG E 338 24.06 -37.29 -2.33
N ILE E 339 23.58 -37.11 -3.56
CA ILE E 339 23.15 -38.25 -4.35
C ILE E 339 24.31 -39.19 -4.71
N PRO E 340 24.22 -40.47 -4.30
CA PRO E 340 25.27 -41.44 -4.59
C PRO E 340 25.19 -41.84 -6.07
N ASP E 341 26.31 -41.76 -6.78
CA ASP E 341 26.39 -42.10 -8.21
C ASP E 341 25.77 -43.44 -8.59
N SER E 342 25.96 -44.45 -7.74
CA SER E 342 25.43 -45.78 -8.01
C SER E 342 24.05 -46.05 -7.44
N ASN E 343 23.45 -45.07 -6.82
CA ASN E 343 22.11 -45.25 -6.29
C ASN E 343 21.23 -45.55 -7.50
N PRO E 344 20.42 -46.60 -7.43
CA PRO E 344 19.51 -46.98 -8.52
C PRO E 344 18.55 -45.91 -8.98
N SER E 345 18.28 -44.91 -8.11
CA SER E 345 17.35 -43.82 -8.41
C SER E 345 18.07 -42.51 -8.68
N SER E 346 19.39 -42.53 -8.58
CA SER E 346 20.20 -41.33 -8.76
C SER E 346 19.73 -40.50 -9.95
N SER E 347 19.54 -41.14 -11.08
CA SER E 347 19.10 -40.46 -12.28
C SER E 347 17.74 -39.78 -12.06
N LYS E 348 16.79 -40.53 -11.51
CA LYS E 348 15.45 -40.02 -11.25
C LYS E 348 15.46 -38.83 -10.27
N THR E 349 16.34 -38.91 -9.27
CA THR E 349 16.44 -37.85 -8.27
C THR E 349 16.94 -36.54 -8.88
N ARG E 350 17.91 -36.64 -9.77
CA ARG E 350 18.45 -35.44 -10.43
C ARG E 350 17.40 -34.87 -11.38
N GLN E 351 16.65 -35.76 -12.01
CA GLN E 351 15.60 -35.37 -12.96
C GLN E 351 14.54 -34.48 -12.35
N ILE E 352 13.92 -34.95 -11.26
CA ILE E 352 12.88 -34.17 -10.61
C ILE E 352 13.42 -32.89 -9.98
N ILE E 353 14.63 -32.96 -9.40
CA ILE E 353 15.23 -31.78 -8.79
C ILE E 353 15.56 -30.74 -9.86
N SER E 354 15.98 -31.22 -11.03
CA SER E 354 16.30 -30.32 -12.13
C SER E 354 15.01 -29.66 -12.59
N THR E 355 13.93 -30.43 -12.55
CA THR E 355 12.62 -29.93 -12.94
C THR E 355 12.13 -28.87 -11.94
N ILE E 356 12.44 -29.08 -10.66
CA ILE E 356 12.04 -28.14 -9.63
C ILE E 356 12.83 -26.84 -9.74
N ARG E 357 14.08 -26.95 -10.18
CA ARG E 357 14.93 -25.77 -10.33
C ARG E 357 14.47 -24.90 -11.49
N THR E 358 14.08 -25.55 -12.58
CA THR E 358 13.68 -24.85 -13.79
C THR E 358 12.21 -24.40 -13.90
N GLN E 359 11.30 -25.10 -13.22
CA GLN E 359 9.89 -24.71 -13.26
C GLN E 359 9.67 -23.37 -12.58
N ASN E 360 8.70 -22.61 -13.08
CA ASN E 360 8.36 -21.31 -12.51
C ASN E 360 6.85 -21.12 -12.45
N LEU F 26 9.59 -26.83 -19.73
CA LEU F 26 10.02 -28.20 -19.97
C LEU F 26 11.12 -28.19 -21.04
N SER F 27 11.92 -27.11 -21.05
CA SER F 27 13.00 -26.94 -22.01
C SER F 27 14.30 -27.58 -21.53
N SER F 28 14.97 -28.31 -22.42
CA SER F 28 16.20 -29.01 -22.09
C SER F 28 17.39 -28.10 -21.80
N SER F 29 17.58 -27.07 -22.64
CA SER F 29 18.70 -26.16 -22.45
C SER F 29 18.53 -25.27 -21.22
N LEU F 30 17.29 -24.94 -20.89
CA LEU F 30 17.01 -24.11 -19.73
C LEU F 30 17.34 -24.89 -18.45
N LYS F 31 16.99 -26.17 -18.43
CA LYS F 31 17.28 -27.01 -17.26
C LYS F 31 18.79 -27.07 -17.06
N THR F 32 19.53 -27.09 -18.15
CA THR F 32 20.98 -27.16 -18.09
C THR F 32 21.56 -25.87 -17.52
N CYS F 33 21.02 -24.73 -17.95
CA CYS F 33 21.50 -23.45 -17.43
C CYS F 33 21.38 -23.42 -15.92
N TYR F 34 20.23 -23.88 -15.41
CA TYR F 34 20.01 -23.91 -13.96
C TYR F 34 20.93 -24.93 -13.28
N LYS F 35 21.41 -25.90 -14.04
CA LYS F 35 22.32 -26.90 -13.48
C LYS F 35 23.66 -26.21 -13.27
N TYR F 36 24.02 -25.32 -14.20
CA TYR F 36 25.28 -24.59 -14.11
C TYR F 36 25.17 -23.49 -13.05
N LEU F 37 23.97 -22.94 -12.92
CA LEU F 37 23.73 -21.90 -11.94
C LEU F 37 24.06 -22.47 -10.55
N ASN F 38 23.42 -23.58 -10.22
CA ASN F 38 23.67 -24.22 -8.93
C ASN F 38 25.14 -24.63 -8.83
N GLN F 39 25.67 -25.18 -9.91
CA GLN F 39 27.06 -25.62 -9.96
C GLN F 39 28.09 -24.55 -9.62
N THR F 40 27.97 -23.40 -10.28
CA THR F 40 28.92 -22.32 -10.09
C THR F 40 28.67 -21.37 -8.90
N SER F 41 27.41 -21.17 -8.55
CA SER F 41 27.08 -20.26 -7.44
C SER F 41 26.76 -20.96 -6.13
N ARG F 42 27.45 -20.57 -5.07
CA ARG F 42 27.21 -21.16 -3.76
C ARG F 42 26.16 -20.38 -2.98
N SER F 43 25.96 -19.12 -3.33
CA SER F 43 25.00 -18.30 -2.58
C SER F 43 23.94 -17.47 -3.33
N PHE F 44 23.83 -17.59 -4.64
CA PHE F 44 22.81 -16.83 -5.36
C PHE F 44 21.75 -17.69 -6.02
N ALA F 45 22.07 -18.96 -6.24
CA ALA F 45 21.16 -19.88 -6.89
C ALA F 45 19.71 -19.81 -6.38
N ALA F 46 19.53 -20.04 -5.08
CA ALA F 46 18.19 -20.03 -4.48
C ALA F 46 17.43 -18.71 -4.63
N VAL F 47 18.06 -17.59 -4.30
CA VAL F 47 17.36 -16.31 -4.40
C VAL F 47 17.04 -15.95 -5.85
N ILE F 48 17.87 -16.40 -6.78
CA ILE F 48 17.65 -16.13 -8.21
C ILE F 48 16.44 -16.95 -8.66
N GLN F 49 16.39 -18.20 -8.23
CA GLN F 49 15.29 -19.07 -8.62
C GLN F 49 13.97 -18.66 -7.96
N ALA F 50 14.05 -17.79 -6.95
CA ALA F 50 12.86 -17.32 -6.24
C ALA F 50 12.29 -16.03 -6.86
N LEU F 51 13.02 -15.45 -7.82
CA LEU F 51 12.56 -14.22 -8.47
C LEU F 51 11.26 -14.42 -9.25
N ASP F 52 10.41 -13.40 -9.24
CA ASP F 52 9.11 -13.43 -9.93
C ASP F 52 9.17 -13.42 -11.45
N GLY F 53 8.15 -14.01 -12.06
CA GLY F 53 8.04 -14.06 -13.50
C GLY F 53 9.30 -14.09 -14.32
N GLU F 54 9.39 -13.17 -15.27
CA GLU F 54 10.52 -13.09 -16.20
C GLU F 54 11.89 -12.72 -15.64
N MET F 55 11.96 -12.37 -14.36
CA MET F 55 13.25 -12.01 -13.78
C MET F 55 14.08 -13.27 -13.55
N ARG F 56 13.39 -14.35 -13.23
CA ARG F 56 13.97 -15.66 -12.94
C ARG F 56 15.02 -16.04 -13.98
N ASN F 57 14.58 -16.39 -15.18
CA ASN F 57 15.49 -16.79 -16.26
C ASN F 57 16.43 -15.66 -16.66
N ALA F 58 15.92 -14.42 -16.67
CA ALA F 58 16.74 -13.28 -17.07
C ALA F 58 17.98 -13.12 -16.18
N VAL F 59 17.80 -13.15 -14.86
CA VAL F 59 18.92 -13.00 -13.93
C VAL F 59 19.79 -14.27 -13.89
N CYS F 60 19.16 -15.43 -14.07
CA CYS F 60 19.92 -16.68 -14.09
C CYS F 60 20.90 -16.61 -15.25
N ILE F 61 20.36 -16.36 -16.43
CA ILE F 61 21.19 -16.25 -17.63
C ILE F 61 22.24 -15.16 -17.42
N PHE F 62 21.81 -14.05 -16.82
CA PHE F 62 22.72 -12.95 -16.58
C PHE F 62 23.89 -13.37 -15.70
N TYR F 63 23.63 -14.27 -14.76
CA TYR F 63 24.67 -14.75 -13.86
C TYR F 63 25.63 -15.72 -14.55
N LEU F 64 25.09 -16.55 -15.44
CA LEU F 64 25.92 -17.52 -16.14
C LEU F 64 26.89 -16.85 -17.12
N VAL F 65 26.42 -15.89 -17.91
CA VAL F 65 27.30 -15.21 -18.86
C VAL F 65 28.43 -14.49 -18.12
N LEU F 66 28.07 -13.72 -17.10
CA LEU F 66 29.08 -12.99 -16.32
C LEU F 66 30.03 -13.98 -15.71
N ARG F 67 29.52 -15.16 -15.40
CA ARG F 67 30.32 -16.22 -14.80
C ARG F 67 31.36 -16.69 -15.80
N ALA F 68 30.91 -16.98 -17.02
CA ALA F 68 31.80 -17.43 -18.08
C ALA F 68 32.87 -16.37 -18.30
N LEU F 69 32.42 -15.12 -18.40
CA LEU F 69 33.32 -14.00 -18.62
C LEU F 69 34.40 -13.90 -17.55
N ASP F 70 34.00 -14.06 -16.29
CA ASP F 70 34.97 -13.99 -15.21
C ASP F 70 35.95 -15.16 -15.31
N THR F 71 35.44 -16.30 -15.75
CA THR F 71 36.27 -17.49 -15.90
C THR F 71 37.45 -17.22 -16.83
N LEU F 72 37.22 -16.44 -17.88
CA LEU F 72 38.27 -16.10 -18.82
C LEU F 72 39.32 -15.26 -18.10
N GLU F 73 38.90 -14.08 -17.66
CA GLU F 73 39.79 -13.15 -16.95
C GLU F 73 40.72 -13.88 -15.97
N ASP F 74 40.15 -14.78 -15.17
CA ASP F 74 40.91 -15.51 -14.17
C ASP F 74 41.88 -16.56 -14.73
N ASP F 75 41.49 -17.22 -15.82
CA ASP F 75 42.35 -18.24 -16.43
C ASP F 75 43.65 -17.59 -16.87
N MET F 76 44.75 -17.98 -16.25
CA MET F 76 46.06 -17.42 -16.56
C MET F 76 46.81 -18.13 -17.69
N THR F 77 46.25 -19.24 -18.17
CA THR F 77 46.88 -19.97 -19.26
C THR F 77 46.62 -19.23 -20.57
N ILE F 78 45.53 -18.46 -20.60
CA ILE F 78 45.19 -17.69 -21.80
C ILE F 78 46.15 -16.51 -21.87
N SER F 79 46.83 -16.36 -23.01
CA SER F 79 47.78 -15.29 -23.20
C SER F 79 47.18 -13.90 -23.05
N VAL F 80 48.02 -12.93 -22.72
CA VAL F 80 47.61 -11.54 -22.55
C VAL F 80 47.16 -10.94 -23.88
N GLU F 81 47.61 -11.54 -24.98
CA GLU F 81 47.26 -11.06 -26.31
C GLU F 81 45.99 -11.72 -26.84
N LYS F 82 45.71 -12.94 -26.38
CA LYS F 82 44.53 -13.67 -26.81
C LYS F 82 43.36 -13.35 -25.88
N LYS F 83 43.66 -13.06 -24.63
CA LYS F 83 42.65 -12.74 -23.63
C LYS F 83 41.91 -11.44 -23.94
N VAL F 84 42.68 -10.36 -24.10
CA VAL F 84 42.12 -9.05 -24.39
C VAL F 84 41.01 -9.07 -25.44
N PRO F 85 41.25 -9.74 -26.58
CA PRO F 85 40.21 -9.79 -27.61
C PRO F 85 38.94 -10.45 -27.09
N LEU F 86 39.10 -11.62 -26.46
CA LEU F 86 37.98 -12.37 -25.90
C LEU F 86 37.16 -11.55 -24.91
N LEU F 87 37.83 -10.71 -24.14
CA LEU F 87 37.15 -9.87 -23.16
C LEU F 87 36.34 -8.81 -23.89
N HIS F 88 36.98 -8.12 -24.82
CA HIS F 88 36.34 -7.06 -25.57
C HIS F 88 35.16 -7.50 -26.45
N ASN F 89 35.23 -8.72 -26.97
CA ASN F 89 34.17 -9.20 -27.85
C ASN F 89 33.16 -10.12 -27.19
N PHE F 90 33.40 -10.47 -25.93
CA PHE F 90 32.49 -11.36 -25.22
C PHE F 90 31.01 -11.09 -25.49
N HIS F 91 30.61 -9.82 -25.36
CA HIS F 91 29.22 -9.43 -25.58
C HIS F 91 28.66 -9.82 -26.95
N SER F 92 29.53 -9.91 -27.95
CA SER F 92 29.11 -10.28 -29.29
C SER F 92 28.89 -11.80 -29.38
N PHE F 93 29.71 -12.56 -28.67
CA PHE F 93 29.59 -14.02 -28.69
C PHE F 93 28.16 -14.44 -28.33
N LEU F 94 27.47 -13.57 -27.59
CA LEU F 94 26.10 -13.85 -27.19
C LEU F 94 25.18 -14.11 -28.38
N TYR F 95 25.47 -13.44 -29.49
CA TYR F 95 24.66 -13.61 -30.70
C TYR F 95 25.28 -14.56 -31.73
N GLN F 96 26.44 -15.12 -31.38
CA GLN F 96 27.15 -16.07 -32.25
C GLN F 96 26.96 -17.48 -31.69
N PRO F 97 25.81 -18.10 -32.00
CA PRO F 97 25.41 -19.44 -31.57
C PRO F 97 26.51 -20.47 -31.34
N ASP F 98 27.28 -20.77 -32.39
CA ASP F 98 28.33 -21.77 -32.31
C ASP F 98 29.58 -21.39 -31.53
N TRP F 99 29.62 -20.20 -30.95
CA TRP F 99 30.80 -19.80 -30.19
C TRP F 99 30.96 -20.58 -28.89
N ARG F 100 32.16 -21.11 -28.68
CA ARG F 100 32.49 -21.88 -27.49
C ARG F 100 33.96 -21.64 -27.16
N PHE F 101 34.46 -22.33 -26.12
CA PHE F 101 35.85 -22.18 -25.71
C PHE F 101 36.28 -23.45 -24.96
N MET F 102 37.11 -24.26 -25.59
CA MET F 102 37.57 -25.53 -25.01
C MET F 102 39.01 -25.50 -24.50
N GLU F 103 39.67 -24.35 -24.58
CA GLU F 103 41.06 -24.25 -24.14
C GLU F 103 41.24 -23.59 -22.77
N SER F 104 40.39 -23.97 -21.82
CA SER F 104 40.48 -23.40 -20.47
C SER F 104 40.69 -24.49 -19.43
N LYS F 105 41.42 -24.15 -18.38
CA LYS F 105 41.72 -25.11 -17.31
C LYS F 105 40.94 -24.79 -16.03
N GLU F 106 40.04 -23.81 -16.11
CA GLU F 106 39.25 -23.42 -14.96
C GLU F 106 38.28 -24.51 -14.49
N LYS F 107 37.91 -24.47 -13.22
CA LYS F 107 37.01 -25.47 -12.66
C LYS F 107 35.59 -25.29 -13.19
N ASP F 108 35.25 -24.06 -13.58
CA ASP F 108 33.94 -23.77 -14.10
C ASP F 108 34.01 -23.55 -15.61
N ARG F 109 34.78 -24.39 -16.29
CA ARG F 109 34.93 -24.25 -17.74
C ARG F 109 33.75 -24.82 -18.51
N GLN F 110 32.92 -25.63 -17.85
CA GLN F 110 31.76 -26.23 -18.49
C GLN F 110 30.84 -25.17 -19.07
N VAL F 111 30.89 -23.96 -18.52
CA VAL F 111 30.05 -22.86 -19.00
C VAL F 111 30.61 -22.32 -20.32
N LEU F 112 31.94 -22.30 -20.43
CA LEU F 112 32.58 -21.83 -21.65
C LEU F 112 32.46 -22.92 -22.71
N GLU F 113 32.87 -24.13 -22.35
CA GLU F 113 32.82 -25.27 -23.26
C GLU F 113 31.42 -25.50 -23.82
N ASP F 114 30.40 -25.24 -23.00
CA ASP F 114 29.01 -25.41 -23.43
C ASP F 114 28.27 -24.08 -23.48
N PHE F 115 29.00 -23.02 -23.84
CA PHE F 115 28.41 -21.69 -23.91
C PHE F 115 27.20 -21.59 -24.84
N PRO F 116 27.17 -22.40 -25.92
CA PRO F 116 26.03 -22.34 -26.84
C PRO F 116 24.69 -22.54 -26.14
N THR F 117 24.65 -23.46 -25.18
CA THR F 117 23.43 -23.75 -24.44
C THR F 117 22.97 -22.49 -23.71
N ILE F 118 23.94 -21.71 -23.23
CA ILE F 118 23.65 -20.48 -22.51
C ILE F 118 23.28 -19.34 -23.45
N SER F 119 24.03 -19.20 -24.54
CA SER F 119 23.77 -18.13 -25.50
C SER F 119 22.38 -18.32 -26.09
N LEU F 120 21.98 -19.56 -26.29
CA LEU F 120 20.67 -19.87 -26.85
C LEU F 120 19.54 -19.33 -25.97
N GLU F 121 19.55 -19.74 -24.69
CA GLU F 121 18.53 -19.27 -23.76
C GLU F 121 18.58 -17.75 -23.63
N PHE F 122 19.79 -17.18 -23.76
CA PHE F 122 19.94 -15.75 -23.68
C PHE F 122 19.13 -15.13 -24.81
N ARG F 123 19.27 -15.72 -26.00
CA ARG F 123 18.56 -15.24 -27.17
C ARG F 123 17.06 -15.49 -27.07
N ASN F 124 16.65 -16.28 -26.09
CA ASN F 124 15.24 -16.54 -25.89
C ASN F 124 14.61 -15.52 -24.95
N LEU F 125 15.45 -14.76 -24.27
CA LEU F 125 14.98 -13.72 -23.34
C LEU F 125 14.32 -12.62 -24.14
N ALA F 126 13.52 -11.79 -23.48
CA ALA F 126 12.86 -10.69 -24.16
C ALA F 126 13.94 -9.69 -24.57
N GLU F 127 13.66 -8.92 -25.60
CA GLU F 127 14.60 -7.92 -26.10
C GLU F 127 15.10 -6.97 -25.02
N LYS F 128 14.16 -6.47 -24.21
CA LYS F 128 14.51 -5.54 -23.14
C LYS F 128 15.58 -6.06 -22.18
N TYR F 129 15.52 -7.36 -21.87
CA TYR F 129 16.49 -7.97 -20.95
C TYR F 129 17.83 -8.19 -21.64
N GLN F 130 17.78 -8.63 -22.90
CA GLN F 130 18.98 -8.88 -23.69
C GLN F 130 19.85 -7.63 -23.80
N THR F 131 19.21 -6.52 -24.15
CA THR F 131 19.89 -5.23 -24.29
C THR F 131 20.77 -4.96 -23.08
N VAL F 132 20.12 -4.95 -21.91
CA VAL F 132 20.79 -4.68 -20.64
C VAL F 132 22.01 -5.57 -20.42
N ILE F 133 21.80 -6.87 -20.49
CA ILE F 133 22.86 -7.82 -20.27
C ILE F 133 24.06 -7.61 -21.19
N ALA F 134 23.79 -7.46 -22.48
CA ALA F 134 24.85 -7.26 -23.46
C ALA F 134 25.66 -6.00 -23.16
N ASP F 135 24.96 -4.88 -22.92
CA ASP F 135 25.62 -3.63 -22.60
C ASP F 135 26.60 -3.74 -21.42
N ILE F 136 26.17 -4.43 -20.36
CA ILE F 136 27.02 -4.60 -19.19
C ILE F 136 28.23 -5.48 -19.51
N CYS F 137 28.01 -6.58 -20.22
CA CYS F 137 29.11 -7.47 -20.59
C CYS F 137 30.17 -6.68 -21.36
N ARG F 138 29.72 -5.89 -22.32
CA ARG F 138 30.62 -5.07 -23.13
C ARG F 138 31.45 -4.13 -22.27
N ARG F 139 30.78 -3.32 -21.46
CA ARG F 139 31.45 -2.36 -20.59
C ARG F 139 32.34 -3.07 -19.57
N MET F 140 31.90 -4.22 -19.09
CA MET F 140 32.69 -4.97 -18.12
C MET F 140 33.94 -5.46 -18.84
N GLY F 141 33.73 -6.04 -20.01
CA GLY F 141 34.83 -6.55 -20.80
C GLY F 141 35.93 -5.50 -20.92
N ILE F 142 35.57 -4.34 -21.46
CA ILE F 142 36.53 -3.26 -21.61
C ILE F 142 37.30 -3.04 -20.30
N GLY F 143 36.55 -2.88 -19.21
CA GLY F 143 37.16 -2.65 -17.92
C GLY F 143 38.13 -3.72 -17.47
N MET F 144 37.71 -4.98 -17.55
CA MET F 144 38.56 -6.10 -17.14
C MET F 144 39.89 -6.08 -17.87
N ALA F 145 39.83 -5.85 -19.19
CA ALA F 145 41.03 -5.80 -20.01
C ALA F 145 42.00 -4.77 -19.44
N GLU F 146 41.48 -3.61 -19.08
CA GLU F 146 42.27 -2.52 -18.52
C GLU F 146 43.17 -2.95 -17.34
N PHE F 147 42.62 -3.71 -16.41
CA PHE F 147 43.41 -4.15 -15.26
C PHE F 147 44.17 -5.45 -15.46
N LEU F 148 44.38 -5.84 -16.73
CA LEU F 148 45.12 -7.05 -17.03
C LEU F 148 46.62 -6.83 -16.90
N ASP F 149 47.07 -5.62 -17.18
CA ASP F 149 48.50 -5.29 -17.10
C ASP F 149 48.83 -4.45 -15.88
N LYS F 150 47.89 -3.62 -15.44
CA LYS F 150 48.11 -2.76 -14.28
C LYS F 150 47.69 -3.45 -12.99
N HIS F 151 47.76 -2.70 -11.90
CA HIS F 151 47.38 -3.19 -10.58
C HIS F 151 46.41 -2.22 -9.91
N VAL F 152 45.85 -2.65 -8.77
CA VAL F 152 44.94 -1.83 -8.00
C VAL F 152 45.81 -0.97 -7.11
N THR F 153 46.04 0.27 -7.52
CA THR F 153 46.89 1.16 -6.75
C THR F 153 46.16 2.00 -5.70
N SER F 154 45.38 2.98 -6.16
CA SER F 154 44.64 3.86 -5.26
C SER F 154 43.26 3.36 -4.91
N GLU F 155 42.68 3.94 -3.86
CA GLU F 155 41.33 3.59 -3.42
C GLU F 155 40.38 3.98 -4.52
N GLN F 156 40.65 5.10 -5.17
CA GLN F 156 39.81 5.55 -6.28
C GLN F 156 39.93 4.50 -7.37
N GLU F 157 41.13 3.94 -7.50
CA GLU F 157 41.40 2.92 -8.50
C GLU F 157 40.69 1.63 -8.09
N TRP F 158 40.67 1.37 -6.78
CA TRP F 158 40.02 0.17 -6.26
C TRP F 158 38.52 0.24 -6.53
N ASP F 159 37.96 1.44 -6.53
CA ASP F 159 36.54 1.61 -6.82
C ASP F 159 36.33 1.34 -8.30
N LYS F 160 37.27 1.82 -9.11
CA LYS F 160 37.20 1.65 -10.55
C LYS F 160 37.08 0.18 -10.90
N TYR F 161 38.01 -0.64 -10.40
CA TYR F 161 37.99 -2.07 -10.67
C TYR F 161 36.65 -2.65 -10.21
N CYS F 162 36.34 -2.47 -8.93
CA CYS F 162 35.10 -2.97 -8.37
C CYS F 162 33.89 -2.55 -9.19
N HIS F 163 33.92 -1.33 -9.73
CA HIS F 163 32.82 -0.84 -10.55
C HIS F 163 32.67 -1.75 -11.77
N TYR F 164 33.80 -2.17 -12.32
CA TYR F 164 33.81 -3.03 -13.50
C TYR F 164 33.34 -4.45 -13.26
N VAL F 165 33.89 -5.09 -12.23
CA VAL F 165 33.53 -6.47 -11.91
C VAL F 165 32.28 -6.67 -11.05
N ALA F 166 31.79 -5.61 -10.41
CA ALA F 166 30.60 -5.72 -9.56
C ALA F 166 29.66 -4.52 -9.69
N GLY F 167 30.22 -3.33 -9.61
CA GLY F 167 29.42 -2.11 -9.72
C GLY F 167 28.45 -2.10 -10.88
N LEU F 168 28.94 -2.42 -12.07
CA LEU F 168 28.09 -2.43 -13.25
C LEU F 168 27.03 -3.53 -13.16
N VAL F 169 27.34 -4.61 -12.47
CA VAL F 169 26.39 -5.72 -12.33
C VAL F 169 25.19 -5.26 -11.52
N GLY F 170 25.45 -4.46 -10.49
CA GLY F 170 24.38 -3.94 -9.65
C GLY F 170 23.47 -3.07 -10.50
N ILE F 171 24.06 -2.34 -11.44
CA ILE F 171 23.29 -1.47 -12.32
C ILE F 171 22.46 -2.33 -13.28
N GLY F 172 23.08 -3.36 -13.83
CA GLY F 172 22.37 -4.22 -14.76
C GLY F 172 21.16 -4.85 -14.10
N LEU F 173 21.36 -5.34 -12.88
CA LEU F 173 20.28 -5.96 -12.13
C LEU F 173 19.15 -4.97 -11.92
N SER F 174 19.49 -3.76 -11.48
CA SER F 174 18.49 -2.73 -11.26
C SER F 174 17.69 -2.49 -12.54
N ARG F 175 18.40 -2.38 -13.67
CA ARG F 175 17.74 -2.16 -14.95
C ARG F 175 16.82 -3.32 -15.32
N LEU F 176 17.23 -4.54 -14.99
CA LEU F 176 16.40 -5.69 -15.29
C LEU F 176 15.11 -5.64 -14.45
N PHE F 177 15.25 -5.20 -13.20
CA PHE F 177 14.09 -5.12 -12.31
C PHE F 177 13.04 -4.18 -12.87
N SER F 178 13.47 -3.00 -13.32
CA SER F 178 12.55 -2.02 -13.88
C SER F 178 12.01 -2.47 -15.23
N ALA F 179 12.88 -3.04 -16.06
CA ALA F 179 12.45 -3.54 -17.37
C ALA F 179 11.35 -4.57 -17.17
N SER F 180 11.51 -5.43 -16.16
CA SER F 180 10.52 -6.46 -15.87
C SER F 180 9.27 -5.79 -15.36
N GLU F 181 9.43 -4.55 -14.91
CA GLU F 181 8.34 -3.75 -14.38
C GLU F 181 7.79 -4.31 -13.08
N PHE F 182 8.52 -5.22 -12.45
CA PHE F 182 8.10 -5.77 -11.17
C PHE F 182 8.48 -4.72 -10.15
N GLU F 183 9.45 -3.90 -10.55
CA GLU F 183 9.94 -2.79 -9.73
C GLU F 183 9.70 -1.52 -10.52
N ASP F 184 9.50 -0.43 -9.78
CA ASP F 184 9.27 0.91 -10.32
C ASP F 184 10.45 1.37 -11.18
N PRO F 185 10.19 2.18 -12.22
CA PRO F 185 11.25 2.70 -13.10
C PRO F 185 12.35 3.40 -12.31
N LEU F 186 11.99 3.88 -11.13
CA LEU F 186 12.90 4.61 -10.26
C LEU F 186 14.10 3.76 -9.81
N VAL F 187 13.90 2.46 -9.76
CA VAL F 187 14.96 1.54 -9.35
C VAL F 187 16.12 1.53 -10.35
N GLY F 188 15.79 1.30 -11.63
CA GLY F 188 16.82 1.26 -12.66
C GLY F 188 17.55 2.58 -12.83
N GLU F 189 16.86 3.68 -12.56
CA GLU F 189 17.43 5.02 -12.69
C GLU F 189 18.57 5.30 -11.71
N ASP F 190 18.40 4.87 -10.47
CA ASP F 190 19.40 5.12 -9.45
C ASP F 190 20.66 4.29 -9.66
N THR F 191 21.41 4.65 -10.70
CA THR F 191 22.64 3.94 -11.03
C THR F 191 23.72 4.16 -9.99
N GLU F 192 23.72 5.34 -9.37
CA GLU F 192 24.73 5.63 -8.39
C GLU F 192 24.69 4.71 -7.18
N ARG F 193 23.50 4.40 -6.68
CA ARG F 193 23.40 3.52 -5.52
C ARG F 193 23.40 2.06 -5.94
N ALA F 194 22.93 1.80 -7.15
CA ALA F 194 22.93 0.42 -7.64
C ALA F 194 24.40 0.02 -7.75
N ASN F 195 25.23 0.96 -8.20
CA ASN F 195 26.66 0.76 -8.33
C ASN F 195 27.28 0.49 -6.96
N SER F 196 26.77 1.19 -5.95
CA SER F 196 27.26 1.02 -4.58
C SER F 196 26.97 -0.38 -4.09
N MET F 197 25.81 -0.92 -4.48
CA MET F 197 25.41 -2.26 -4.08
C MET F 197 26.52 -3.22 -4.51
N GLY F 198 27.00 -3.02 -5.74
CA GLY F 198 28.05 -3.85 -6.29
C GLY F 198 29.39 -3.62 -5.61
N LEU F 199 29.77 -2.36 -5.46
CA LEU F 199 31.03 -2.03 -4.82
C LEU F 199 31.15 -2.64 -3.43
N PHE F 200 30.07 -2.61 -2.66
CA PHE F 200 30.10 -3.14 -1.31
C PHE F 200 30.35 -4.66 -1.25
N LEU F 201 29.66 -5.41 -2.11
CA LEU F 201 29.86 -6.86 -2.12
C LEU F 201 31.28 -7.23 -2.51
N GLN F 202 31.74 -6.67 -3.62
CA GLN F 202 33.08 -6.94 -4.16
C GLN F 202 34.20 -6.57 -3.17
N LYS F 203 34.17 -5.36 -2.63
CA LYS F 203 35.22 -4.98 -1.67
C LYS F 203 35.22 -5.97 -0.51
N THR F 204 34.03 -6.47 -0.18
CA THR F 204 33.89 -7.43 0.92
C THR F 204 34.53 -8.77 0.55
N ASN F 205 34.23 -9.29 -0.64
CA ASN F 205 34.80 -10.56 -1.05
C ASN F 205 36.31 -10.47 -1.11
N ILE F 206 36.81 -9.36 -1.66
CA ILE F 206 38.23 -9.11 -1.78
C ILE F 206 38.91 -9.12 -0.42
N ILE F 207 38.32 -8.38 0.52
CA ILE F 207 38.87 -8.29 1.87
C ILE F 207 38.90 -9.65 2.53
N ARG F 208 37.81 -10.41 2.40
CA ARG F 208 37.72 -11.73 3.01
C ARG F 208 38.57 -12.78 2.31
N ASP F 209 38.79 -12.62 1.00
CA ASP F 209 39.57 -13.57 0.23
C ASP F 209 40.99 -13.08 -0.02
N TYR F 210 41.68 -12.64 1.02
CA TYR F 210 43.05 -12.16 0.88
C TYR F 210 44.02 -13.31 0.66
N LEU F 211 44.13 -14.17 1.67
CA LEU F 211 45.04 -15.31 1.64
C LEU F 211 44.84 -16.19 0.42
N GLU F 212 43.59 -16.58 0.16
CA GLU F 212 43.30 -17.43 -0.99
C GLU F 212 43.80 -16.78 -2.27
N ASP F 213 43.71 -15.45 -2.33
CA ASP F 213 44.16 -14.71 -3.50
C ASP F 213 45.66 -14.48 -3.45
N GLN F 214 46.25 -14.65 -2.27
CA GLN F 214 47.69 -14.48 -2.11
C GLN F 214 48.29 -15.80 -2.59
N GLN F 215 47.73 -16.89 -2.08
CA GLN F 215 48.15 -18.24 -2.43
C GLN F 215 47.61 -18.58 -3.81
N GLY F 216 47.19 -17.56 -4.55
CA GLY F 216 46.64 -17.77 -5.88
C GLY F 216 47.36 -17.01 -6.97
N GLY F 217 48.08 -15.97 -6.61
CA GLY F 217 48.80 -15.19 -7.61
C GLY F 217 48.35 -13.76 -7.80
N ARG F 218 47.06 -13.50 -7.56
CA ARG F 218 46.53 -12.15 -7.73
C ARG F 218 46.35 -11.39 -6.43
N GLU F 219 46.51 -10.08 -6.50
CA GLU F 219 46.33 -9.21 -5.34
C GLU F 219 45.37 -8.11 -5.75
N PHE F 220 44.34 -7.92 -4.93
CA PHE F 220 43.30 -6.92 -5.21
C PHE F 220 43.29 -5.76 -4.22
N TRP F 221 43.99 -5.91 -3.10
CA TRP F 221 44.06 -4.85 -2.10
C TRP F 221 44.87 -3.69 -2.67
N PRO F 222 44.32 -2.46 -2.61
CA PRO F 222 45.02 -1.29 -3.14
C PRO F 222 46.41 -1.06 -2.55
N GLN F 223 47.41 -1.05 -3.43
CA GLN F 223 48.80 -0.84 -3.00
C GLN F 223 48.95 0.43 -2.17
N GLU F 224 48.31 1.51 -2.61
CA GLU F 224 48.40 2.76 -1.89
C GLU F 224 48.06 2.62 -0.41
N VAL F 225 47.18 1.66 -0.09
CA VAL F 225 46.79 1.45 1.30
C VAL F 225 47.76 0.55 2.06
N TRP F 226 48.08 -0.61 1.50
CA TRP F 226 49.00 -1.52 2.16
C TRP F 226 50.46 -1.07 2.11
N SER F 227 50.82 -0.35 1.05
CA SER F 227 52.19 0.12 0.89
C SER F 227 52.59 1.04 2.04
N ARG F 228 51.60 1.51 2.80
CA ARG F 228 51.85 2.38 3.94
C ARG F 228 51.95 1.51 5.19
N TYR F 229 51.89 0.21 4.99
CA TYR F 229 51.96 -0.75 6.09
C TYR F 229 53.15 -1.70 5.94
N VAL F 230 53.30 -2.29 4.76
CA VAL F 230 54.40 -3.20 4.48
C VAL F 230 54.88 -2.98 3.04
N LYS F 231 55.99 -3.62 2.66
CA LYS F 231 56.51 -3.46 1.30
C LYS F 231 55.90 -4.39 0.27
N LYS F 232 55.37 -5.53 0.72
CA LYS F 232 54.76 -6.49 -0.18
C LYS F 232 53.46 -7.06 0.39
N LEU F 233 52.42 -7.12 -0.44
CA LEU F 233 51.13 -7.65 0.00
C LEU F 233 51.30 -9.04 0.58
N GLY F 234 52.24 -9.80 0.04
CA GLY F 234 52.48 -11.14 0.53
C GLY F 234 53.00 -11.10 1.95
N ASP F 235 53.50 -9.93 2.38
CA ASP F 235 54.04 -9.77 3.73
C ASP F 235 52.96 -9.92 4.81
N PHE F 236 51.70 -9.69 4.46
CA PHE F 236 50.63 -9.82 5.44
C PHE F 236 50.51 -11.29 5.85
N ALA F 237 50.83 -12.18 4.92
CA ALA F 237 50.76 -13.62 5.19
C ALA F 237 51.91 -14.01 6.14
N LEU F 238 52.79 -13.06 6.40
CA LEU F 238 53.93 -13.26 7.29
C LEU F 238 53.54 -12.97 8.74
N PRO F 239 53.40 -14.05 9.55
CA PRO F 239 53.03 -13.95 10.98
C PRO F 239 53.78 -12.87 11.76
N GLU F 240 54.96 -12.47 11.27
CA GLU F 240 55.73 -11.42 11.93
C GLU F 240 55.18 -10.03 11.63
N ASN F 241 54.03 -9.99 10.95
CA ASN F 241 53.38 -8.74 10.59
C ASN F 241 51.88 -8.78 10.91
N ILE F 242 51.45 -9.80 11.64
CA ILE F 242 50.04 -9.93 11.97
C ILE F 242 49.41 -8.62 12.41
N ASP F 243 50.14 -7.84 13.20
CA ASP F 243 49.64 -6.55 13.66
C ASP F 243 49.34 -5.65 12.47
N LEU F 244 50.38 -5.28 11.72
CA LEU F 244 50.23 -4.43 10.55
C LEU F 244 49.11 -4.99 9.67
N ALA F 245 49.05 -6.31 9.58
CA ALA F 245 48.04 -6.98 8.78
C ALA F 245 46.65 -6.54 9.24
N VAL F 246 46.29 -6.92 10.46
CA VAL F 246 44.99 -6.58 11.03
C VAL F 246 44.65 -5.09 10.90
N GLN F 247 45.64 -4.22 11.03
CA GLN F 247 45.40 -2.79 10.92
C GLN F 247 45.03 -2.36 9.51
N CYS F 248 45.70 -2.93 8.51
CA CYS F 248 45.39 -2.60 7.13
C CYS F 248 43.99 -3.12 6.85
N LEU F 249 43.67 -4.26 7.48
CA LEU F 249 42.37 -4.89 7.34
C LEU F 249 41.26 -3.94 7.78
N ASN F 250 41.35 -3.48 9.03
CA ASN F 250 40.35 -2.57 9.58
C ASN F 250 40.19 -1.37 8.67
N GLU F 251 41.31 -0.85 8.19
CA GLU F 251 41.30 0.32 7.32
C GLU F 251 40.49 0.15 6.04
N LEU F 252 40.59 -1.02 5.42
CA LEU F 252 39.86 -1.29 4.19
C LEU F 252 38.37 -1.50 4.50
N ILE F 253 38.12 -2.27 5.55
CA ILE F 253 36.75 -2.54 5.98
C ILE F 253 36.05 -1.21 6.19
N THR F 254 36.70 -0.31 6.91
CA THR F 254 36.15 1.02 7.18
C THR F 254 35.73 1.66 5.87
N ASN F 255 36.54 1.44 4.83
CA ASN F 255 36.29 1.98 3.50
C ASN F 255 34.99 1.42 2.91
N ALA F 256 34.82 0.10 3.05
CA ALA F 256 33.63 -0.56 2.53
C ALA F 256 32.35 -0.14 3.28
N LEU F 257 32.48 0.13 4.58
CA LEU F 257 31.34 0.54 5.37
C LEU F 257 30.69 1.83 4.84
N HIS F 258 31.47 2.64 4.13
CA HIS F 258 30.94 3.89 3.58
C HIS F 258 29.83 3.66 2.54
N HIS F 259 29.66 2.42 2.11
CA HIS F 259 28.64 2.12 1.11
C HIS F 259 27.29 1.77 1.73
N ILE F 260 27.31 1.41 3.02
CA ILE F 260 26.09 1.01 3.69
C ILE F 260 24.94 2.00 3.57
N PRO F 261 25.19 3.31 3.71
CA PRO F 261 24.06 4.23 3.57
C PRO F 261 23.35 4.07 2.23
N ASP F 262 24.11 3.93 1.15
CA ASP F 262 23.52 3.75 -0.18
C ASP F 262 22.78 2.42 -0.28
N VAL F 263 23.32 1.39 0.37
CA VAL F 263 22.69 0.07 0.38
C VAL F 263 21.31 0.17 1.04
N ILE F 264 21.25 0.85 2.19
CA ILE F 264 20.01 1.02 2.91
C ILE F 264 19.00 1.81 2.06
N THR F 265 19.46 2.92 1.50
CA THR F 265 18.60 3.76 0.66
C THR F 265 18.10 2.99 -0.55
N TYR F 266 19.01 2.27 -1.20
CA TYR F 266 18.63 1.48 -2.37
C TYR F 266 17.59 0.42 -2.01
N LEU F 267 17.83 -0.33 -0.94
CA LEU F 267 16.90 -1.37 -0.51
C LEU F 267 15.54 -0.80 -0.09
N SER F 268 15.54 0.37 0.53
CA SER F 268 14.30 1.00 0.99
C SER F 268 13.32 1.27 -0.13
N ARG F 269 13.86 1.51 -1.33
CA ARG F 269 13.04 1.80 -2.50
C ARG F 269 12.27 0.62 -3.09
N LEU F 270 12.79 -0.59 -2.94
CA LEU F 270 12.14 -1.77 -3.51
C LEU F 270 10.72 -2.05 -3.01
N ARG F 271 9.89 -2.60 -3.89
CA ARG F 271 8.50 -2.90 -3.54
C ARG F 271 8.12 -4.35 -3.79
N ASN F 272 8.92 -5.06 -4.59
CA ASN F 272 8.65 -6.47 -4.87
C ASN F 272 9.42 -7.38 -3.90
N GLN F 273 8.68 -8.26 -3.25
CA GLN F 273 9.25 -9.17 -2.27
C GLN F 273 10.40 -10.03 -2.80
N SER F 274 10.22 -10.66 -3.96
CA SER F 274 11.27 -11.51 -4.50
C SER F 274 12.51 -10.70 -4.84
N VAL F 275 12.33 -9.48 -5.33
CA VAL F 275 13.48 -8.62 -5.65
C VAL F 275 14.18 -8.16 -4.37
N PHE F 276 13.40 -7.83 -3.34
CA PHE F 276 13.96 -7.40 -2.06
C PHE F 276 14.81 -8.52 -1.44
N ASN F 277 14.26 -9.73 -1.40
CA ASN F 277 14.98 -10.87 -0.85
C ASN F 277 16.29 -11.05 -1.59
N PHE F 278 16.22 -10.99 -2.90
CA PHE F 278 17.40 -11.15 -3.74
C PHE F 278 18.47 -10.12 -3.46
N CYS F 279 18.06 -8.86 -3.37
CA CYS F 279 19.01 -7.77 -3.11
C CYS F 279 19.49 -7.69 -1.67
N ALA F 280 18.58 -7.87 -0.72
CA ALA F 280 18.90 -7.74 0.70
C ALA F 280 19.70 -8.86 1.36
N ILE F 281 19.41 -10.12 1.04
CA ILE F 281 20.14 -11.19 1.68
C ILE F 281 21.63 -11.17 1.38
N PRO F 282 22.01 -10.97 0.10
CA PRO F 282 23.44 -10.92 -0.20
C PRO F 282 24.15 -9.78 0.52
N GLN F 283 23.50 -8.62 0.54
CA GLN F 283 24.08 -7.44 1.19
C GLN F 283 24.26 -7.68 2.70
N VAL F 284 23.24 -8.27 3.32
CA VAL F 284 23.30 -8.54 4.76
C VAL F 284 24.38 -9.55 5.11
N MET F 285 24.53 -10.57 4.27
CA MET F 285 25.56 -11.58 4.51
C MET F 285 26.93 -10.92 4.41
N ALA F 286 27.08 -10.01 3.46
CA ALA F 286 28.33 -9.28 3.27
C ALA F 286 28.64 -8.46 4.53
N ILE F 287 27.61 -7.85 5.10
CA ILE F 287 27.79 -7.05 6.31
C ILE F 287 28.19 -7.99 7.44
N ALA F 288 27.54 -9.14 7.51
CA ALA F 288 27.86 -10.12 8.55
C ALA F 288 29.34 -10.50 8.37
N THR F 289 29.74 -10.63 7.10
CA THR F 289 31.12 -10.98 6.77
C THR F 289 32.11 -9.96 7.31
N LEU F 290 31.88 -8.69 7.00
CA LEU F 290 32.77 -7.64 7.48
C LEU F 290 32.86 -7.61 9.00
N ALA F 291 31.73 -7.83 9.66
CA ALA F 291 31.69 -7.82 11.12
C ALA F 291 32.53 -8.96 11.69
N ALA F 292 32.60 -10.06 10.95
CA ALA F 292 33.37 -11.21 11.38
C ALA F 292 34.87 -10.96 11.15
N CYS F 293 35.19 -10.27 10.07
CA CYS F 293 36.58 -9.99 9.72
C CYS F 293 37.20 -8.82 10.46
N TYR F 294 36.38 -7.85 10.85
CA TYR F 294 36.91 -6.69 11.54
C TYR F 294 37.87 -7.06 12.66
N ASN F 295 39.07 -6.49 12.61
CA ASN F 295 40.10 -6.71 13.61
C ASN F 295 40.32 -8.19 13.95
N ASN F 296 40.16 -9.05 12.96
CA ASN F 296 40.32 -10.49 13.14
C ASN F 296 41.57 -11.00 12.43
N GLN F 297 42.41 -11.73 13.17
CA GLN F 297 43.65 -12.28 12.61
C GLN F 297 43.36 -13.41 11.63
N GLN F 298 42.34 -14.21 11.93
CA GLN F 298 41.96 -15.34 11.08
C GLN F 298 41.86 -15.01 9.60
N VAL F 299 41.70 -13.73 9.27
CA VAL F 299 41.59 -13.32 7.87
C VAL F 299 42.89 -13.59 7.12
N PHE F 300 43.97 -13.78 7.88
CA PHE F 300 45.29 -14.02 7.31
C PHE F 300 45.79 -15.45 7.48
N LYS F 301 45.27 -16.15 8.48
CA LYS F 301 45.64 -17.54 8.72
C LYS F 301 44.72 -18.42 7.87
N GLY F 302 43.41 -18.18 7.97
CA GLY F 302 42.43 -18.95 7.22
C GLY F 302 41.24 -18.13 6.76
N ALA F 303 40.04 -18.71 6.83
CA ALA F 303 38.81 -18.04 6.40
C ALA F 303 37.84 -17.84 7.58
N VAL F 304 36.94 -16.86 7.50
CA VAL F 304 36.07 -16.64 8.65
C VAL F 304 34.62 -17.15 8.64
N LEU F 305 34.09 -17.30 9.85
CA LEU F 305 32.73 -17.79 10.07
C LEU F 305 31.75 -16.65 10.35
N ILE F 306 30.56 -16.78 9.78
CA ILE F 306 29.50 -15.79 9.97
C ILE F 306 29.02 -16.05 11.40
N ARG F 307 29.77 -15.55 12.38
CA ARG F 307 29.41 -15.76 13.78
C ARG F 307 28.00 -15.25 14.04
N LEU F 308 27.30 -15.94 14.94
CA LEU F 308 25.92 -15.60 15.30
C LEU F 308 25.79 -14.13 15.61
N GLY F 309 24.56 -13.64 15.54
CA GLY F 309 24.30 -12.24 15.84
C GLY F 309 23.79 -12.07 17.26
N GLN F 310 23.36 -10.86 17.61
CA GLN F 310 22.86 -10.62 18.96
C GLN F 310 21.62 -11.45 19.23
N ALA F 311 20.98 -11.22 20.37
CA ALA F 311 19.77 -11.97 20.74
C ALA F 311 18.59 -11.55 19.87
N VAL F 312 18.47 -10.24 19.66
CA VAL F 312 17.39 -9.68 18.85
C VAL F 312 17.41 -10.25 17.43
N THR F 313 18.57 -10.16 16.78
CA THR F 313 18.72 -10.66 15.41
C THR F 313 18.32 -12.12 15.29
N LEU F 314 18.45 -12.87 16.38
CA LEU F 314 18.09 -14.28 16.39
C LEU F 314 16.57 -14.41 16.27
N MET F 315 15.92 -13.25 16.23
CA MET F 315 14.46 -13.19 16.11
C MET F 315 14.00 -12.84 14.70
N MET F 316 14.75 -11.95 14.04
CA MET F 316 14.39 -11.51 12.70
C MET F 316 15.30 -11.99 11.55
N ASP F 317 14.78 -11.89 10.33
CA ASP F 317 15.53 -12.28 9.14
C ASP F 317 15.37 -11.22 8.04
N ALA F 318 16.36 -11.15 7.17
CA ALA F 318 16.41 -10.15 6.10
C ALA F 318 15.31 -10.07 5.05
N THR F 319 14.05 -10.17 5.44
CA THR F 319 12.98 -10.12 4.44
C THR F 319 12.08 -8.88 4.44
N ASN F 320 12.33 -7.93 5.33
CA ASN F 320 11.56 -6.69 5.34
C ASN F 320 12.53 -5.60 5.76
N MET F 321 12.39 -4.42 5.16
CA MET F 321 13.29 -3.30 5.42
C MET F 321 13.58 -2.96 6.89
N PRO F 322 12.53 -2.81 7.71
CA PRO F 322 12.83 -2.49 9.11
C PRO F 322 13.72 -3.55 9.76
N ALA F 323 13.45 -4.81 9.44
CA ALA F 323 14.25 -5.92 10.00
C ALA F 323 15.68 -5.90 9.45
N VAL F 324 15.83 -5.49 8.20
CA VAL F 324 17.16 -5.42 7.61
C VAL F 324 17.96 -4.31 8.28
N LYS F 325 17.28 -3.21 8.61
CA LYS F 325 17.95 -2.10 9.29
C LYS F 325 18.47 -2.57 10.64
N ALA F 326 17.58 -3.18 11.43
CA ALA F 326 17.94 -3.68 12.75
C ALA F 326 19.15 -4.60 12.66
N ILE F 327 19.11 -5.54 11.73
CA ILE F 327 20.22 -6.47 11.56
C ILE F 327 21.52 -5.71 11.24
N ILE F 328 21.42 -4.71 10.37
CA ILE F 328 22.60 -3.93 10.02
C ILE F 328 23.13 -3.20 11.26
N TYR F 329 22.23 -2.57 12.00
CA TYR F 329 22.64 -1.83 13.19
C TYR F 329 23.34 -2.73 14.21
N GLN F 330 22.89 -3.97 14.31
CA GLN F 330 23.49 -4.90 15.25
C GLN F 330 24.90 -5.27 14.83
N TYR F 331 25.15 -5.35 13.52
CA TYR F 331 26.49 -5.69 13.07
C TYR F 331 27.39 -4.47 13.23
N MET F 332 26.84 -3.28 13.06
CA MET F 332 27.60 -2.06 13.20
C MET F 332 28.07 -1.89 14.65
N GLU F 333 27.24 -2.33 15.59
CA GLU F 333 27.57 -2.24 17.01
C GLU F 333 28.54 -3.37 17.39
N GLU F 334 28.44 -4.50 16.71
CA GLU F 334 29.33 -5.62 16.98
C GLU F 334 30.74 -5.20 16.59
N ILE F 335 30.81 -4.32 15.59
CA ILE F 335 32.08 -3.81 15.10
C ILE F 335 32.53 -2.65 15.97
N TYR F 336 31.66 -1.65 16.11
CA TYR F 336 31.96 -0.46 16.89
C TYR F 336 32.50 -0.73 18.29
N HIS F 337 31.88 -1.67 18.99
CA HIS F 337 32.30 -2.00 20.34
C HIS F 337 33.67 -2.70 20.40
N ARG F 338 34.18 -3.13 19.25
CA ARG F 338 35.48 -3.80 19.19
C ARG F 338 36.59 -2.90 18.68
N ILE F 339 36.24 -1.67 18.29
CA ILE F 339 37.24 -0.75 17.78
C ILE F 339 38.30 -0.41 18.82
N PRO F 340 39.57 -0.71 18.52
CA PRO F 340 40.67 -0.42 19.44
C PRO F 340 41.10 1.01 19.13
N ASP F 341 41.10 1.89 20.14
CA ASP F 341 41.49 3.26 19.90
C ASP F 341 42.95 3.38 19.44
N SER F 342 43.56 2.23 19.13
CA SER F 342 44.93 2.20 18.64
C SER F 342 44.90 2.53 17.14
N ASN F 343 44.13 1.73 16.43
CA ASN F 343 43.93 1.82 14.99
C ASN F 343 43.98 3.23 14.42
N PRO F 344 44.73 3.41 13.31
CA PRO F 344 44.90 4.69 12.63
C PRO F 344 43.57 5.03 11.99
N SER F 345 42.70 4.04 12.01
CA SER F 345 41.36 4.10 11.44
C SER F 345 40.23 4.32 12.46
N SER F 346 40.43 3.88 13.70
CA SER F 346 39.42 4.01 14.75
C SER F 346 38.52 5.24 14.59
N SER F 347 39.14 6.41 14.54
CA SER F 347 38.40 7.66 14.38
C SER F 347 37.45 7.58 13.19
N LYS F 348 37.94 7.07 12.07
CA LYS F 348 37.13 6.96 10.87
C LYS F 348 36.09 5.84 10.96
N THR F 349 36.45 4.74 11.62
CA THR F 349 35.53 3.62 11.74
C THR F 349 34.28 4.06 12.52
N ARG F 350 34.50 4.79 13.61
CA ARG F 350 33.41 5.27 14.45
C ARG F 350 32.61 6.34 13.71
N GLN F 351 33.31 7.17 12.96
CA GLN F 351 32.69 8.25 12.21
C GLN F 351 31.63 7.79 11.19
N ILE F 352 31.95 6.77 10.40
CA ILE F 352 31.01 6.25 9.41
C ILE F 352 29.85 5.52 10.08
N ILE F 353 30.16 4.75 11.12
CA ILE F 353 29.13 4.02 11.84
C ILE F 353 28.15 5.02 12.44
N SER F 354 28.68 6.12 12.95
CA SER F 354 27.87 7.16 13.55
C SER F 354 26.89 7.67 12.48
N THR F 355 27.41 7.95 11.29
CA THR F 355 26.60 8.44 10.18
C THR F 355 25.53 7.41 9.80
N ILE F 356 25.90 6.14 9.85
CA ILE F 356 25.00 5.04 9.54
C ILE F 356 23.89 4.94 10.59
N ARG F 357 24.21 5.35 11.81
CA ARG F 357 23.25 5.29 12.92
C ARG F 357 22.26 6.44 12.91
N THR F 358 22.64 7.55 12.30
CA THR F 358 21.78 8.72 12.25
C THR F 358 21.24 8.94 10.83
N GLN F 359 20.78 7.86 10.21
CA GLN F 359 20.21 7.91 8.86
C GLN F 359 18.86 7.20 8.83
#